data_4FL4
#
_entry.id   4FL4
#
_cell.length_a   119.374
_cell.length_b   186.305
_cell.length_c   191.165
_cell.angle_alpha   90.00
_cell.angle_beta   90.00
_cell.angle_gamma   90.00
#
_symmetry.space_group_name_H-M   'P 21 21 21'
#
loop_
_entity.id
_entity.type
_entity.pdbx_description
1 polymer 'Glycoside hydrolase family 9'
2 polymer 'Scaffolding dockerin binding protein A'
3 polymer 'Cellulosome anchoring protein cohesin region'
4 non-polymer 'CALCIUM ION'
5 non-polymer 'SULFATE ION'
6 water water
#
loop_
_entity_poly.entity_id
_entity_poly.type
_entity_poly.pdbx_seq_one_letter_code
_entity_poly.pdbx_strand_id
1 'polypeptide(L)'
;MGHHHHHHHHHHSSGHIEGRHMGDVNDDGKVNSTDLTLLKRYVLKAVSTLPSSKAEKNADVNRDGRVNSSDVTILSRYLI
RVIEKLPI
;
A,D,G,J
2 'polypeptide(L)'
;MRGSHHHHHHTDLRADKASSIELKFDRNKGEVGDILIGTVRINNIKNFAGFQVNIVYDPKVLMAVDPETGKEFTSSTFPP
GRTVLKNNAYGPIQIADNDPEKGILNFALAYSYIAGYKETGVAEESGIIAKIGFKILQKKSTAVKFQDTLSMPGAISGTQ
LFDWDGEVITGYEVIQPDVLSLGDEPF
;
B,E,H,K
3 'polypeptide(L)'
;MPTITPNKLTLKIGRAEGRPGDTVEIPVNLYGVPQKGIASGDFVVSYDPNVLEIIEIEPGELIVDPNPTKSFDTAVYPDR
KMIVFLFAEDSGTGAYAITEDGVFATIVAKVKEGAPEGFSAIEISEFGAFADNDLVEVETDLINGGVLVTNKPVIEGYKV
SGYILPDFSFDATVAPLVKAGFKVEIVGTELYAVTDANGYFEITGVPANASGYTLKISRATYLDRVIANVVVTGDTSVST
SQAPIMMWVGDIVKDNSINLLDVAEVIRCFNATKGSANYVEELDINRNGAINMQDIMIVHKHFGATSSDYDAQLEHHHHH
H
;
C,F,I,L
#
# COMPACT_ATOMS: atom_id res chain seq x y z
N HIS A 21 33.08 13.70 -70.92
CA HIS A 21 32.31 13.85 -69.67
C HIS A 21 31.85 15.30 -69.44
N MET A 22 30.83 15.73 -70.18
CA MET A 22 30.35 17.10 -70.09
C MET A 22 30.35 17.62 -68.67
N GLY A 23 31.19 18.61 -68.41
CA GLY A 23 31.18 19.28 -67.12
C GLY A 23 32.39 19.01 -66.23
N ASP A 24 33.21 18.03 -66.59
CA ASP A 24 34.38 17.72 -65.77
C ASP A 24 35.54 18.68 -66.05
N VAL A 25 35.33 19.94 -65.67
CA VAL A 25 36.22 21.05 -65.98
C VAL A 25 37.67 20.85 -65.56
N ASN A 26 37.91 20.07 -64.52
CA ASN A 26 39.27 19.80 -64.06
C ASN A 26 39.72 18.37 -64.40
N ASP A 27 38.90 17.67 -65.18
CA ASP A 27 39.25 16.35 -65.70
C ASP A 27 39.80 15.38 -64.65
N ASP A 28 38.94 15.02 -63.69
CA ASP A 28 39.29 14.08 -62.63
C ASP A 28 38.26 12.96 -62.60
N GLY A 29 37.35 12.98 -63.56
CA GLY A 29 36.38 11.91 -63.69
C GLY A 29 35.15 12.08 -62.83
N LYS A 30 34.95 13.29 -62.32
CA LYS A 30 33.75 13.65 -61.56
C LYS A 30 33.24 15.04 -61.99
N VAL A 31 31.94 15.25 -61.86
CA VAL A 31 31.39 16.57 -62.12
C VAL A 31 30.86 17.14 -60.81
N ASN A 32 31.60 18.05 -60.18
CA ASN A 32 31.17 18.60 -58.90
C ASN A 32 31.50 20.07 -58.68
N SER A 33 31.23 20.54 -57.45
CA SER A 33 31.39 21.95 -57.16
C SER A 33 32.81 22.39 -57.46
N THR A 34 33.74 21.45 -57.54
CA THR A 34 35.11 21.84 -57.78
C THR A 34 35.24 22.32 -59.22
N ASP A 35 34.54 21.65 -60.13
CA ASP A 35 34.54 22.05 -61.52
C ASP A 35 34.03 23.49 -61.63
N LEU A 36 32.86 23.74 -61.04
CA LEU A 36 32.22 25.05 -61.17
C LEU A 36 33.12 26.17 -60.68
N THR A 37 33.83 25.95 -59.58
CA THR A 37 34.69 27.02 -59.08
C THR A 37 35.87 27.24 -60.00
N LEU A 38 36.49 26.16 -60.46
CA LEU A 38 37.58 26.30 -61.38
C LEU A 38 37.12 27.02 -62.64
N LEU A 39 35.95 26.64 -63.12
CA LEU A 39 35.40 27.27 -64.31
C LEU A 39 35.25 28.78 -64.13
N LYS A 40 34.67 29.19 -63.00
CA LYS A 40 34.53 30.61 -62.71
C LYS A 40 35.89 31.33 -62.80
N ARG A 41 36.92 30.67 -62.31
CA ARG A 41 38.27 31.20 -62.31
C ARG A 41 38.85 31.23 -63.72
N TYR A 42 38.48 30.25 -64.52
CA TYR A 42 38.98 30.18 -65.88
C TYR A 42 38.34 31.28 -66.69
N VAL A 43 37.02 31.34 -66.66
CA VAL A 43 36.29 32.37 -67.37
C VAL A 43 36.80 33.78 -67.02
N LEU A 44 37.28 33.96 -65.80
CA LEU A 44 37.78 35.28 -65.38
C LEU A 44 39.20 35.47 -65.93
N LYS A 45 39.80 34.36 -66.36
CA LYS A 45 41.20 34.30 -66.73
C LYS A 45 42.07 34.55 -65.50
N ALA A 46 41.61 34.09 -64.35
CA ALA A 46 42.41 34.17 -63.12
C ALA A 46 43.28 32.93 -62.95
N VAL A 47 42.90 31.86 -63.63
CA VAL A 47 43.82 30.76 -63.89
C VAL A 47 43.95 30.68 -65.40
N SER A 48 45.17 30.51 -65.86
CA SER A 48 45.44 30.61 -67.29
C SER A 48 44.91 29.42 -68.08
N THR A 49 44.91 28.24 -67.46
CA THR A 49 44.70 27.01 -68.21
C THR A 49 43.96 25.89 -67.49
N LEU A 50 43.04 25.26 -68.20
CA LEU A 50 42.45 24.00 -67.75
C LEU A 50 43.44 22.87 -67.94
N PRO A 51 43.39 21.86 -67.05
CA PRO A 51 44.40 20.79 -66.97
C PRO A 51 44.59 19.92 -68.22
N SER A 52 43.74 20.06 -69.25
CA SER A 52 43.90 19.21 -70.42
C SER A 52 43.07 19.63 -71.65
N SER A 53 43.25 18.90 -72.73
CA SER A 53 42.57 19.23 -73.97
C SER A 53 41.11 18.83 -73.82
N LYS A 54 40.87 17.73 -73.12
CA LYS A 54 39.53 17.25 -72.86
C LYS A 54 38.81 18.24 -71.97
N ALA A 55 39.53 18.70 -70.94
CA ALA A 55 39.01 19.67 -70.01
C ALA A 55 38.29 20.80 -70.76
N GLU A 56 39.03 21.53 -71.59
CA GLU A 56 38.44 22.64 -72.36
C GLU A 56 37.14 22.22 -73.02
N LYS A 57 37.09 20.98 -73.50
CA LYS A 57 35.91 20.47 -74.19
C LYS A 57 34.74 20.25 -73.21
N ASN A 58 35.07 19.60 -72.10
CA ASN A 58 34.14 19.38 -71.00
C ASN A 58 33.52 20.68 -70.53
N ALA A 59 34.31 21.74 -70.61
CA ALA A 59 33.90 23.03 -70.11
C ALA A 59 32.79 23.69 -70.93
N ASP A 60 32.66 23.30 -72.20
CA ASP A 60 31.66 23.92 -73.07
C ASP A 60 30.33 23.18 -73.01
N VAL A 61 29.57 23.44 -71.96
CA VAL A 61 28.43 22.59 -71.63
C VAL A 61 27.20 22.79 -72.52
N ASN A 62 27.08 23.95 -73.15
CA ASN A 62 26.01 24.13 -74.14
C ASN A 62 26.49 23.90 -75.59
N ARG A 63 27.58 23.11 -75.70
CA ARG A 63 28.20 22.79 -77.00
C ARG A 63 28.06 23.94 -78.00
N ASP A 64 28.53 25.12 -77.60
CA ASP A 64 28.37 26.33 -78.41
C ASP A 64 29.70 26.95 -78.90
N GLY A 65 30.79 26.20 -78.76
CA GLY A 65 32.08 26.66 -79.22
C GLY A 65 32.83 27.52 -78.21
N ARG A 66 32.16 28.53 -77.65
CA ARG A 66 32.80 29.37 -76.64
C ARG A 66 32.64 28.85 -75.18
N VAL A 67 33.61 29.20 -74.32
CA VAL A 67 33.58 28.83 -72.89
C VAL A 67 33.55 30.09 -72.01
N ASN A 68 32.40 30.39 -71.42
CA ASN A 68 32.19 31.67 -70.77
C ASN A 68 31.10 31.63 -69.70
N SER A 69 30.66 32.81 -69.28
CA SER A 69 29.71 32.92 -68.18
C SER A 69 28.40 32.18 -68.39
N SER A 70 28.20 31.62 -69.57
CA SER A 70 26.98 30.84 -69.82
C SER A 70 27.19 29.42 -69.35
N ASP A 71 28.36 28.87 -69.66
CA ASP A 71 28.74 27.56 -69.17
C ASP A 71 28.64 27.57 -67.66
N VAL A 72 29.26 28.58 -67.04
CA VAL A 72 29.20 28.78 -65.60
C VAL A 72 27.78 28.71 -65.05
N THR A 73 26.86 29.43 -65.68
CA THR A 73 25.47 29.39 -65.26
C THR A 73 24.85 28.01 -65.46
N ILE A 74 25.14 27.39 -66.59
CA ILE A 74 24.58 26.09 -66.89
C ILE A 74 25.07 25.05 -65.88
N LEU A 75 26.39 24.98 -65.71
CA LEU A 75 26.99 24.04 -64.76
C LEU A 75 26.42 24.28 -63.37
N SER A 76 26.35 25.54 -62.98
CA SER A 76 25.80 25.94 -61.71
C SER A 76 24.42 25.30 -61.52
N ARG A 77 23.62 25.30 -62.57
CA ARG A 77 22.22 24.88 -62.47
C ARG A 77 22.05 23.37 -62.60
N TYR A 78 23.04 22.71 -63.17
CA TYR A 78 23.04 21.26 -63.28
C TYR A 78 23.40 20.66 -61.93
N LEU A 79 24.30 21.34 -61.23
CA LEU A 79 24.77 20.86 -59.96
C LEU A 79 23.62 20.93 -58.96
N ILE A 80 22.80 21.96 -59.09
CA ILE A 80 21.61 22.14 -58.26
C ILE A 80 20.50 21.23 -58.73
N ARG A 81 20.76 20.50 -59.80
CA ARG A 81 19.81 19.50 -60.36
C ARG A 81 18.56 20.12 -60.94
N VAL A 82 18.58 21.43 -61.16
CA VAL A 82 17.48 22.11 -61.80
C VAL A 82 17.43 21.74 -63.30
N ILE A 83 18.57 21.21 -63.79
CA ILE A 83 18.71 20.74 -65.16
C ILE A 83 19.09 19.26 -65.15
N GLU A 84 18.26 18.43 -65.75
CA GLU A 84 18.45 16.98 -65.67
C GLU A 84 19.71 16.47 -66.39
N LYS A 85 19.85 16.74 -67.68
CA LYS A 85 21.01 16.27 -68.42
C LYS A 85 21.80 17.45 -69.00
N LEU A 86 23.12 17.30 -69.07
CA LEU A 86 23.98 18.43 -69.44
C LEU A 86 24.05 18.78 -70.92
N PRO A 87 24.89 18.08 -71.70
CA PRO A 87 25.30 18.56 -73.02
C PRO A 87 24.42 19.65 -73.68
N ILE A 88 23.12 19.77 -73.34
CA ILE A 88 22.18 20.62 -74.12
C ILE A 88 22.84 21.51 -75.17
N ALA B 18 -26.32 26.58 33.27
CA ALA B 18 -26.95 26.46 31.95
C ALA B 18 -26.61 27.67 31.09
N SER B 19 -27.22 27.74 29.92
CA SER B 19 -26.85 28.75 28.93
C SER B 19 -28.06 29.11 28.09
N SER B 20 -28.50 30.37 28.17
CA SER B 20 -29.77 30.73 27.56
C SER B 20 -29.93 32.21 27.23
N ILE B 21 -30.92 32.48 26.37
CA ILE B 21 -31.43 33.82 26.15
C ILE B 21 -32.90 33.79 26.51
N GLU B 22 -33.35 34.77 27.30
CA GLU B 22 -34.66 34.67 27.93
C GLU B 22 -35.45 35.96 27.83
N LEU B 23 -36.73 35.84 27.48
CA LEU B 23 -37.65 36.96 27.55
C LEU B 23 -38.71 36.72 28.62
N LYS B 24 -38.56 37.40 29.77
CA LYS B 24 -39.56 37.35 30.83
C LYS B 24 -40.41 38.61 30.86
N PHE B 25 -41.69 38.45 31.22
CA PHE B 25 -42.53 39.60 31.51
C PHE B 25 -42.66 39.84 33.00
N ASP B 26 -42.89 41.09 33.40
CA ASP B 26 -43.06 41.41 34.83
C ASP B 26 -44.46 41.09 35.38
N ARG B 27 -45.49 41.23 34.55
CA ARG B 27 -46.84 41.01 35.01
C ARG B 27 -47.59 40.03 34.10
N ASN B 28 -48.38 39.13 34.70
CA ASN B 28 -49.14 38.14 33.96
C ASN B 28 -50.37 38.73 33.26
N LYS B 29 -50.95 39.78 33.85
CA LYS B 29 -52.15 40.44 33.33
C LYS B 29 -52.19 41.93 33.67
N GLY B 30 -53.08 42.67 33.00
CA GLY B 30 -53.22 44.09 33.26
C GLY B 30 -54.44 44.70 32.58
N GLU B 31 -54.57 46.02 32.65
CA GLU B 31 -55.72 46.73 32.08
C GLU B 31 -55.34 47.60 30.88
N VAL B 32 -56.24 47.70 29.91
CA VAL B 32 -56.05 48.56 28.74
C VAL B 32 -55.36 49.90 29.07
N GLY B 33 -54.16 50.10 28.55
CA GLY B 33 -53.39 51.32 28.76
C GLY B 33 -52.23 51.09 29.71
N ASP B 34 -52.21 49.90 30.30
CA ASP B 34 -51.11 49.50 31.18
C ASP B 34 -49.88 49.10 30.36
N ILE B 35 -48.71 49.27 30.96
CA ILE B 35 -47.46 48.98 30.28
C ILE B 35 -46.72 47.82 30.93
N LEU B 36 -46.87 46.65 30.30
CA LEU B 36 -46.12 45.46 30.67
C LEU B 36 -44.65 45.60 30.27
N ILE B 37 -43.75 45.18 31.16
CA ILE B 37 -42.33 45.28 30.89
C ILE B 37 -41.68 43.92 30.61
N GLY B 38 -41.46 43.66 29.32
CA GLY B 38 -40.69 42.51 28.88
C GLY B 38 -39.21 42.79 29.03
N THR B 39 -38.50 41.85 29.64
CA THR B 39 -37.06 41.96 29.80
C THR B 39 -36.35 40.83 29.07
N VAL B 40 -35.39 41.18 28.22
CA VAL B 40 -34.60 40.17 27.50
C VAL B 40 -33.24 40.06 28.15
N ARG B 41 -32.86 38.85 28.56
CA ARG B 41 -31.55 38.69 29.17
C ARG B 41 -30.82 37.43 28.73
N ILE B 42 -29.50 37.46 28.85
CA ILE B 42 -28.67 36.32 28.47
C ILE B 42 -28.03 35.71 29.72
N ASN B 43 -27.90 34.39 29.73
CA ASN B 43 -27.31 33.72 30.88
C ASN B 43 -26.17 32.79 30.47
N ASN B 44 -24.97 33.12 30.91
CA ASN B 44 -23.77 32.33 30.63
C ASN B 44 -23.50 32.06 29.16
N ILE B 45 -23.43 33.13 28.37
CA ILE B 45 -22.95 32.99 27.01
C ILE B 45 -21.45 33.26 27.04
N LYS B 46 -20.63 32.32 26.56
CA LYS B 46 -19.16 32.44 26.63
C LYS B 46 -18.60 33.45 25.63
N ASN B 47 -17.77 34.36 26.14
CA ASN B 47 -17.17 35.42 25.32
C ASN B 47 -18.18 36.16 24.48
N PHE B 48 -19.33 36.45 25.08
CA PHE B 48 -20.39 37.20 24.43
C PHE B 48 -19.86 38.58 23.98
N ALA B 49 -20.14 38.95 22.72
CA ALA B 49 -19.73 40.26 22.23
C ALA B 49 -20.76 40.96 21.33
N GLY B 50 -21.94 40.35 21.15
CA GLY B 50 -22.90 40.95 20.25
C GLY B 50 -24.11 40.06 20.07
N PHE B 51 -25.15 40.57 19.42
CA PHE B 51 -26.35 39.77 19.20
C PHE B 51 -27.25 40.49 18.20
N GLN B 52 -28.19 39.73 17.64
CA GLN B 52 -29.31 40.27 16.88
C GLN B 52 -30.55 39.44 17.22
N VAL B 53 -31.67 40.09 17.52
CA VAL B 53 -32.87 39.36 17.89
C VAL B 53 -34.06 39.84 17.10
N ASN B 54 -35.04 38.96 16.98
CA ASN B 54 -36.25 39.24 16.25
C ASN B 54 -37.43 38.81 17.11
N ILE B 55 -38.16 39.80 17.65
CA ILE B 55 -39.30 39.52 18.51
C ILE B 55 -40.61 39.85 17.79
N VAL B 56 -41.63 39.01 17.98
CA VAL B 56 -42.92 39.32 17.38
C VAL B 56 -44.04 39.41 18.41
N TYR B 57 -45.02 40.26 18.11
CA TYR B 57 -46.16 40.44 18.98
C TYR B 57 -47.35 40.82 18.11
N ASP B 58 -48.56 40.73 18.66
CA ASP B 58 -49.77 41.15 17.95
C ASP B 58 -50.00 42.64 18.17
N PRO B 59 -49.82 43.45 17.10
CA PRO B 59 -49.88 44.91 17.18
C PRO B 59 -51.30 45.43 17.46
N LYS B 60 -52.30 44.58 17.26
CA LYS B 60 -53.68 44.94 17.52
C LYS B 60 -54.01 44.75 19.01
N VAL B 61 -53.15 44.01 19.72
CA VAL B 61 -53.31 43.80 21.15
C VAL B 61 -52.26 44.55 21.95
N LEU B 62 -51.05 44.67 21.40
CA LEU B 62 -49.93 45.34 22.09
C LEU B 62 -49.25 46.44 21.27
N MET B 63 -48.64 47.38 21.97
CA MET B 63 -47.91 48.46 21.32
C MET B 63 -46.53 48.57 21.93
N ALA B 64 -45.51 48.35 21.10
CA ALA B 64 -44.15 48.44 21.59
C ALA B 64 -43.83 49.89 21.96
N VAL B 65 -43.28 50.05 23.15
CA VAL B 65 -43.25 51.33 23.83
C VAL B 65 -42.05 51.40 24.76
N ASP B 66 -41.29 52.49 24.68
CA ASP B 66 -40.18 52.69 25.60
C ASP B 66 -40.76 52.66 27.00
N PRO B 67 -40.29 51.76 27.85
CA PRO B 67 -40.93 51.55 29.15
C PRO B 67 -40.72 52.71 30.12
N GLU B 68 -40.04 53.76 29.68
CA GLU B 68 -39.69 54.87 30.57
C GLU B 68 -40.26 56.23 30.12
N THR B 69 -40.61 56.36 28.84
CA THR B 69 -41.22 57.58 28.34
C THR B 69 -42.57 57.31 27.71
N GLY B 70 -42.88 56.04 27.48
CA GLY B 70 -44.15 55.66 26.92
C GLY B 70 -44.29 56.03 25.46
N LYS B 71 -43.23 56.59 24.86
CA LYS B 71 -43.25 56.85 23.42
C LYS B 71 -43.29 55.55 22.62
N GLU B 72 -44.04 55.55 21.53
CA GLU B 72 -44.15 54.36 20.70
C GLU B 72 -42.84 54.10 19.95
N PHE B 73 -42.42 52.84 19.92
CA PHE B 73 -41.26 52.41 19.13
C PHE B 73 -41.49 52.78 17.67
N THR B 74 -40.42 53.19 16.98
CA THR B 74 -40.44 53.30 15.52
C THR B 74 -39.44 52.31 14.93
N SER B 75 -39.20 52.43 13.63
CA SER B 75 -38.29 51.51 12.94
C SER B 75 -36.90 51.55 13.53
N SER B 76 -36.51 52.71 14.04
CA SER B 76 -35.14 52.92 14.46
C SER B 76 -34.99 53.01 15.97
N THR B 77 -36.05 52.70 16.69
CA THR B 77 -35.96 52.79 18.14
C THR B 77 -35.16 51.64 18.73
N PHE B 78 -34.18 51.98 19.55
CA PHE B 78 -33.38 50.94 20.18
C PHE B 78 -33.72 50.79 21.66
N PRO B 79 -34.07 49.57 22.06
CA PRO B 79 -34.54 49.28 23.43
C PRO B 79 -33.47 49.56 24.44
N PRO B 80 -33.80 50.25 25.54
CA PRO B 80 -32.86 50.57 26.62
C PRO B 80 -32.75 49.46 27.68
N GLY B 81 -31.92 49.70 28.69
CA GLY B 81 -31.90 48.84 29.87
C GLY B 81 -30.70 47.97 30.09
N ARG B 82 -29.93 47.72 29.04
CA ARG B 82 -28.92 46.68 29.08
C ARG B 82 -27.87 46.94 30.13
N THR B 83 -27.29 45.85 30.65
CA THR B 83 -26.27 45.89 31.70
C THR B 83 -24.97 45.23 31.22
N VAL B 84 -24.93 44.85 29.95
CA VAL B 84 -23.72 44.29 29.35
C VAL B 84 -23.33 45.10 28.13
N LEU B 85 -22.07 44.97 27.73
CA LEU B 85 -21.58 45.61 26.51
C LEU B 85 -21.78 47.11 26.63
N LYS B 86 -21.13 47.71 27.62
CA LYS B 86 -21.24 49.14 27.84
C LYS B 86 -19.86 49.69 28.05
N ASN B 87 -18.85 48.93 27.65
CA ASN B 87 -17.46 49.34 27.85
C ASN B 87 -17.00 50.04 26.61
N ASN B 88 -16.99 51.37 26.65
CA ASN B 88 -16.84 52.17 25.43
C ASN B 88 -15.44 52.06 24.79
N ALA B 89 -14.55 51.37 25.48
CA ALA B 89 -13.20 51.16 24.95
C ALA B 89 -13.21 50.21 23.75
N TYR B 90 -14.35 49.58 23.47
CA TYR B 90 -14.42 48.56 22.43
C TYR B 90 -15.44 48.92 21.36
N GLY B 91 -15.97 50.14 21.47
CA GLY B 91 -16.83 50.71 20.43
C GLY B 91 -18.12 49.98 20.13
N PRO B 92 -19.05 49.98 21.10
CA PRO B 92 -20.37 49.37 20.95
C PRO B 92 -21.13 50.07 19.84
N ILE B 93 -22.00 49.35 19.14
CA ILE B 93 -22.81 49.99 18.13
C ILE B 93 -24.20 49.42 18.25
N GLN B 94 -25.19 50.25 17.96
CA GLN B 94 -26.59 49.85 18.08
C GLN B 94 -27.25 49.99 16.73
N ILE B 95 -28.09 49.03 16.41
CA ILE B 95 -28.80 49.03 15.15
C ILE B 95 -30.19 48.57 15.43
N ALA B 96 -31.16 49.38 15.04
CA ALA B 96 -32.56 49.01 15.18
C ALA B 96 -33.21 48.91 13.82
N ASP B 97 -34.00 47.86 13.63
CA ASP B 97 -34.80 47.76 12.43
C ASP B 97 -36.13 47.14 12.73
N ASN B 98 -36.94 47.91 13.45
CA ASN B 98 -38.26 47.48 13.86
C ASN B 98 -39.32 47.66 12.79
N ASP B 99 -40.42 46.94 12.94
CA ASP B 99 -41.60 47.15 12.12
C ASP B 99 -42.83 46.99 13.01
N PRO B 100 -43.15 48.04 13.79
CA PRO B 100 -44.20 47.94 14.82
C PRO B 100 -45.56 47.80 14.18
N GLU B 101 -45.72 48.33 12.97
CA GLU B 101 -46.99 48.21 12.26
C GLU B 101 -47.34 46.75 11.98
N LYS B 102 -46.33 45.87 12.03
CA LYS B 102 -46.53 44.44 11.80
C LYS B 102 -46.20 43.62 13.03
N GLY B 103 -45.86 44.31 14.11
CA GLY B 103 -45.56 43.63 15.35
C GLY B 103 -44.19 42.99 15.33
N ILE B 104 -43.24 43.64 14.68
CA ILE B 104 -41.89 43.11 14.67
C ILE B 104 -40.91 44.04 15.32
N LEU B 105 -40.24 43.51 16.34
CA LEU B 105 -39.07 44.17 16.88
C LEU B 105 -37.84 43.45 16.35
N ASN B 106 -36.88 44.21 15.84
CA ASN B 106 -35.63 43.63 15.38
C ASN B 106 -34.45 44.56 15.63
N PHE B 107 -33.54 44.15 16.50
CA PHE B 107 -32.42 45.05 16.84
C PHE B 107 -31.12 44.31 17.11
N ALA B 108 -30.00 45.02 17.02
CA ALA B 108 -28.70 44.41 17.28
C ALA B 108 -27.72 45.31 18.02
N LEU B 109 -26.74 44.69 18.65
CA LEU B 109 -25.72 45.42 19.38
C LEU B 109 -24.46 44.59 19.31
N ALA B 110 -23.31 45.26 19.20
CA ALA B 110 -22.01 44.56 19.18
C ALA B 110 -20.87 45.49 19.57
N TYR B 111 -19.84 44.91 20.17
CA TYR B 111 -18.56 45.60 20.27
C TYR B 111 -17.93 45.65 18.87
N SER B 112 -17.19 46.71 18.59
CA SER B 112 -16.54 46.85 17.31
C SER B 112 -15.17 46.22 17.38
N TYR B 113 -14.35 46.77 18.27
CA TYR B 113 -13.00 46.31 18.50
C TYR B 113 -13.02 45.04 19.39
N ILE B 114 -13.63 43.97 18.88
CA ILE B 114 -13.72 42.73 19.65
C ILE B 114 -12.38 42.16 20.05
N ALA B 115 -11.34 42.52 19.31
CA ALA B 115 -10.00 42.06 19.63
C ALA B 115 -9.58 42.58 20.99
N GLY B 116 -9.60 43.90 21.16
CA GLY B 116 -9.15 44.51 22.40
C GLY B 116 -9.93 43.94 23.56
N TYR B 117 -11.19 43.60 23.27
CA TYR B 117 -12.09 42.98 24.23
C TYR B 117 -11.53 41.62 24.62
N LYS B 118 -11.31 40.78 23.63
CA LYS B 118 -10.70 39.48 23.84
C LYS B 118 -9.31 39.58 24.48
N GLU B 119 -8.53 40.54 24.01
CA GLU B 119 -7.21 40.82 24.56
C GLU B 119 -7.20 40.97 26.07
N THR B 120 -8.33 41.27 26.68
CA THR B 120 -8.30 41.56 28.10
C THR B 120 -8.76 40.39 28.97
N GLY B 121 -9.37 39.37 28.35
CA GLY B 121 -9.72 38.16 29.03
C GLY B 121 -11.08 38.14 29.71
N VAL B 122 -11.41 39.21 30.40
CA VAL B 122 -12.67 39.27 31.13
C VAL B 122 -13.81 39.38 30.15
N ALA B 123 -14.61 38.31 30.06
CA ALA B 123 -15.83 38.31 29.25
C ALA B 123 -17.10 38.73 30.05
N GLU B 124 -18.03 39.36 29.36
CA GLU B 124 -19.31 39.76 29.91
C GLU B 124 -20.32 38.69 29.50
N GLU B 125 -20.63 37.75 30.40
CA GLU B 125 -21.40 36.58 29.98
C GLU B 125 -22.88 36.48 30.39
N SER B 126 -23.31 37.29 31.37
CA SER B 126 -24.70 37.26 31.82
C SER B 126 -25.17 38.68 32.09
N GLY B 127 -26.43 38.96 31.78
CA GLY B 127 -26.99 40.29 32.02
C GLY B 127 -28.19 40.60 31.14
N ILE B 128 -28.66 41.84 31.24
CA ILE B 128 -29.80 42.28 30.44
C ILE B 128 -29.36 42.90 29.13
N ILE B 129 -30.03 42.56 28.03
CA ILE B 129 -29.74 43.20 26.75
C ILE B 129 -30.82 44.22 26.35
N ALA B 130 -32.09 43.91 26.61
CA ALA B 130 -33.15 44.87 26.35
C ALA B 130 -34.24 44.93 27.42
N LYS B 131 -34.96 46.05 27.44
CA LYS B 131 -36.22 46.17 28.17
C LYS B 131 -37.23 46.80 27.21
N ILE B 132 -38.31 46.07 26.92
CA ILE B 132 -39.33 46.60 26.03
C ILE B 132 -40.64 46.75 26.80
N GLY B 133 -41.31 47.88 26.57
CA GLY B 133 -42.62 48.07 27.12
C GLY B 133 -43.62 47.63 26.10
N PHE B 134 -44.62 46.88 26.55
CA PHE B 134 -45.80 46.63 25.74
C PHE B 134 -47.03 47.27 26.38
N LYS B 135 -47.60 48.26 25.67
CA LYS B 135 -48.76 49.00 26.13
C LYS B 135 -50.02 48.27 25.71
N ILE B 136 -50.82 47.85 26.69
CA ILE B 136 -52.00 47.02 26.41
C ILE B 136 -53.02 47.76 25.57
N LEU B 137 -53.47 47.12 24.50
CA LEU B 137 -54.42 47.73 23.58
C LEU B 137 -55.75 47.00 23.66
N GLN B 138 -55.74 45.84 24.31
CA GLN B 138 -56.92 44.98 24.39
C GLN B 138 -56.76 43.94 25.50
N LYS B 139 -57.90 43.48 26.00
CA LYS B 139 -57.90 42.48 27.05
C LYS B 139 -57.97 41.07 26.46
N LYS B 140 -57.62 40.95 25.17
CA LYS B 140 -57.51 39.62 24.54
C LYS B 140 -56.26 38.87 25.02
N SER B 141 -56.27 37.55 24.84
CA SER B 141 -55.13 36.72 25.23
C SER B 141 -54.15 36.64 24.06
N THR B 142 -52.89 36.96 24.32
CA THR B 142 -51.91 37.21 23.27
C THR B 142 -50.49 36.69 23.60
N ALA B 143 -49.67 36.45 22.58
CA ALA B 143 -48.29 35.99 22.77
C ALA B 143 -47.23 36.96 22.22
N VAL B 144 -46.07 37.00 22.86
CA VAL B 144 -44.88 37.61 22.26
C VAL B 144 -43.71 36.63 22.24
N LYS B 145 -43.22 36.36 21.04
CA LYS B 145 -42.24 35.31 20.81
C LYS B 145 -40.98 35.83 20.13
N PHE B 146 -39.87 35.18 20.45
CA PHE B 146 -38.70 35.19 19.60
C PHE B 146 -39.13 34.40 18.36
N GLN B 147 -38.66 34.80 17.20
CA GLN B 147 -39.08 34.03 16.03
C GLN B 147 -38.18 34.22 14.81
N ASP B 148 -37.95 33.13 14.07
CA ASP B 148 -37.17 33.15 12.84
C ASP B 148 -37.64 34.25 11.93
N THR B 149 -36.73 34.74 11.11
CA THR B 149 -37.09 35.69 10.06
C THR B 149 -36.18 35.51 8.83
N LEU B 150 -36.69 35.86 7.66
CA LEU B 150 -35.88 35.79 6.46
C LEU B 150 -34.60 36.63 6.57
N SER B 151 -34.68 37.71 7.35
CA SER B 151 -33.51 38.53 7.61
C SER B 151 -32.45 37.84 8.45
N MET B 152 -32.76 36.71 9.08
CA MET B 152 -31.73 36.05 9.86
C MET B 152 -31.61 34.55 9.64
N PRO B 153 -31.18 34.13 8.43
CA PRO B 153 -31.05 32.70 8.13
C PRO B 153 -30.01 32.06 9.03
N GLY B 154 -30.31 30.85 9.48
CA GLY B 154 -29.38 30.11 10.31
C GLY B 154 -29.49 30.48 11.77
N ALA B 155 -30.29 31.52 12.06
CA ALA B 155 -30.51 31.96 13.44
C ALA B 155 -31.33 30.94 14.22
N ILE B 156 -31.15 30.92 15.53
CA ILE B 156 -31.92 30.04 16.40
C ILE B 156 -33.19 30.74 16.91
N SER B 157 -34.30 30.52 16.22
CA SER B 157 -35.57 31.06 16.68
C SER B 157 -35.58 32.57 16.73
N GLY B 158 -34.90 33.22 15.80
CA GLY B 158 -34.91 34.67 15.76
C GLY B 158 -33.81 35.26 16.60
N THR B 159 -32.91 34.41 17.09
CA THR B 159 -31.78 34.91 17.87
C THR B 159 -30.42 34.52 17.28
N GLN B 160 -29.49 35.46 17.30
CA GLN B 160 -28.12 35.17 16.93
C GLN B 160 -27.19 35.86 17.91
N LEU B 161 -26.34 35.08 18.55
CA LEU B 161 -25.40 35.64 19.51
C LEU B 161 -23.97 35.43 19.02
N PHE B 162 -23.09 36.36 19.37
CA PHE B 162 -21.72 36.32 18.85
C PHE B 162 -20.71 36.40 19.97
N ASP B 163 -19.54 35.80 19.74
CA ASP B 163 -18.42 35.89 20.68
C ASP B 163 -17.37 36.92 20.24
N TRP B 164 -16.27 37.03 20.98
CA TRP B 164 -15.28 38.05 20.68
C TRP B 164 -14.31 37.63 19.56
N ASP B 165 -14.66 36.53 18.89
CA ASP B 165 -13.97 36.11 17.69
C ASP B 165 -14.77 36.48 16.44
N GLY B 166 -15.95 37.04 16.62
CA GLY B 166 -16.78 37.39 15.49
C GLY B 166 -17.57 36.21 14.97
N GLU B 167 -17.55 35.12 15.73
CA GLU B 167 -18.23 33.88 15.35
C GLU B 167 -19.61 33.77 15.98
N VAL B 168 -20.59 33.21 15.27
CA VAL B 168 -21.88 32.99 15.90
C VAL B 168 -21.77 31.90 16.97
N ILE B 169 -22.52 32.08 18.07
CA ILE B 169 -22.53 31.14 19.18
C ILE B 169 -23.74 30.22 19.09
N THR B 170 -23.59 28.95 19.50
CA THR B 170 -24.74 28.01 19.47
C THR B 170 -24.90 27.25 20.78
N GLY B 171 -25.86 26.34 20.80
CA GLY B 171 -26.06 25.49 21.95
C GLY B 171 -26.41 26.26 23.21
N TYR B 172 -27.36 27.17 23.08
CA TYR B 172 -27.93 27.81 24.24
C TYR B 172 -29.43 27.57 24.13
N GLU B 173 -30.14 27.68 25.24
CA GLU B 173 -31.58 27.49 25.22
C GLU B 173 -32.27 28.82 24.93
N VAL B 174 -33.26 28.80 24.04
CA VAL B 174 -34.10 29.97 23.84
C VAL B 174 -35.38 29.78 24.63
N ILE B 175 -35.53 30.59 25.69
CA ILE B 175 -36.63 30.46 26.65
C ILE B 175 -37.73 31.51 26.44
N GLN B 176 -38.80 31.11 25.74
CA GLN B 176 -39.90 32.04 25.41
C GLN B 176 -40.73 32.39 26.63
N PRO B 177 -41.32 33.60 26.63
CA PRO B 177 -42.22 33.95 27.74
C PRO B 177 -43.55 33.21 27.64
N ASP B 178 -44.13 32.90 28.80
CA ASP B 178 -45.47 32.31 28.88
C ASP B 178 -46.54 33.21 28.28
N VAL B 179 -47.62 32.61 27.78
CA VAL B 179 -48.68 33.40 27.16
C VAL B 179 -49.25 34.46 28.10
N LEU B 180 -49.69 35.57 27.53
CA LEU B 180 -50.33 36.64 28.29
C LEU B 180 -51.85 36.53 28.30
N SER B 181 -52.44 36.36 29.49
CA SER B 181 -53.86 36.03 29.59
C SER B 181 -54.78 37.22 29.84
N LEU B 182 -55.84 37.30 29.04
CA LEU B 182 -56.86 38.36 29.14
C LEU B 182 -56.24 39.75 29.28
N PRO C 6 38.15 15.56 -35.04
CA PRO C 6 39.57 15.76 -35.39
C PRO C 6 39.87 17.17 -35.93
N ASN C 7 41.08 17.35 -36.44
CA ASN C 7 41.46 18.61 -37.05
C ASN C 7 41.20 18.63 -38.57
N LYS C 8 40.59 17.55 -39.07
CA LYS C 8 40.19 17.48 -40.47
C LYS C 8 38.78 18.05 -40.70
N LEU C 9 38.42 18.23 -41.97
CA LEU C 9 37.22 18.96 -42.34
C LEU C 9 35.99 18.13 -42.09
N THR C 10 34.98 18.76 -41.48
CA THR C 10 33.80 18.08 -40.97
C THR C 10 32.51 18.87 -41.24
N LEU C 11 31.57 18.23 -41.94
CA LEU C 11 30.27 18.83 -42.24
C LEU C 11 29.22 18.25 -41.29
N LYS C 12 28.52 19.11 -40.57
CA LYS C 12 27.59 18.63 -39.53
C LYS C 12 26.17 19.23 -39.57
N ILE C 13 25.17 18.38 -39.82
CA ILE C 13 23.80 18.81 -39.73
C ILE C 13 23.49 18.91 -38.27
N GLY C 14 22.98 20.06 -37.84
CA GLY C 14 22.62 20.27 -36.45
C GLY C 14 21.36 19.54 -36.04
N ARG C 15 20.78 19.97 -34.91
CA ARG C 15 19.57 19.37 -34.38
C ARG C 15 18.68 20.44 -33.78
N ALA C 16 17.38 20.17 -33.71
CA ALA C 16 16.47 21.11 -33.09
C ALA C 16 15.21 20.40 -32.62
N GLU C 17 14.36 21.12 -31.89
CA GLU C 17 13.09 20.54 -31.44
C GLU C 17 11.95 21.55 -31.42
N GLY C 18 10.76 21.06 -31.76
CA GLY C 18 9.55 21.85 -31.66
C GLY C 18 8.31 20.99 -31.63
N ARG C 19 7.19 21.63 -31.29
CA ARG C 19 5.88 21.01 -31.38
C ARG C 19 5.49 21.06 -32.85
N PRO C 20 4.50 20.25 -33.26
CA PRO C 20 3.97 20.40 -34.62
C PRO C 20 3.41 21.80 -34.83
N GLY C 21 3.54 22.32 -36.04
CA GLY C 21 3.20 23.71 -36.31
C GLY C 21 4.35 24.68 -36.09
N ASP C 22 5.27 24.35 -35.17
CA ASP C 22 6.42 25.21 -34.89
C ASP C 22 7.40 25.35 -36.07
N THR C 23 7.98 26.55 -36.20
CA THR C 23 9.09 26.76 -37.11
C THR C 23 10.40 26.53 -36.36
N VAL C 24 11.32 25.82 -36.98
CA VAL C 24 12.57 25.49 -36.31
C VAL C 24 13.76 25.75 -37.24
N GLU C 25 14.93 25.96 -36.63
CA GLU C 25 16.15 26.14 -37.40
C GLU C 25 17.17 25.02 -37.12
N ILE C 26 17.56 24.31 -38.18
CA ILE C 26 18.62 23.32 -38.12
C ILE C 26 19.89 23.93 -38.72
N PRO C 27 20.96 24.07 -37.92
CA PRO C 27 22.14 24.64 -38.56
C PRO C 27 22.96 23.58 -39.28
N VAL C 28 23.80 24.01 -40.21
CA VAL C 28 24.75 23.11 -40.85
C VAL C 28 26.12 23.70 -40.60
N ASN C 29 26.98 22.95 -39.89
CA ASN C 29 28.28 23.50 -39.49
C ASN C 29 29.44 22.94 -40.25
N LEU C 30 30.43 23.81 -40.44
CA LEU C 30 31.72 23.41 -40.94
C LEU C 30 32.73 23.52 -39.81
N TYR C 31 33.36 22.39 -39.50
CA TYR C 31 34.43 22.34 -38.51
C TYR C 31 35.69 21.81 -39.17
N GLY C 32 36.84 22.36 -38.80
CA GLY C 32 38.12 21.84 -39.27
C GLY C 32 38.56 22.48 -40.56
N VAL C 33 38.15 23.74 -40.74
CA VAL C 33 38.43 24.49 -41.94
C VAL C 33 39.88 24.92 -41.91
N PRO C 34 40.65 24.52 -42.94
CA PRO C 34 42.10 24.76 -43.08
C PRO C 34 42.49 26.22 -43.27
N GLN C 35 43.75 26.52 -42.97
CA GLN C 35 44.31 27.85 -43.17
C GLN C 35 44.00 28.30 -44.59
N LYS C 36 44.35 27.44 -45.55
CA LYS C 36 44.20 27.70 -46.99
C LYS C 36 42.81 28.15 -47.45
N GLY C 37 41.78 27.71 -46.73
CA GLY C 37 40.42 28.14 -46.99
C GLY C 37 39.63 27.13 -47.82
N ILE C 38 38.31 27.09 -47.62
CA ILE C 38 37.47 26.26 -48.46
C ILE C 38 36.81 27.12 -49.53
N ALA C 39 36.95 26.69 -50.78
CA ALA C 39 36.45 27.49 -51.89
C ALA C 39 35.22 26.90 -52.59
N SER C 40 34.82 25.70 -52.19
CA SER C 40 33.75 25.05 -52.90
C SER C 40 33.29 23.78 -52.21
N GLY C 41 31.99 23.54 -52.22
CA GLY C 41 31.44 22.28 -51.76
C GLY C 41 30.09 21.98 -52.36
N ASP C 42 29.72 20.71 -52.42
CA ASP C 42 28.36 20.30 -52.75
C ASP C 42 27.97 18.97 -52.11
N PHE C 43 26.68 18.81 -51.84
CA PHE C 43 26.18 17.59 -51.21
C PHE C 43 24.67 17.60 -51.20
N VAL C 44 24.07 16.42 -51.07
CA VAL C 44 22.63 16.37 -50.86
C VAL C 44 22.29 15.97 -49.44
N VAL C 45 21.26 16.60 -48.92
CA VAL C 45 20.73 16.29 -47.60
C VAL C 45 19.32 15.74 -47.77
N SER C 46 19.00 14.65 -47.08
CA SER C 46 17.65 14.06 -47.17
C SER C 46 16.82 14.30 -45.90
N TYR C 47 15.51 14.22 -46.02
CA TYR C 47 14.65 14.48 -44.87
C TYR C 47 13.28 13.91 -45.12
N ASP C 48 12.40 14.02 -44.12
CA ASP C 48 11.01 13.52 -44.22
C ASP C 48 9.97 14.65 -44.43
N PRO C 49 9.51 14.82 -45.67
CA PRO C 49 8.60 15.91 -46.03
C PRO C 49 7.24 15.69 -45.41
N ASN C 50 6.99 14.49 -44.90
CA ASN C 50 5.74 14.24 -44.18
C ASN C 50 5.80 14.76 -42.75
N VAL C 51 6.98 15.21 -42.33
CA VAL C 51 7.19 15.70 -40.98
C VAL C 51 7.70 17.14 -40.94
N LEU C 52 8.59 17.44 -41.88
CA LEU C 52 9.15 18.78 -41.97
C LEU C 52 8.78 19.38 -43.30
N GLU C 53 8.41 20.65 -43.28
CA GLU C 53 8.27 21.40 -44.51
C GLU C 53 9.34 22.47 -44.56
N ILE C 54 10.23 22.37 -45.53
CA ILE C 54 11.32 23.32 -45.64
C ILE C 54 10.77 24.68 -46.06
N ILE C 55 10.95 25.69 -45.20
CA ILE C 55 10.60 27.06 -45.55
C ILE C 55 11.67 27.62 -46.48
N GLU C 56 12.85 27.85 -45.92
CA GLU C 56 14.00 28.19 -46.74
C GLU C 56 15.33 27.85 -46.09
N ILE C 57 16.41 28.11 -46.81
CA ILE C 57 17.75 27.82 -46.33
C ILE C 57 18.55 29.11 -46.37
N GLU C 58 18.76 29.71 -45.20
CA GLU C 58 19.55 30.92 -45.12
C GLU C 58 21.04 30.57 -45.21
N PRO C 59 21.77 31.25 -46.10
CA PRO C 59 23.23 31.07 -46.11
C PRO C 59 23.86 31.49 -44.79
N GLY C 60 24.93 30.80 -44.41
CA GLY C 60 25.57 30.99 -43.12
C GLY C 60 26.39 32.25 -43.01
N GLU C 61 26.85 32.53 -41.80
CA GLU C 61 27.78 33.63 -41.56
C GLU C 61 29.11 33.30 -42.23
N LEU C 62 29.35 32.01 -42.47
CA LEU C 62 30.58 31.56 -43.10
C LEU C 62 30.70 32.03 -44.54
N ILE C 63 29.56 32.32 -45.17
CA ILE C 63 29.50 32.74 -46.56
C ILE C 63 29.66 34.25 -46.64
N VAL C 64 30.83 34.73 -47.09
CA VAL C 64 31.20 36.13 -46.84
C VAL C 64 31.17 37.05 -48.04
N ASP C 65 30.79 36.52 -49.19
CA ASP C 65 30.42 37.32 -50.34
C ASP C 65 29.37 38.35 -49.87
N PRO C 66 29.58 39.65 -50.15
CA PRO C 66 28.59 40.64 -49.73
C PRO C 66 27.16 40.30 -50.21
N ASN C 67 27.02 39.39 -51.17
CA ASN C 67 25.71 38.90 -51.60
C ASN C 67 25.74 37.40 -51.65
N PRO C 68 25.53 36.76 -50.50
CA PRO C 68 25.87 35.36 -50.29
C PRO C 68 25.21 34.44 -51.32
N THR C 69 24.05 34.83 -51.82
CA THR C 69 23.37 34.02 -52.81
C THR C 69 24.17 33.83 -54.10
N LYS C 70 25.09 34.74 -54.37
CA LYS C 70 25.95 34.59 -55.55
C LYS C 70 26.88 33.40 -55.43
N SER C 71 27.39 33.16 -54.21
CA SER C 71 28.29 32.04 -53.95
C SER C 71 27.61 30.76 -53.46
N PHE C 72 26.43 30.90 -52.87
CA PHE C 72 25.80 29.76 -52.19
C PHE C 72 24.41 29.54 -52.74
N ASP C 73 24.07 28.30 -53.09
CA ASP C 73 22.78 27.99 -53.70
C ASP C 73 22.15 26.71 -53.16
N THR C 74 20.83 26.67 -53.11
CA THR C 74 20.13 25.46 -52.73
C THR C 74 18.91 25.21 -53.59
N ALA C 75 18.58 23.94 -53.77
CA ALA C 75 17.33 23.53 -54.38
C ALA C 75 16.63 22.50 -53.48
N VAL C 76 15.39 22.78 -53.08
CA VAL C 76 14.60 21.83 -52.29
C VAL C 76 13.70 20.98 -53.19
N TYR C 77 13.70 19.67 -53.03
CA TYR C 77 12.86 18.83 -53.87
C TYR C 77 11.97 17.90 -53.06
N PRO C 78 10.88 18.44 -52.51
CA PRO C 78 10.13 17.65 -51.51
C PRO C 78 9.64 16.30 -52.04
N ASP C 79 9.40 16.18 -53.33
CA ASP C 79 8.92 14.91 -53.85
C ASP C 79 10.05 13.90 -53.95
N ARG C 80 11.26 14.41 -54.14
CA ARG C 80 12.43 13.56 -54.13
C ARG C 80 12.92 13.41 -52.68
N LYS C 81 12.31 14.15 -51.76
CA LYS C 81 12.74 14.15 -50.36
C LYS C 81 14.17 14.66 -50.19
N MET C 82 14.52 15.76 -50.85
CA MET C 82 15.89 16.22 -50.78
C MET C 82 16.17 17.73 -50.84
N ILE C 83 17.38 18.09 -50.46
CA ILE C 83 17.85 19.44 -50.57
C ILE C 83 19.23 19.37 -51.16
N VAL C 84 19.44 20.03 -52.30
CA VAL C 84 20.79 20.11 -52.84
C VAL C 84 21.47 21.38 -52.37
N PHE C 85 22.75 21.26 -52.01
CA PHE C 85 23.53 22.40 -51.53
C PHE C 85 24.70 22.68 -52.46
N LEU C 86 24.89 23.92 -52.86
CA LEU C 86 26.04 24.26 -53.67
C LEU C 86 26.76 25.49 -53.17
N PHE C 87 28.08 25.39 -53.07
CA PHE C 87 28.89 26.53 -52.74
C PHE C 87 30.06 26.58 -53.68
N ALA C 88 30.14 27.68 -54.43
CA ALA C 88 31.27 27.94 -55.29
C ALA C 88 31.61 29.41 -55.13
N GLU C 89 32.62 29.67 -54.31
CA GLU C 89 33.10 31.01 -54.08
C GLU C 89 33.08 31.85 -55.36
N ASP C 90 32.26 32.90 -55.38
CA ASP C 90 31.93 33.56 -56.64
C ASP C 90 32.87 34.68 -57.11
N SER C 91 33.82 35.08 -56.28
CA SER C 91 34.68 36.20 -56.63
C SER C 91 35.59 35.82 -57.78
N GLY C 92 35.82 34.52 -57.93
CA GLY C 92 36.80 34.03 -58.89
C GLY C 92 38.24 34.39 -58.56
N THR C 93 38.52 34.89 -57.35
CA THR C 93 39.89 35.22 -56.96
C THR C 93 40.25 34.62 -55.61
N GLY C 94 39.35 33.80 -55.09
CA GLY C 94 39.49 33.17 -53.79
C GLY C 94 39.14 34.10 -52.64
N ALA C 95 38.61 35.28 -52.95
CA ALA C 95 38.34 36.30 -51.94
C ALA C 95 37.21 35.91 -51.00
N TYR C 96 36.29 35.08 -51.48
CA TYR C 96 35.12 34.68 -50.71
C TYR C 96 35.19 33.21 -50.24
N ALA C 97 36.41 32.69 -50.09
CA ALA C 97 36.57 31.35 -49.53
C ALA C 97 36.20 31.38 -48.07
N ILE C 98 35.64 30.27 -47.60
CA ILE C 98 35.36 30.07 -46.19
C ILE C 98 36.66 29.87 -45.44
N THR C 99 36.85 30.62 -44.36
CA THR C 99 38.15 30.64 -43.69
C THR C 99 38.09 30.39 -42.20
N GLU C 100 36.90 30.15 -41.66
CA GLU C 100 36.67 29.96 -40.24
C GLU C 100 35.72 28.79 -40.07
N ASP C 101 35.77 28.15 -38.90
CA ASP C 101 34.75 27.16 -38.53
C ASP C 101 33.45 27.88 -38.15
N GLY C 102 32.31 27.23 -38.35
CA GLY C 102 31.05 27.87 -37.99
C GLY C 102 29.83 27.44 -38.78
N VAL C 103 28.82 28.31 -38.86
CA VAL C 103 27.58 27.96 -39.55
C VAL C 103 27.68 28.22 -41.05
N PHE C 104 27.44 27.19 -41.81
CA PHE C 104 27.55 27.23 -43.25
C PHE C 104 26.18 27.52 -43.87
N ALA C 105 25.14 27.03 -43.23
CA ALA C 105 23.75 27.28 -43.66
C ALA C 105 22.77 26.98 -42.53
N THR C 106 21.66 27.69 -42.49
CA THR C 106 20.59 27.35 -41.57
C THR C 106 19.33 26.89 -42.32
N ILE C 107 19.04 25.59 -42.27
CA ILE C 107 17.76 25.09 -42.73
C ILE C 107 16.63 25.64 -41.86
N VAL C 108 15.64 26.25 -42.50
CA VAL C 108 14.47 26.75 -41.78
C VAL C 108 13.24 25.91 -42.12
N ALA C 109 12.64 25.28 -41.12
CA ALA C 109 11.53 24.36 -41.39
C ALA C 109 10.35 24.53 -40.45
N LYS C 110 9.15 24.30 -41.00
CA LYS C 110 7.97 24.18 -40.17
C LYS C 110 7.75 22.67 -39.94
N VAL C 111 7.47 22.29 -38.70
CA VAL C 111 7.01 20.95 -38.42
C VAL C 111 5.53 20.91 -38.81
N LYS C 112 5.19 20.07 -39.77
CA LYS C 112 3.80 19.96 -40.24
C LYS C 112 2.82 19.68 -39.08
N GLU C 113 1.57 20.09 -39.24
CA GLU C 113 0.66 20.04 -38.10
C GLU C 113 0.28 18.60 -37.67
N GLY C 114 0.31 17.66 -38.61
CA GLY C 114 -0.01 16.29 -38.27
C GLY C 114 1.18 15.38 -38.05
N ALA C 115 2.33 15.97 -37.74
CA ALA C 115 3.56 15.18 -37.62
C ALA C 115 3.54 14.29 -36.37
N PRO C 116 4.04 13.04 -36.50
CA PRO C 116 4.20 12.10 -35.40
C PRO C 116 5.20 12.64 -34.42
N GLU C 117 5.04 12.36 -33.13
CA GLU C 117 6.12 12.61 -32.17
C GLU C 117 7.28 11.67 -32.47
N GLY C 118 8.48 12.11 -32.13
CA GLY C 118 9.67 11.32 -32.42
C GLY C 118 10.80 12.13 -33.02
N PHE C 119 11.86 11.46 -33.41
CA PHE C 119 13.00 12.15 -33.99
C PHE C 119 13.04 11.91 -35.47
N SER C 120 13.00 13.01 -36.24
CA SER C 120 13.07 12.95 -37.70
C SER C 120 14.48 13.28 -38.17
N ALA C 121 15.11 12.33 -38.86
CA ALA C 121 16.48 12.51 -39.33
C ALA C 121 16.61 13.43 -40.55
N ILE C 122 17.58 14.33 -40.48
CA ILE C 122 18.06 15.03 -41.68
C ILE C 122 19.50 14.57 -41.93
N GLU C 123 19.72 13.76 -42.95
CA GLU C 123 21.02 13.10 -43.13
C GLU C 123 21.72 13.50 -44.40
N ILE C 124 23.03 13.68 -44.35
CA ILE C 124 23.79 13.90 -45.58
C ILE C 124 23.78 12.63 -46.43
N SER C 125 22.98 12.63 -47.49
CA SER C 125 22.72 11.41 -48.26
C SER C 125 23.60 11.22 -49.50
N GLU C 126 24.06 12.31 -50.11
CA GLU C 126 25.01 12.24 -51.22
C GLU C 126 26.06 13.28 -50.95
N PHE C 127 27.26 13.01 -51.46
CA PHE C 127 28.36 13.94 -51.23
C PHE C 127 29.12 14.13 -52.53
N GLY C 128 29.49 15.38 -52.78
CA GLY C 128 30.24 15.72 -53.98
C GLY C 128 31.67 15.91 -53.56
N ALA C 129 32.04 17.16 -53.27
CA ALA C 129 33.37 17.46 -52.79
C ALA C 129 33.39 18.74 -51.98
N PHE C 130 34.42 18.88 -51.15
CA PHE C 130 34.87 20.18 -50.70
C PHE C 130 36.30 20.29 -51.18
N ALA C 131 36.73 21.53 -51.41
CA ALA C 131 38.06 21.76 -51.95
C ALA C 131 38.58 23.07 -51.37
N ASP C 132 39.89 23.13 -51.16
CA ASP C 132 40.54 24.32 -50.64
C ASP C 132 40.66 25.41 -51.70
N ASN C 133 41.30 26.51 -51.33
CA ASN C 133 41.42 27.65 -52.23
C ASN C 133 42.44 27.45 -53.35
N ASP C 134 43.07 26.28 -53.40
CA ASP C 134 43.90 25.90 -54.54
C ASP C 134 43.11 24.92 -55.39
N LEU C 135 41.84 24.74 -55.05
CA LEU C 135 40.99 23.78 -55.75
C LEU C 135 41.46 22.34 -55.66
N VAL C 136 42.01 21.96 -54.51
CA VAL C 136 42.36 20.58 -54.26
C VAL C 136 41.37 19.98 -53.27
N GLU C 137 40.74 18.88 -53.67
CA GLU C 137 39.67 18.32 -52.85
C GLU C 137 40.20 17.85 -51.50
N VAL C 138 39.37 18.04 -50.48
CA VAL C 138 39.73 17.87 -49.08
C VAL C 138 38.88 16.80 -48.44
N GLU C 139 39.49 15.75 -47.87
CA GLU C 139 38.70 14.71 -47.21
C GLU C 139 37.81 15.29 -46.10
N THR C 140 36.55 14.91 -46.11
CA THR C 140 35.54 15.46 -45.21
C THR C 140 34.87 14.37 -44.36
N ASP C 141 34.56 14.71 -43.11
CA ASP C 141 33.77 13.81 -42.24
C ASP C 141 32.33 14.31 -42.09
N LEU C 142 31.35 13.40 -42.23
CA LEU C 142 29.93 13.77 -42.17
C LEU C 142 29.18 13.37 -40.88
N ILE C 143 28.32 14.26 -40.41
CA ILE C 143 27.50 13.96 -39.23
C ILE C 143 26.04 14.39 -39.43
N ASN C 144 25.15 13.41 -39.43
CA ASN C 144 23.71 13.66 -39.45
C ASN C 144 23.10 14.36 -38.22
N GLY C 145 21.83 14.73 -38.35
CA GLY C 145 21.12 15.47 -37.33
C GLY C 145 19.64 15.27 -37.59
N GLY C 146 18.84 16.29 -37.30
CA GLY C 146 17.41 16.21 -37.51
C GLY C 146 16.63 16.97 -36.45
N VAL C 147 15.34 16.68 -36.40
CA VAL C 147 14.44 17.42 -35.51
C VAL C 147 13.74 16.48 -34.59
N LEU C 148 13.70 16.86 -33.31
CA LEU C 148 12.89 16.12 -32.36
C LEU C 148 11.53 16.76 -32.28
N VAL C 149 10.53 16.04 -32.80
CA VAL C 149 9.13 16.46 -32.71
C VAL C 149 8.50 16.10 -31.36
N THR C 150 8.42 17.05 -30.44
CA THR C 150 7.81 16.80 -29.15
C THR C 150 6.40 17.37 -29.06
N ASN C 151 5.55 16.74 -28.24
CA ASN C 151 4.23 17.31 -27.94
C ASN C 151 4.25 18.04 -26.59
N LYS C 152 5.41 18.02 -25.92
CA LYS C 152 5.63 18.82 -24.73
C LYS C 152 5.51 20.30 -25.07
N PRO C 153 4.61 21.02 -24.37
CA PRO C 153 4.50 22.46 -24.60
C PRO C 153 5.65 23.24 -23.96
N VAL C 154 6.38 24.00 -24.75
CA VAL C 154 7.46 24.86 -24.25
C VAL C 154 6.89 26.22 -23.90
N ILE C 155 7.50 26.87 -22.91
CA ILE C 155 6.85 27.99 -22.24
C ILE C 155 7.56 29.35 -22.30
N GLU C 156 6.80 30.39 -21.96
CA GLU C 156 7.33 31.72 -21.83
C GLU C 156 8.01 31.85 -20.47
N GLY C 157 8.20 30.75 -19.77
CA GLY C 157 8.86 30.82 -18.48
C GLY C 157 8.11 30.20 -17.32
N TYR C 158 8.20 30.85 -16.17
CA TYR C 158 7.84 30.20 -14.91
C TYR C 158 6.42 30.46 -14.41
N LYS C 159 5.96 29.57 -13.53
CA LYS C 159 4.60 29.57 -13.00
C LYS C 159 4.59 30.00 -11.55
N VAL C 160 3.99 31.16 -11.25
CA VAL C 160 3.82 31.56 -9.86
C VAL C 160 2.41 31.26 -9.38
N SER C 161 2.32 30.54 -8.28
CA SER C 161 1.01 30.05 -7.83
C SER C 161 0.91 29.85 -6.33
N GLY C 162 -0.33 29.70 -5.88
CA GLY C 162 -0.57 29.51 -4.46
C GLY C 162 -2.03 29.46 -4.13
N TYR C 163 -2.33 29.57 -2.83
CA TYR C 163 -3.70 29.47 -2.35
C TYR C 163 -4.09 30.68 -1.52
N ILE C 164 -5.29 31.18 -1.76
CA ILE C 164 -5.81 32.28 -0.93
C ILE C 164 -7.12 31.92 -0.20
N LEU C 165 -7.17 32.27 1.08
CA LEU C 165 -8.36 32.00 1.90
C LEU C 165 -8.90 33.26 2.59
N PRO C 166 -10.22 33.52 2.39
CA PRO C 166 -10.98 34.53 3.13
C PRO C 166 -10.91 34.19 4.61
N ASP C 167 -10.52 35.14 5.44
CA ASP C 167 -10.47 34.87 6.86
C ASP C 167 -11.82 35.11 7.56
N PHE C 168 -12.71 34.13 7.48
CA PHE C 168 -13.98 34.14 8.17
C PHE C 168 -14.75 32.86 7.87
N SER C 169 -15.66 32.46 8.75
CA SER C 169 -16.44 31.24 8.56
C SER C 169 -17.45 31.41 7.43
N PHE C 170 -17.76 30.32 6.73
CA PHE C 170 -18.84 30.33 5.74
C PHE C 170 -19.25 28.90 5.49
N ASP C 171 -20.46 28.72 4.96
CA ASP C 171 -20.97 27.38 4.67
C ASP C 171 -20.24 26.83 3.45
N ALA C 172 -19.82 25.56 3.54
CA ALA C 172 -19.19 24.89 2.42
C ALA C 172 -19.90 25.21 1.11
N THR C 173 -21.21 24.97 1.04
CA THR C 173 -21.94 25.16 -0.21
C THR C 173 -21.61 26.48 -0.89
N VAL C 174 -21.07 27.43 -0.13
CA VAL C 174 -20.90 28.81 -0.63
C VAL C 174 -19.42 29.15 -0.92
N ALA C 175 -18.50 28.31 -0.43
CA ALA C 175 -17.06 28.45 -0.68
C ALA C 175 -16.67 28.75 -2.15
N PRO C 176 -17.23 28.02 -3.12
CA PRO C 176 -17.00 28.39 -4.51
C PRO C 176 -17.07 29.90 -4.75
N LEU C 177 -18.04 30.57 -4.11
CA LEU C 177 -18.20 32.02 -4.31
C LEU C 177 -17.16 32.84 -3.53
N VAL C 178 -17.04 32.57 -2.23
CA VAL C 178 -16.11 33.36 -1.43
C VAL C 178 -14.64 33.10 -1.79
N LYS C 179 -14.37 32.03 -2.52
CA LYS C 179 -12.98 31.64 -2.75
C LYS C 179 -12.47 32.08 -4.12
N ALA C 180 -13.35 32.14 -5.10
CA ALA C 180 -13.00 32.63 -6.42
C ALA C 180 -12.95 34.16 -6.40
N GLY C 181 -12.18 34.77 -7.32
CA GLY C 181 -12.25 36.21 -7.57
C GLY C 181 -11.20 37.11 -6.95
N PHE C 182 -10.29 36.54 -6.17
CA PHE C 182 -9.09 37.27 -5.79
C PHE C 182 -8.16 37.43 -6.99
N LYS C 183 -7.81 38.67 -7.31
CA LYS C 183 -6.89 38.94 -8.39
C LYS C 183 -5.52 39.05 -7.77
N VAL C 184 -4.58 38.21 -8.21
CA VAL C 184 -3.19 38.34 -7.78
C VAL C 184 -2.47 38.93 -8.96
N GLU C 185 -1.76 40.02 -8.76
CA GLU C 185 -1.03 40.60 -9.86
C GLU C 185 0.42 40.87 -9.49
N ILE C 186 1.28 40.80 -10.50
CA ILE C 186 2.72 41.00 -10.29
C ILE C 186 3.02 42.45 -10.60
N VAL C 187 3.29 43.18 -9.54
CA VAL C 187 3.50 44.62 -9.60
C VAL C 187 4.60 44.94 -10.56
N GLY C 188 4.40 46.01 -11.34
CA GLY C 188 5.40 46.47 -12.30
C GLY C 188 5.25 45.80 -13.65
N THR C 189 4.27 44.90 -13.78
CA THR C 189 4.09 44.14 -15.00
C THR C 189 2.61 44.07 -15.28
N GLU C 190 2.24 43.40 -16.38
CA GLU C 190 0.84 43.26 -16.77
C GLU C 190 0.39 41.83 -16.57
N LEU C 191 1.09 41.10 -15.70
CA LEU C 191 0.77 39.72 -15.41
C LEU C 191 -0.09 39.59 -14.15
N TYR C 192 -1.20 38.88 -14.25
CA TYR C 192 -2.03 38.61 -13.09
C TYR C 192 -2.70 37.27 -13.23
N ALA C 193 -3.38 36.88 -12.16
CA ALA C 193 -4.30 35.75 -12.21
C ALA C 193 -5.42 35.94 -11.19
N VAL C 194 -6.54 35.27 -11.45
CA VAL C 194 -7.67 35.22 -10.55
C VAL C 194 -7.90 33.81 -10.00
N THR C 195 -8.13 33.74 -8.68
CA THR C 195 -8.46 32.48 -8.01
C THR C 195 -9.69 31.78 -8.58
N ASP C 196 -9.63 30.45 -8.57
CA ASP C 196 -10.76 29.59 -8.90
C ASP C 196 -11.55 29.25 -7.64
N ALA C 197 -12.61 28.47 -7.85
CA ALA C 197 -13.51 28.07 -6.79
C ALA C 197 -12.81 27.34 -5.65
N ASN C 198 -11.54 27.03 -5.80
CA ASN C 198 -10.81 26.40 -4.70
C ASN C 198 -9.79 27.33 -4.05
N GLY C 199 -9.81 28.60 -4.45
CA GLY C 199 -8.93 29.61 -3.90
C GLY C 199 -7.52 29.51 -4.43
N TYR C 200 -7.38 28.85 -5.58
CA TYR C 200 -6.09 28.60 -6.20
C TYR C 200 -5.87 29.48 -7.43
N PHE C 201 -4.71 30.12 -7.47
CA PHE C 201 -4.33 30.89 -8.64
C PHE C 201 -3.01 30.41 -9.21
N GLU C 202 -2.84 30.55 -10.52
CA GLU C 202 -1.51 30.37 -11.11
C GLU C 202 -1.23 31.38 -12.23
N ILE C 203 -0.27 32.27 -11.98
CA ILE C 203 0.20 33.16 -13.04
C ILE C 203 1.23 32.41 -13.89
N THR C 204 1.00 32.36 -15.20
CA THR C 204 1.97 31.71 -16.06
C THR C 204 2.76 32.71 -16.91
N GLY C 205 3.91 32.29 -17.43
CA GLY C 205 4.69 33.13 -18.31
C GLY C 205 5.46 34.22 -17.59
N VAL C 206 5.93 33.90 -16.40
CA VAL C 206 6.61 34.91 -15.61
C VAL C 206 8.10 34.87 -15.88
N PRO C 207 8.64 35.99 -16.37
CA PRO C 207 10.09 36.04 -16.62
C PRO C 207 10.88 35.77 -15.35
N ALA C 208 11.95 34.99 -15.46
CA ALA C 208 12.86 34.76 -14.34
C ALA C 208 13.22 36.06 -13.64
N ASN C 209 13.21 36.05 -12.31
CA ASN C 209 13.71 37.21 -11.57
C ASN C 209 14.13 36.85 -10.15
N ALA C 210 15.43 36.84 -9.91
CA ALA C 210 15.91 36.34 -8.64
C ALA C 210 16.07 37.50 -7.68
N SER C 211 15.72 38.69 -8.16
CA SER C 211 15.71 39.88 -7.31
C SER C 211 14.43 39.90 -6.49
N GLY C 212 13.44 39.17 -6.97
CA GLY C 212 12.16 39.09 -6.30
C GLY C 212 11.12 39.98 -6.96
N TYR C 213 9.91 39.47 -7.05
CA TYR C 213 8.79 40.26 -7.50
C TYR C 213 7.99 40.74 -6.29
N THR C 214 7.01 41.60 -6.56
CA THR C 214 6.03 41.96 -5.55
C THR C 214 4.63 41.62 -6.03
N LEU C 215 3.92 40.85 -5.20
CA LEU C 215 2.56 40.43 -5.50
C LEU C 215 1.58 41.36 -4.82
N LYS C 216 0.50 41.70 -5.52
CA LYS C 216 -0.60 42.47 -4.94
C LYS C 216 -1.91 41.71 -5.11
N ILE C 217 -2.44 41.24 -3.99
CA ILE C 217 -3.72 40.54 -3.97
C ILE C 217 -4.83 41.55 -3.69
N SER C 218 -5.88 41.53 -4.50
CA SER C 218 -6.94 42.52 -4.37
C SER C 218 -8.34 42.00 -4.76
N ARG C 219 -9.36 42.48 -4.06
CA ARG C 219 -10.73 42.11 -4.38
C ARG C 219 -11.71 43.09 -3.78
N ALA C 220 -12.75 43.42 -4.52
CA ALA C 220 -13.79 44.28 -3.97
C ALA C 220 -14.18 43.89 -2.53
N THR C 221 -14.20 44.87 -1.65
CA THR C 221 -14.62 44.70 -0.25
C THR C 221 -13.50 44.16 0.60
N TYR C 222 -12.38 43.84 -0.05
CA TYR C 222 -11.25 43.28 0.68
C TYR C 222 -10.11 44.27 0.89
N LEU C 223 -9.43 44.10 2.02
CA LEU C 223 -8.22 44.85 2.32
C LEU C 223 -7.05 44.33 1.47
N ASP C 224 -6.64 45.12 0.48
CA ASP C 224 -5.48 44.81 -0.38
C ASP C 224 -4.29 44.30 0.42
N ARG C 225 -3.67 43.21 -0.06
CA ARG C 225 -2.46 42.68 0.57
C ARG C 225 -1.22 42.65 -0.37
N VAL C 226 -0.07 42.98 0.20
CA VAL C 226 1.16 43.01 -0.58
C VAL C 226 2.18 42.00 -0.07
N ILE C 227 2.55 41.07 -0.96
CA ILE C 227 3.64 40.12 -0.67
C ILE C 227 4.89 40.57 -1.43
N ALA C 228 5.92 40.95 -0.68
CA ALA C 228 7.17 41.34 -1.32
C ALA C 228 8.16 40.18 -1.36
N ASN C 229 9.19 40.36 -2.17
CA ASN C 229 10.36 39.48 -2.22
C ASN C 229 10.05 38.05 -2.58
N VAL C 230 9.22 37.88 -3.60
CA VAL C 230 8.98 36.59 -4.21
C VAL C 230 10.07 36.32 -5.26
N VAL C 231 11.18 35.72 -4.85
CA VAL C 231 12.21 35.43 -5.83
C VAL C 231 11.78 34.26 -6.72
N VAL C 232 11.93 34.47 -8.02
CA VAL C 232 11.57 33.47 -9.01
C VAL C 232 12.82 32.97 -9.74
N THR C 233 13.20 31.72 -9.45
CA THR C 233 14.24 31.05 -10.18
C THR C 233 13.70 29.71 -10.64
N GLY C 234 12.66 29.74 -11.47
CA GLY C 234 11.90 28.54 -11.77
C GLY C 234 10.50 28.64 -11.17
N ASP C 235 9.60 27.72 -11.55
CA ASP C 235 8.25 27.65 -10.97
C ASP C 235 8.23 27.94 -9.46
N THR C 236 7.33 28.81 -9.01
CA THR C 236 7.28 29.16 -7.58
C THR C 236 5.91 28.99 -6.92
N SER C 237 5.88 28.47 -5.70
CA SER C 237 4.64 28.35 -4.96
C SER C 237 4.68 29.28 -3.75
N VAL C 238 3.76 30.22 -3.68
CA VAL C 238 3.83 31.22 -2.62
C VAL C 238 3.16 30.72 -1.36
N SER C 239 2.15 29.88 -1.53
CA SER C 239 1.37 29.34 -0.42
C SER C 239 0.83 27.97 -0.79
N THR C 240 0.42 27.22 0.22
CA THR C 240 -0.14 25.88 0.03
C THR C 240 -1.54 25.77 0.60
N SER C 241 -2.36 24.90 0.01
CA SER C 241 -3.77 24.75 0.43
C SER C 241 -3.94 24.62 1.94
N GLN C 242 -3.18 23.74 2.59
CA GLN C 242 -3.31 23.63 4.03
C GLN C 242 -2.76 24.85 4.80
N ALA C 243 -2.11 25.78 4.09
CA ALA C 243 -1.63 27.03 4.73
C ALA C 243 -1.71 28.24 3.81
N PRO C 244 -2.93 28.64 3.44
CA PRO C 244 -3.18 29.67 2.43
C PRO C 244 -2.73 31.07 2.85
N ILE C 245 -2.81 32.00 1.90
CA ILE C 245 -2.65 33.40 2.23
C ILE C 245 -4.04 33.90 2.64
N MET C 246 -4.15 34.41 3.86
CA MET C 246 -5.45 34.88 4.37
C MET C 246 -5.78 36.26 3.81
N MET C 247 -7.04 36.47 3.48
CA MET C 247 -7.50 37.79 3.10
C MET C 247 -8.59 38.31 4.06
N TRP C 248 -8.43 39.54 4.50
CA TRP C 248 -9.35 40.17 5.45
C TRP C 248 -10.42 40.93 4.72
N VAL C 249 -11.68 40.72 5.07
CA VAL C 249 -12.75 41.44 4.40
C VAL C 249 -13.15 42.67 5.21
N GLY C 250 -13.80 43.60 4.53
CA GLY C 250 -14.29 44.77 5.22
C GLY C 250 -13.65 46.08 4.82
N ASP C 251 -12.89 46.10 3.73
CA ASP C 251 -12.47 47.40 3.21
C ASP C 251 -13.47 47.84 2.15
N ILE C 252 -14.70 48.16 2.57
CA ILE C 252 -15.79 48.42 1.63
C ILE C 252 -15.66 49.80 0.97
N VAL C 253 -15.20 50.81 1.71
CA VAL C 253 -14.87 52.05 1.04
C VAL C 253 -13.35 52.09 0.88
N LYS C 254 -12.88 51.67 -0.29
CA LYS C 254 -11.47 51.39 -0.50
C LYS C 254 -10.58 52.55 -0.05
N ASP C 255 -9.85 52.33 1.02
CA ASP C 255 -8.91 53.32 1.55
C ASP C 255 -7.81 52.65 2.37
N ASN C 256 -7.82 51.32 2.37
CA ASN C 256 -6.77 50.55 3.03
C ASN C 256 -6.82 50.62 4.55
N SER C 257 -8.03 50.91 5.06
CA SER C 257 -8.34 50.83 6.47
C SER C 257 -9.70 50.20 6.60
N ILE C 258 -9.86 49.36 7.60
CA ILE C 258 -11.17 48.82 7.96
C ILE C 258 -11.73 49.61 9.17
N ASN C 259 -12.72 50.46 8.91
CA ASN C 259 -13.25 51.36 9.96
C ASN C 259 -14.75 51.69 9.84
N LEU C 260 -15.18 52.76 10.52
CA LEU C 260 -16.60 53.09 10.60
C LEU C 260 -17.21 53.27 9.24
N LEU C 261 -16.49 53.97 8.37
CA LEU C 261 -16.97 54.25 7.03
C LEU C 261 -17.36 52.97 6.31
N ASP C 262 -16.65 51.89 6.62
CA ASP C 262 -16.90 50.60 6.01
C ASP C 262 -18.17 49.94 6.57
N VAL C 263 -18.21 49.82 7.90
CA VAL C 263 -19.36 49.23 8.58
C VAL C 263 -20.64 49.99 8.19
N ALA C 264 -20.51 51.31 8.06
CA ALA C 264 -21.62 52.16 7.65
C ALA C 264 -22.34 51.68 6.39
N GLU C 265 -21.58 51.14 5.44
CA GLU C 265 -22.12 50.71 4.15
C GLU C 265 -23.01 49.49 4.28
N VAL C 266 -22.61 48.57 5.16
CA VAL C 266 -23.36 47.35 5.42
C VAL C 266 -24.67 47.69 6.14
N ILE C 267 -24.57 48.56 7.14
CA ILE C 267 -25.71 49.03 7.90
C ILE C 267 -26.76 49.71 7.00
N ARG C 268 -26.31 50.44 5.99
CA ARG C 268 -27.23 51.01 5.03
C ARG C 268 -28.07 49.92 4.33
N CYS C 269 -27.60 48.68 4.33
CA CYS C 269 -28.31 47.58 3.68
C CYS C 269 -28.82 46.58 4.67
N PHE C 270 -28.80 46.97 5.95
CA PHE C 270 -29.12 46.08 7.04
C PHE C 270 -30.45 45.35 6.87
N ASN C 271 -30.44 44.04 7.07
CA ASN C 271 -31.64 43.22 7.01
C ASN C 271 -32.20 42.99 5.62
N ALA C 272 -31.55 43.54 4.60
CA ALA C 272 -31.94 43.27 3.22
C ALA C 272 -31.77 41.78 2.92
N THR C 273 -32.57 41.25 2.01
CA THR C 273 -32.43 39.85 1.60
C THR C 273 -32.34 39.66 0.08
N LYS C 274 -31.79 38.51 -0.33
CA LYS C 274 -31.62 38.21 -1.75
C LYS C 274 -32.93 38.49 -2.47
N GLY C 275 -32.91 39.49 -3.36
CA GLY C 275 -34.11 39.94 -4.05
C GLY C 275 -34.57 41.28 -3.53
N SER C 276 -34.38 41.51 -2.22
CA SER C 276 -34.65 42.82 -1.63
C SER C 276 -33.95 43.89 -2.46
N ALA C 277 -34.49 45.10 -2.50
CA ALA C 277 -33.86 46.16 -3.26
C ALA C 277 -32.57 46.65 -2.59
N ASN C 278 -32.62 46.80 -1.26
CA ASN C 278 -31.46 47.25 -0.51
C ASN C 278 -30.30 46.24 -0.59
N TYR C 279 -30.56 45.07 -1.18
CA TYR C 279 -29.57 43.97 -1.19
C TYR C 279 -28.42 44.18 -2.17
N VAL C 280 -27.27 43.64 -1.80
CA VAL C 280 -26.06 43.88 -2.55
C VAL C 280 -25.11 42.74 -2.23
N GLU C 281 -24.99 41.80 -3.17
CA GLU C 281 -24.32 40.55 -2.91
C GLU C 281 -22.96 40.68 -2.20
N GLU C 282 -22.11 41.56 -2.70
CA GLU C 282 -20.79 41.65 -2.09
C GLU C 282 -20.87 42.10 -0.63
N LEU C 283 -22.02 42.66 -0.24
CA LEU C 283 -22.20 43.11 1.15
C LEU C 283 -22.73 41.99 2.03
N ASP C 284 -23.41 41.03 1.44
CA ASP C 284 -23.71 39.79 2.14
C ASP C 284 -22.40 39.00 2.30
N ILE C 285 -21.54 39.45 3.22
CA ILE C 285 -20.17 38.94 3.37
C ILE C 285 -20.03 37.42 3.28
N ASN C 286 -20.97 36.70 3.86
CA ASN C 286 -20.87 35.26 3.93
C ASN C 286 -21.88 34.58 3.01
N ARG C 287 -22.52 35.38 2.17
CA ARG C 287 -23.39 34.86 1.13
C ARG C 287 -24.44 33.89 1.63
N ASN C 288 -25.04 34.22 2.78
CA ASN C 288 -26.08 33.36 3.36
C ASN C 288 -27.50 33.79 2.98
N GLY C 289 -27.62 34.87 2.22
CA GLY C 289 -28.90 35.27 1.68
C GLY C 289 -29.45 36.55 2.28
N ALA C 290 -28.76 37.06 3.30
CA ALA C 290 -29.20 38.29 3.97
C ALA C 290 -28.02 39.09 4.49
N ILE C 291 -28.24 40.39 4.71
CA ILE C 291 -27.21 41.24 5.27
C ILE C 291 -27.58 41.65 6.70
N ASN C 292 -26.82 41.17 7.68
CA ASN C 292 -27.22 41.36 9.05
C ASN C 292 -26.06 41.48 10.01
N MET C 293 -26.33 41.39 11.30
CA MET C 293 -25.30 41.64 12.32
C MET C 293 -24.13 40.66 12.19
N GLN C 294 -24.43 39.47 11.69
CA GLN C 294 -23.42 38.44 11.54
C GLN C 294 -22.37 38.80 10.47
N ASP C 295 -22.81 39.45 9.40
CA ASP C 295 -21.90 40.05 8.45
C ASP C 295 -21.03 41.12 9.09
N ILE C 296 -21.65 42.00 9.88
CA ILE C 296 -20.93 43.12 10.44
C ILE C 296 -19.91 42.58 11.41
N MET C 297 -20.21 41.43 12.01
CA MET C 297 -19.31 40.86 13.01
C MET C 297 -18.08 40.30 12.32
N ILE C 298 -18.26 39.84 11.10
CA ILE C 298 -17.12 39.40 10.32
C ILE C 298 -16.16 40.56 10.11
N VAL C 299 -16.69 41.66 9.58
CA VAL C 299 -15.91 42.87 9.42
C VAL C 299 -15.19 43.26 10.72
N HIS C 300 -15.86 43.13 11.85
CA HIS C 300 -15.27 43.56 13.13
C HIS C 300 -14.02 42.77 13.49
N LYS C 301 -13.90 41.57 12.92
CA LYS C 301 -12.70 40.74 13.11
C LYS C 301 -11.42 41.55 12.92
N HIS C 302 -11.42 42.47 11.94
CA HIS C 302 -10.23 43.29 11.65
C HIS C 302 -10.46 44.79 11.71
N PHE C 303 -11.45 45.18 12.51
CA PHE C 303 -11.68 46.58 12.83
C PHE C 303 -10.35 47.26 13.17
N GLY C 304 -10.11 48.42 12.56
CA GLY C 304 -8.90 49.20 12.82
C GLY C 304 -7.69 48.81 11.98
N ALA C 305 -7.81 47.76 11.19
CA ALA C 305 -6.69 47.23 10.44
C ALA C 305 -6.38 48.06 9.20
N THR C 306 -5.10 48.13 8.83
CA THR C 306 -4.71 48.65 7.51
C THR C 306 -3.87 47.59 6.82
N SER C 307 -3.71 47.72 5.50
CA SER C 307 -2.89 46.77 4.74
C SER C 307 -1.59 46.43 5.44
N SER C 308 -0.83 47.44 5.84
CA SER C 308 0.45 47.17 6.50
C SER C 308 0.33 46.14 7.62
N ASP C 309 -0.90 45.88 8.08
CA ASP C 309 -1.12 45.05 9.28
C ASP C 309 -0.95 43.56 9.01
N TYR C 310 -1.08 43.18 7.74
CA TYR C 310 -0.82 41.82 7.37
C TYR C 310 0.63 41.46 7.71
N ASP C 311 1.00 40.20 7.52
CA ASP C 311 2.39 39.80 7.68
C ASP C 311 3.14 39.92 6.34
N ALA C 312 4.45 40.16 6.42
CA ALA C 312 5.29 40.26 5.20
C ALA C 312 5.44 38.93 4.41
N GLN C 313 5.67 37.83 5.15
CA GLN C 313 5.74 36.48 4.57
C GLN C 313 4.37 35.93 4.14
N MET D 22 -26.13 -10.17 -78.48
CA MET D 22 -25.19 -11.25 -78.76
C MET D 22 -25.02 -12.23 -77.59
N GLY D 23 -25.48 -13.46 -77.77
CA GLY D 23 -25.57 -14.40 -76.67
C GLY D 23 -27.01 -14.35 -76.18
N ASP D 24 -27.71 -13.34 -76.70
CA ASP D 24 -29.11 -13.14 -76.39
C ASP D 24 -29.97 -14.13 -77.18
N VAL D 25 -29.97 -15.39 -76.73
CA VAL D 25 -30.62 -16.47 -77.47
C VAL D 25 -32.15 -16.37 -77.61
N ASN D 26 -32.85 -15.87 -76.59
CA ASN D 26 -34.29 -15.75 -76.70
C ASN D 26 -34.66 -14.36 -77.19
N ASP D 27 -33.63 -13.60 -77.55
CA ASP D 27 -33.75 -12.25 -78.10
C ASP D 27 -34.73 -11.35 -77.35
N ASP D 28 -34.32 -10.87 -76.18
CA ASP D 28 -35.13 -9.94 -75.41
C ASP D 28 -34.32 -8.75 -74.89
N GLY D 29 -33.12 -8.58 -75.44
CA GLY D 29 -32.25 -7.50 -75.00
C GLY D 29 -31.22 -7.92 -73.96
N LYS D 30 -31.65 -8.69 -72.97
CA LYS D 30 -30.78 -9.15 -71.89
C LYS D 30 -29.99 -10.39 -72.32
N VAL D 31 -28.88 -10.68 -71.64
CA VAL D 31 -28.16 -11.92 -71.84
C VAL D 31 -27.97 -12.62 -70.50
N ASN D 32 -28.76 -13.65 -70.22
CA ASN D 32 -28.77 -14.23 -68.89
C ASN D 32 -29.00 -15.74 -68.86
N SER D 33 -29.39 -16.26 -67.70
CA SER D 33 -29.53 -17.70 -67.53
C SER D 33 -30.59 -18.28 -68.48
N THR D 34 -31.64 -17.50 -68.74
CA THR D 34 -32.75 -17.97 -69.55
C THR D 34 -32.27 -18.31 -70.95
N ASP D 35 -31.39 -17.48 -71.48
CA ASP D 35 -30.72 -17.77 -72.73
C ASP D 35 -30.04 -19.15 -72.70
N LEU D 36 -29.24 -19.40 -71.69
CA LEU D 36 -28.51 -20.65 -71.60
C LEU D 36 -29.39 -21.90 -71.64
N THR D 37 -30.46 -21.92 -70.85
CA THR D 37 -31.34 -23.10 -70.84
C THR D 37 -32.03 -23.32 -72.18
N LEU D 38 -32.57 -22.25 -72.77
CA LEU D 38 -33.15 -22.32 -74.12
C LEU D 38 -32.09 -22.81 -75.12
N LEU D 39 -30.85 -22.42 -74.92
CA LEU D 39 -29.82 -22.86 -75.83
C LEU D 39 -29.64 -24.36 -75.69
N LYS D 40 -29.64 -24.86 -74.46
CA LYS D 40 -29.46 -26.29 -74.24
C LYS D 40 -30.56 -27.07 -74.93
N ARG D 41 -31.80 -26.71 -74.63
CA ARG D 41 -32.95 -27.33 -75.26
C ARG D 41 -32.93 -27.27 -76.80
N TYR D 42 -32.47 -26.14 -77.34
CA TYR D 42 -32.41 -25.98 -78.79
C TYR D 42 -31.35 -26.90 -79.43
N VAL D 43 -30.27 -27.13 -78.70
CA VAL D 43 -29.20 -27.98 -79.20
C VAL D 43 -29.59 -29.46 -79.16
N LEU D 44 -30.41 -29.84 -78.19
CA LEU D 44 -30.96 -31.18 -78.06
C LEU D 44 -32.06 -31.35 -79.10
N LYS D 45 -32.53 -30.22 -79.65
CA LYS D 45 -33.74 -30.16 -80.48
C LYS D 45 -35.02 -30.48 -79.68
N ALA D 46 -34.99 -30.25 -78.36
CA ALA D 46 -36.18 -30.45 -77.53
C ALA D 46 -37.11 -29.26 -77.74
N VAL D 47 -36.52 -28.21 -78.29
CA VAL D 47 -37.26 -27.11 -78.89
C VAL D 47 -36.76 -26.90 -80.30
N SER D 48 -37.66 -26.44 -81.16
CA SER D 48 -37.27 -25.66 -82.31
C SER D 48 -38.48 -24.82 -82.68
N THR D 49 -38.26 -23.51 -82.76
CA THR D 49 -36.88 -22.99 -82.72
C THR D 49 -36.60 -21.83 -81.75
N LEU D 50 -35.54 -21.10 -82.10
CA LEU D 50 -35.21 -19.81 -81.54
C LEU D 50 -36.10 -18.77 -82.22
N PRO D 51 -36.74 -17.90 -81.43
CA PRO D 51 -37.82 -17.04 -81.91
C PRO D 51 -37.41 -15.92 -82.89
N SER D 52 -36.27 -16.04 -83.55
CA SER D 52 -35.91 -15.00 -84.52
C SER D 52 -34.75 -15.34 -85.46
N SER D 53 -34.63 -14.51 -86.49
CA SER D 53 -33.49 -14.53 -87.38
C SER D 53 -32.26 -14.17 -86.55
N LYS D 54 -32.40 -13.06 -85.81
CA LYS D 54 -31.36 -12.50 -84.95
C LYS D 54 -30.85 -13.55 -83.98
N ALA D 55 -31.74 -14.04 -83.13
CA ALA D 55 -31.41 -15.07 -82.16
C ALA D 55 -30.43 -16.09 -82.73
N GLU D 56 -30.80 -16.69 -83.86
CA GLU D 56 -30.01 -17.78 -84.42
C GLU D 56 -28.55 -17.39 -84.64
N LYS D 57 -28.28 -16.09 -84.68
CA LYS D 57 -26.91 -15.59 -84.86
C LYS D 57 -26.21 -15.40 -83.51
N ASN D 58 -26.92 -14.77 -82.57
CA ASN D 58 -26.42 -14.65 -81.20
C ASN D 58 -25.95 -16.01 -80.70
N ALA D 59 -26.76 -17.02 -80.99
CA ALA D 59 -26.49 -18.39 -80.52
C ALA D 59 -25.09 -18.90 -80.83
N ASP D 60 -24.44 -18.35 -81.85
CA ASP D 60 -23.06 -18.77 -82.11
C ASP D 60 -22.08 -17.80 -81.43
N VAL D 61 -21.39 -18.28 -80.40
CA VAL D 61 -20.62 -17.41 -79.52
C VAL D 61 -19.13 -17.53 -79.77
N ASN D 62 -18.72 -18.69 -80.27
CA ASN D 62 -17.39 -18.86 -80.84
C ASN D 62 -17.46 -18.53 -82.32
N ARG D 63 -18.62 -17.99 -82.72
CA ARG D 63 -18.86 -17.50 -84.07
C ARG D 63 -18.27 -18.43 -85.15
N ASP D 64 -18.52 -19.74 -85.01
CA ASP D 64 -17.95 -20.73 -85.93
C ASP D 64 -18.99 -21.31 -86.91
N GLY D 65 -20.08 -20.59 -87.12
CA GLY D 65 -21.14 -21.04 -88.02
C GLY D 65 -22.12 -21.99 -87.33
N ARG D 66 -21.59 -23.10 -86.83
CA ARG D 66 -22.36 -24.08 -86.08
C ARG D 66 -22.99 -23.50 -84.78
N VAL D 67 -24.10 -24.10 -84.34
CA VAL D 67 -24.69 -23.83 -83.02
C VAL D 67 -24.83 -25.14 -82.25
N ASN D 68 -23.78 -25.50 -81.50
CA ASN D 68 -23.79 -26.75 -80.75
C ASN D 68 -23.21 -26.62 -79.33
N SER D 69 -23.10 -27.76 -78.66
CA SER D 69 -22.67 -27.84 -77.27
C SER D 69 -21.50 -26.92 -76.94
N SER D 70 -20.66 -26.65 -77.93
CA SER D 70 -19.57 -25.71 -77.72
C SER D 70 -20.14 -24.37 -77.30
N ASP D 71 -21.03 -23.83 -78.13
CA ASP D 71 -21.69 -22.59 -77.76
C ASP D 71 -22.24 -22.68 -76.34
N VAL D 72 -22.80 -23.82 -75.98
CA VAL D 72 -23.38 -23.99 -74.64
C VAL D 72 -22.32 -23.80 -73.54
N THR D 73 -21.24 -24.56 -73.61
CA THR D 73 -20.11 -24.39 -72.72
C THR D 73 -19.65 -22.94 -72.64
N ILE D 74 -19.38 -22.34 -73.81
CA ILE D 74 -18.96 -20.94 -73.83
C ILE D 74 -19.94 -20.02 -73.13
N LEU D 75 -21.18 -19.98 -73.60
CA LEU D 75 -22.19 -19.12 -73.00
C LEU D 75 -22.16 -19.29 -71.49
N SER D 76 -22.11 -20.54 -71.05
CA SER D 76 -22.04 -20.86 -69.63
C SER D 76 -20.83 -20.17 -68.96
N ARG D 77 -19.64 -20.43 -69.47
CA ARG D 77 -18.44 -19.75 -68.99
C ARG D 77 -18.60 -18.22 -68.95
N TYR D 78 -19.22 -17.67 -69.96
CA TYR D 78 -19.41 -16.23 -70.01
C TYR D 78 -20.30 -15.74 -68.86
N LEU D 79 -21.41 -16.43 -68.62
CA LEU D 79 -22.40 -16.03 -67.61
C LEU D 79 -21.87 -16.12 -66.20
N ILE D 80 -20.90 -17.01 -66.02
CA ILE D 80 -20.24 -17.24 -64.76
C ILE D 80 -19.06 -16.24 -64.57
N ARG D 81 -18.83 -15.41 -65.59
CA ARG D 81 -17.80 -14.37 -65.60
C ARG D 81 -16.37 -14.87 -65.79
N VAL D 82 -16.21 -16.16 -66.00
CA VAL D 82 -14.90 -16.76 -66.28
C VAL D 82 -14.39 -16.37 -67.67
N ILE D 83 -15.31 -16.15 -68.59
CA ILE D 83 -14.98 -15.53 -69.88
C ILE D 83 -15.56 -14.11 -69.88
N GLU D 84 -14.76 -13.13 -70.28
CA GLU D 84 -15.18 -11.72 -70.24
C GLU D 84 -15.87 -11.20 -71.51
N LYS D 85 -15.38 -11.63 -72.67
CA LYS D 85 -15.81 -11.05 -73.94
C LYS D 85 -16.57 -12.03 -74.84
N LEU D 86 -17.24 -11.51 -75.87
CA LEU D 86 -17.95 -12.32 -76.89
C LEU D 86 -19.33 -12.75 -76.41
N ALA E 18 34.00 -30.69 19.82
CA ALA E 18 35.13 -30.39 18.95
C ALA E 18 35.29 -31.44 17.86
N SER E 19 35.03 -31.05 16.60
CA SER E 19 34.87 -31.98 15.49
C SER E 19 35.97 -31.94 14.44
N SER E 20 36.33 -33.11 13.95
CA SER E 20 37.40 -33.20 12.98
C SER E 20 37.35 -34.51 12.22
N ILE E 21 38.16 -34.56 11.17
CA ILE E 21 38.46 -35.78 10.47
C ILE E 21 39.97 -35.77 10.38
N GLU E 22 40.59 -36.94 10.57
CA GLU E 22 42.03 -36.99 10.79
C GLU E 22 42.74 -38.14 10.06
N LEU E 23 43.95 -37.85 9.61
CA LEU E 23 44.87 -38.90 9.16
C LEU E 23 46.07 -38.96 10.10
N LYS E 24 46.07 -39.96 10.98
CA LYS E 24 47.21 -40.24 11.82
C LYS E 24 47.99 -41.40 11.19
N PHE E 25 49.11 -41.72 11.84
N PHE E 25 49.21 -41.62 11.68
CA PHE E 25 50.15 -42.59 11.29
CA PHE E 25 50.01 -42.74 11.22
C PHE E 25 50.72 -43.49 12.41
C PHE E 25 50.46 -43.54 12.43
N ASP E 26 50.79 -44.80 12.19
CA ASP E 26 51.22 -45.68 13.29
C ASP E 26 52.74 -45.59 13.51
N ARG E 27 53.51 -45.78 12.44
CA ARG E 27 54.97 -45.66 12.53
C ARG E 27 55.49 -44.54 11.61
N ASN E 28 56.21 -43.59 12.22
CA ASN E 28 56.73 -42.40 11.55
C ASN E 28 57.93 -42.69 10.64
N LYS E 29 58.76 -43.64 11.03
CA LYS E 29 59.93 -43.99 10.23
C LYS E 29 59.94 -45.48 9.86
N GLY E 30 60.76 -45.85 8.89
CA GLY E 30 60.84 -47.23 8.45
C GLY E 30 61.91 -47.35 7.38
N GLU E 31 62.10 -48.56 6.84
CA GLU E 31 63.07 -48.77 5.77
C GLU E 31 62.45 -49.51 4.58
N VAL E 32 62.89 -49.17 3.37
CA VAL E 32 62.34 -49.70 2.13
C VAL E 32 61.67 -51.08 2.21
N GLY E 33 60.46 -51.18 1.65
CA GLY E 33 59.68 -52.42 1.67
C GLY E 33 58.78 -52.49 2.89
N ASP E 34 59.00 -51.56 3.82
CA ASP E 34 58.21 -51.46 5.05
C ASP E 34 56.81 -50.89 4.80
N ILE E 35 55.86 -51.33 5.63
CA ILE E 35 54.46 -50.96 5.48
C ILE E 35 53.97 -50.04 6.60
N LEU E 36 53.93 -48.74 6.28
CA LEU E 36 53.36 -47.74 7.18
C LEU E 36 51.83 -47.85 7.16
N ILE E 37 51.18 -47.43 8.25
CA ILE E 37 49.73 -47.54 8.29
C ILE E 37 49.05 -46.22 8.67
N GLY E 38 48.40 -45.64 7.66
CA GLY E 38 47.60 -44.46 7.86
C GLY E 38 46.20 -44.86 8.25
N THR E 39 45.70 -44.27 9.33
CA THR E 39 44.34 -44.53 9.77
C THR E 39 43.55 -43.24 9.62
N VAL E 40 42.40 -43.32 8.98
CA VAL E 40 41.54 -42.16 8.82
C VAL E 40 40.36 -42.32 9.75
N ARG E 41 40.18 -41.36 10.67
CA ARG E 41 39.05 -41.45 11.58
C ARG E 41 38.36 -40.11 11.74
N ILE E 42 37.11 -40.16 12.18
CA ILE E 42 36.32 -38.96 12.35
C ILE E 42 35.97 -38.86 13.81
N ASN E 43 35.89 -37.62 14.30
CA ASN E 43 35.46 -37.38 15.66
C ASN E 43 34.37 -36.33 15.73
N ASN E 44 33.23 -36.72 16.28
CA ASN E 44 32.14 -35.79 16.61
C ASN E 44 31.42 -35.15 15.44
N ILE E 45 31.35 -35.86 14.32
CA ILE E 45 30.60 -35.45 13.15
C ILE E 45 29.13 -35.78 13.37
N LYS E 46 28.33 -34.77 13.71
CA LYS E 46 26.93 -34.96 14.11
C LYS E 46 26.06 -35.57 13.02
N ASN E 47 25.48 -36.73 13.32
CA ASN E 47 24.58 -37.39 12.39
C ASN E 47 25.22 -37.92 11.13
N PHE E 48 26.54 -38.11 11.19
CA PHE E 48 27.34 -38.69 10.12
C PHE E 48 26.66 -39.87 9.40
N ALA E 49 26.50 -39.77 8.08
CA ALA E 49 25.93 -40.88 7.31
C ALA E 49 26.69 -41.21 6.03
N GLY E 50 27.83 -40.55 5.83
CA GLY E 50 28.65 -40.85 4.68
C GLY E 50 29.74 -39.82 4.47
N PHE E 51 30.62 -40.08 3.52
CA PHE E 51 31.71 -39.16 3.25
C PHE E 51 32.30 -39.50 1.90
N GLN E 52 33.08 -38.56 1.36
CA GLN E 52 34.02 -38.83 0.28
C GLN E 52 35.33 -38.11 0.62
N VAL E 53 36.45 -38.70 0.23
CA VAL E 53 37.76 -38.12 0.52
C VAL E 53 38.71 -38.25 -0.64
N ASN E 54 39.59 -37.28 -0.73
CA ASN E 54 40.66 -37.32 -1.72
C ASN E 54 42.01 -37.18 -1.04
N ILE E 55 42.83 -38.23 -1.14
CA ILE E 55 44.14 -38.25 -0.52
C ILE E 55 45.23 -38.36 -1.57
N VAL E 56 46.19 -37.44 -1.53
CA VAL E 56 47.29 -37.47 -2.46
C VAL E 56 48.54 -37.99 -1.78
N TYR E 57 49.38 -38.66 -2.55
CA TYR E 57 50.63 -39.17 -2.02
C TYR E 57 51.59 -39.33 -3.17
N ASP E 58 52.88 -39.39 -2.84
CA ASP E 58 53.92 -39.53 -3.85
C ASP E 58 54.07 -40.99 -4.29
N PRO E 59 53.68 -41.29 -5.54
CA PRO E 59 53.69 -42.67 -6.06
C PRO E 59 55.09 -43.23 -6.29
N LYS E 60 56.10 -42.36 -6.26
CA LYS E 60 57.48 -42.78 -6.46
C LYS E 60 58.14 -43.19 -5.12
N VAL E 61 57.71 -42.54 -4.04
CA VAL E 61 58.16 -42.88 -2.69
C VAL E 61 57.35 -44.02 -2.07
N LEU E 62 56.04 -44.01 -2.28
CA LEU E 62 55.15 -44.93 -1.59
C LEU E 62 54.28 -45.74 -2.55
N MET E 63 53.70 -46.82 -2.03
CA MET E 63 52.80 -47.66 -2.81
C MET E 63 51.56 -47.98 -1.98
N ALA E 64 50.43 -47.39 -2.36
CA ALA E 64 49.17 -47.68 -1.69
C ALA E 64 48.95 -49.18 -1.71
N VAL E 65 48.73 -49.73 -0.53
CA VAL E 65 48.67 -51.17 -0.38
C VAL E 65 47.71 -51.49 0.76
N ASP E 66 47.04 -52.64 0.68
CA ASP E 66 46.13 -53.04 1.74
C ASP E 66 46.90 -53.15 3.07
N PRO E 67 46.38 -52.54 4.13
CA PRO E 67 47.12 -52.51 5.40
C PRO E 67 47.48 -53.90 5.94
N GLU E 68 46.67 -54.91 5.66
CA GLU E 68 47.02 -56.27 6.08
C GLU E 68 47.69 -57.09 4.96
N THR E 69 46.90 -57.53 3.97
CA THR E 69 47.43 -58.40 2.91
C THR E 69 48.60 -57.82 2.10
N GLY E 70 48.80 -56.51 2.17
CA GLY E 70 49.81 -55.87 1.34
C GLY E 70 49.56 -55.90 -0.18
N LYS E 71 48.40 -56.40 -0.61
CA LYS E 71 48.04 -56.31 -2.02
C LYS E 71 47.99 -54.85 -2.47
N GLU E 72 48.65 -54.56 -3.59
CA GLU E 72 48.71 -53.18 -4.09
C GLU E 72 47.31 -52.65 -4.42
N PHE E 73 47.09 -51.37 -4.12
CA PHE E 73 45.85 -50.72 -4.48
C PHE E 73 45.70 -50.64 -5.99
N THR E 74 44.54 -51.05 -6.47
CA THR E 74 44.13 -50.77 -7.83
C THR E 74 43.20 -49.54 -7.80
N SER E 75 42.75 -49.12 -8.97
CA SER E 75 41.88 -47.94 -9.08
C SER E 75 40.54 -48.12 -8.37
N SER E 76 40.09 -49.37 -8.23
CA SER E 76 38.76 -49.62 -7.71
C SER E 76 38.78 -50.18 -6.30
N THR E 77 39.89 -49.97 -5.59
CA THR E 77 40.08 -50.62 -4.30
C THR E 77 39.62 -49.79 -3.11
N PHE E 78 38.69 -50.33 -2.33
CA PHE E 78 38.15 -49.63 -1.17
C PHE E 78 38.79 -50.03 0.16
N PRO E 79 39.48 -49.07 0.80
CA PRO E 79 40.25 -49.33 2.02
C PRO E 79 39.39 -49.97 3.09
N PRO E 80 39.94 -50.98 3.79
CA PRO E 80 39.23 -51.74 4.81
C PRO E 80 39.44 -51.16 6.20
N GLY E 81 38.70 -51.68 7.17
CA GLY E 81 38.96 -51.42 8.58
C GLY E 81 38.10 -50.42 9.30
N ARG E 82 37.03 -49.97 8.66
CA ARG E 82 36.18 -48.96 9.28
C ARG E 82 35.43 -49.58 10.45
N THR E 83 34.89 -48.74 11.32
CA THR E 83 34.18 -49.23 12.50
C THR E 83 32.91 -48.43 12.64
N VAL E 84 32.56 -47.76 11.55
CA VAL E 84 31.31 -47.03 11.46
C VAL E 84 30.57 -47.39 10.16
N LEU E 85 29.27 -47.14 10.13
CA LEU E 85 28.45 -47.38 8.93
C LEU E 85 28.57 -48.82 8.45
N LYS E 86 28.16 -49.74 9.31
CA LYS E 86 28.32 -51.17 9.03
C LYS E 86 27.03 -51.85 9.38
N ASN E 87 26.03 -51.07 9.73
CA ASN E 87 24.71 -51.60 9.98
C ASN E 87 24.01 -51.81 8.65
N ASN E 88 23.94 -53.06 8.18
CA ASN E 88 23.42 -53.36 6.83
C ASN E 88 21.91 -53.12 6.70
N ALA E 89 21.28 -52.82 7.82
CA ALA E 89 19.89 -52.42 7.81
C ALA E 89 19.68 -51.17 6.93
N TYR E 90 20.76 -50.47 6.63
CA TYR E 90 20.65 -49.18 5.94
C TYR E 90 21.45 -49.14 4.64
N GLY E 91 21.90 -50.30 4.19
CA GLY E 91 22.45 -50.47 2.85
C GLY E 91 23.68 -49.65 2.50
N PRO E 92 24.79 -49.86 3.23
CA PRO E 92 26.04 -49.17 2.95
C PRO E 92 26.51 -49.43 1.52
N ILE E 93 27.11 -48.43 0.88
CA ILE E 93 27.69 -48.64 -0.42
C ILE E 93 29.07 -48.05 -0.41
N GLN E 94 29.93 -48.63 -1.25
CA GLN E 94 31.34 -48.32 -1.28
C GLN E 94 31.74 -47.97 -2.69
N ILE E 95 32.20 -46.76 -2.90
CA ILE E 95 32.68 -46.34 -4.21
C ILE E 95 34.16 -46.02 -4.09
N ALA E 96 34.94 -46.59 -4.99
CA ALA E 96 36.35 -46.28 -5.06
C ALA E 96 36.74 -45.85 -6.47
N ASP E 97 37.53 -44.78 -6.55
CA ASP E 97 38.01 -44.23 -7.81
C ASP E 97 39.42 -43.73 -7.59
N ASN E 98 40.37 -44.66 -7.67
CA ASN E 98 41.75 -44.36 -7.33
C ASN E 98 42.64 -44.20 -8.55
N ASP E 99 43.67 -43.36 -8.40
CA ASP E 99 44.77 -43.35 -9.35
C ASP E 99 46.11 -43.56 -8.67
N PRO E 100 46.44 -44.84 -8.38
CA PRO E 100 47.75 -45.23 -7.83
C PRO E 100 48.89 -44.66 -8.68
N GLU E 101 48.83 -44.89 -9.99
CA GLU E 101 49.90 -44.46 -10.89
C GLU E 101 50.19 -42.96 -10.79
N LYS E 102 49.29 -42.18 -10.19
CA LYS E 102 49.50 -40.75 -10.01
C LYS E 102 49.44 -40.36 -8.51
N GLY E 103 49.12 -41.33 -7.67
CA GLY E 103 49.10 -41.08 -6.24
C GLY E 103 47.85 -40.35 -5.83
N ILE E 104 46.72 -40.79 -6.39
CA ILE E 104 45.43 -40.29 -5.94
C ILE E 104 44.67 -41.42 -5.25
N LEU E 105 44.22 -41.13 -4.04
CA LEU E 105 43.24 -41.98 -3.39
C LEU E 105 41.92 -41.25 -3.30
N ASN E 106 40.90 -41.75 -4.02
CA ASN E 106 39.56 -41.20 -3.92
C ASN E 106 38.58 -42.30 -3.61
N PHE E 107 37.82 -42.15 -2.53
CA PHE E 107 36.83 -43.16 -2.22
C PHE E 107 35.72 -42.58 -1.35
N ALA E 108 34.59 -43.26 -1.31
CA ALA E 108 33.47 -42.75 -0.54
C ALA E 108 32.55 -43.87 -0.10
N LEU E 109 31.73 -43.57 0.90
CA LEU E 109 30.89 -44.57 1.50
C LEU E 109 29.71 -43.90 2.17
N ALA E 110 28.55 -44.56 2.12
CA ALA E 110 27.34 -43.98 2.70
C ALA E 110 26.27 -45.04 2.91
N TYR E 111 25.35 -44.74 3.82
CA TYR E 111 24.12 -45.50 3.94
C TYR E 111 23.19 -45.14 2.78
N SER E 112 22.46 -46.11 2.25
CA SER E 112 21.52 -45.84 1.18
C SER E 112 20.23 -45.39 1.82
N TYR E 113 19.79 -46.13 2.83
CA TYR E 113 18.49 -45.90 3.44
C TYR E 113 18.59 -44.99 4.67
N ILE E 114 18.97 -43.73 4.46
CA ILE E 114 19.27 -42.83 5.57
C ILE E 114 18.05 -42.43 6.41
N ALA E 115 16.87 -42.58 5.84
CA ALA E 115 15.64 -42.37 6.60
C ALA E 115 15.55 -43.35 7.75
N GLY E 116 15.79 -44.63 7.46
CA GLY E 116 15.76 -45.65 8.49
C GLY E 116 16.80 -45.33 9.55
N TYR E 117 18.03 -45.07 9.09
CA TYR E 117 19.12 -44.66 9.95
C TYR E 117 18.66 -43.55 10.89
N LYS E 118 18.16 -42.48 10.31
CA LYS E 118 17.72 -41.32 11.09
C LYS E 118 16.48 -41.58 11.98
N GLU E 119 15.65 -42.54 11.57
CA GLU E 119 14.44 -42.86 12.32
C GLU E 119 14.81 -43.47 13.66
N THR E 120 15.78 -44.39 13.66
CA THR E 120 16.23 -45.01 14.91
C THR E 120 16.81 -44.00 15.90
N GLY E 121 17.26 -42.85 15.38
CA GLY E 121 17.67 -41.75 16.23
C GLY E 121 19.02 -41.93 16.92
N VAL E 122 19.79 -42.91 16.45
CA VAL E 122 21.12 -43.15 17.02
C VAL E 122 22.23 -42.90 16.02
N ALA E 123 22.96 -41.81 16.23
CA ALA E 123 23.98 -41.42 15.28
C ALA E 123 25.34 -42.06 15.60
N GLU E 124 26.05 -42.47 14.56
CA GLU E 124 27.41 -42.96 14.72
C GLU E 124 28.35 -41.81 14.38
N GLU E 125 28.82 -41.09 15.41
CA GLU E 125 29.52 -39.83 15.21
C GLU E 125 31.04 -39.88 15.29
N SER E 126 31.58 -40.96 15.84
CA SER E 126 33.03 -41.11 15.96
C SER E 126 33.46 -42.53 15.65
N GLY E 127 34.62 -42.67 15.01
CA GLY E 127 35.13 -43.98 14.65
C GLY E 127 36.11 -43.94 13.50
N ILE E 128 36.44 -45.11 12.98
CA ILE E 128 37.37 -45.23 11.87
C ILE E 128 36.62 -45.40 10.56
N ILE E 129 37.04 -44.68 9.54
CA ILE E 129 36.44 -44.85 8.22
C ILE E 129 37.39 -45.53 7.23
N ALA E 130 38.67 -45.60 7.56
CA ALA E 130 39.62 -46.29 6.69
C ALA E 130 40.99 -46.50 7.31
N LYS E 131 41.55 -47.69 7.08
CA LYS E 131 42.97 -47.99 7.31
C LYS E 131 43.59 -48.22 5.94
N ILE E 132 44.71 -47.56 5.68
CA ILE E 132 45.40 -47.72 4.40
C ILE E 132 46.91 -47.91 4.59
N GLY E 133 47.48 -48.84 3.84
CA GLY E 133 48.91 -49.07 3.91
C GLY E 133 49.69 -48.46 2.78
N PHE E 134 50.84 -47.88 3.12
CA PHE E 134 51.78 -47.37 2.13
C PHE E 134 53.16 -48.03 2.30
N LYS E 135 53.60 -48.79 1.29
CA LYS E 135 54.91 -49.45 1.32
C LYS E 135 56.00 -48.47 0.89
N ILE E 136 57.11 -48.45 1.63
CA ILE E 136 58.22 -47.56 1.32
C ILE E 136 59.02 -48.10 0.13
N LEU E 137 59.46 -47.19 -0.74
CA LEU E 137 60.21 -47.54 -1.95
C LEU E 137 61.49 -46.73 -2.00
N GLN E 138 61.60 -45.81 -1.04
CA GLN E 138 62.70 -44.85 -1.00
C GLN E 138 62.69 -44.21 0.38
N LYS E 139 63.83 -44.19 1.04
CA LYS E 139 63.87 -43.63 2.39
C LYS E 139 63.86 -42.09 2.41
N LYS E 140 63.37 -41.47 1.33
CA LYS E 140 63.30 -39.99 1.22
C LYS E 140 62.25 -39.35 2.14
N SER E 141 62.29 -38.02 2.26
CA SER E 141 61.31 -37.30 3.06
C SER E 141 60.07 -36.95 2.23
N THR E 142 58.88 -37.12 2.80
CA THR E 142 57.64 -37.03 2.03
C THR E 142 56.41 -36.76 2.90
N ALA E 143 55.30 -36.42 2.24
CA ALA E 143 54.02 -36.21 2.92
C ALA E 143 52.85 -36.88 2.21
N VAL E 144 51.80 -37.19 2.98
CA VAL E 144 50.51 -37.55 2.39
C VAL E 144 49.47 -36.64 3.02
N LYS E 145 48.53 -36.16 2.20
CA LYS E 145 47.53 -35.22 2.68
C LYS E 145 46.18 -35.36 2.01
N PHE E 146 45.17 -34.84 2.70
CA PHE E 146 43.87 -34.59 2.12
C PHE E 146 44.03 -33.36 1.25
N GLN E 147 43.60 -33.45 0.00
CA GLN E 147 43.80 -32.33 -0.89
C GLN E 147 42.58 -32.11 -1.76
N ASP E 148 42.21 -30.85 -1.94
CA ASP E 148 41.10 -30.48 -2.80
C ASP E 148 41.27 -31.04 -4.20
N THR E 149 40.17 -31.19 -4.93
CA THR E 149 40.24 -31.55 -6.34
C THR E 149 38.99 -31.07 -7.09
N LEU E 150 39.03 -31.24 -8.40
CA LEU E 150 37.92 -30.84 -9.26
C LEU E 150 36.68 -31.68 -8.97
N SER E 151 36.90 -32.97 -8.75
CA SER E 151 35.81 -33.90 -8.51
C SER E 151 34.95 -33.47 -7.33
N MET E 152 35.50 -32.61 -6.47
CA MET E 152 34.77 -32.20 -5.26
C MET E 152 34.78 -30.70 -5.01
N PRO E 153 33.95 -29.97 -5.76
CA PRO E 153 33.74 -28.55 -5.50
C PRO E 153 33.04 -28.38 -4.15
N GLY E 154 33.48 -27.40 -3.35
CA GLY E 154 32.89 -27.16 -2.04
C GLY E 154 33.49 -28.01 -0.93
N ALA E 155 34.51 -28.81 -1.28
CA ALA E 155 35.11 -29.72 -0.34
C ALA E 155 36.00 -28.98 0.65
N ILE E 156 36.04 -29.49 1.88
CA ILE E 156 36.98 -29.00 2.87
C ILE E 156 38.29 -29.80 2.83
N SER E 157 39.32 -29.18 2.27
CA SER E 157 40.64 -29.80 2.15
C SER E 157 40.61 -31.19 1.54
N GLY E 158 39.68 -31.44 0.62
CA GLY E 158 39.62 -32.73 -0.05
C GLY E 158 38.63 -33.67 0.62
N THR E 159 37.86 -33.14 1.56
CA THR E 159 36.91 -33.97 2.27
C THR E 159 35.49 -33.43 2.22
N GLN E 160 34.54 -34.32 2.11
CA GLN E 160 33.15 -33.94 2.15
C GLN E 160 32.41 -34.99 2.95
N LEU E 161 31.65 -34.54 3.95
CA LEU E 161 30.95 -35.46 4.84
C LEU E 161 29.46 -35.16 4.88
N PHE E 162 28.65 -36.21 4.98
CA PHE E 162 27.22 -36.02 4.91
C PHE E 162 26.54 -36.53 6.15
N ASP E 163 25.48 -35.82 6.54
CA ASP E 163 24.64 -36.22 7.68
C ASP E 163 23.50 -37.09 7.17
N TRP E 164 22.62 -37.52 8.06
CA TRP E 164 21.57 -38.45 7.67
C TRP E 164 20.36 -37.77 7.03
N ASP E 165 20.49 -36.47 6.77
CA ASP E 165 19.47 -35.73 6.07
C ASP E 165 19.87 -35.63 4.60
N GLY E 166 21.08 -36.06 4.28
CA GLY E 166 21.60 -35.99 2.93
C GLY E 166 22.34 -34.69 2.66
N GLU E 167 22.42 -33.84 3.68
CA GLU E 167 23.11 -32.57 3.57
C GLU E 167 24.60 -32.75 3.83
N VAL E 168 25.44 -31.86 3.29
CA VAL E 168 26.84 -31.88 3.69
C VAL E 168 26.96 -31.25 5.07
N ILE E 169 28.00 -31.65 5.80
CA ILE E 169 28.30 -31.10 7.11
C ILE E 169 29.53 -30.24 6.98
N THR E 170 29.54 -29.10 7.68
CA THR E 170 30.74 -28.29 7.77
C THR E 170 31.06 -27.97 9.24
N GLY E 171 32.17 -27.30 9.49
CA GLY E 171 32.52 -26.88 10.84
C GLY E 171 33.68 -27.69 11.40
N TYR E 172 33.75 -28.95 11.00
CA TYR E 172 34.84 -29.83 11.40
C TYR E 172 36.19 -29.37 10.88
N GLU E 173 37.24 -29.92 11.46
CA GLU E 173 38.61 -29.59 11.09
C GLU E 173 39.31 -30.78 10.45
N VAL E 174 40.08 -30.50 9.41
CA VAL E 174 40.86 -31.53 8.73
C VAL E 174 42.28 -31.57 9.28
N ILE E 175 42.58 -32.60 10.07
CA ILE E 175 43.90 -32.79 10.66
C ILE E 175 44.83 -33.64 9.79
N GLN E 176 45.85 -33.02 9.21
CA GLN E 176 46.76 -33.70 8.30
C GLN E 176 47.89 -34.35 9.08
N PRO E 177 48.43 -35.46 8.56
CA PRO E 177 49.53 -36.13 9.26
C PRO E 177 50.82 -35.34 9.08
N ASP E 178 51.68 -35.36 10.11
CA ASP E 178 52.98 -34.70 10.07
C ASP E 178 53.89 -35.35 9.04
N VAL E 179 54.69 -34.55 8.37
CA VAL E 179 55.50 -35.00 7.25
C VAL E 179 56.37 -36.20 7.59
N LEU E 180 56.43 -37.17 6.70
CA LEU E 180 57.14 -38.42 6.96
C LEU E 180 58.58 -38.44 6.45
N SER E 181 59.52 -38.05 7.30
CA SER E 181 60.94 -38.08 6.95
C SER E 181 61.55 -39.44 7.24
N LEU E 182 62.09 -40.07 6.21
CA LEU E 182 62.52 -41.46 6.32
C LEU E 182 64.03 -41.59 6.19
N PRO F 6 -45.83 -12.91 -49.53
CA PRO F 6 -46.86 -12.81 -50.59
C PRO F 6 -47.24 -14.20 -51.11
N ASN F 7 -46.71 -14.54 -52.29
CA ASN F 7 -46.74 -15.91 -52.81
C ASN F 7 -46.00 -16.00 -54.13
N LYS F 8 -45.30 -14.93 -54.48
CA LYS F 8 -44.43 -14.93 -55.65
C LYS F 8 -43.06 -15.50 -55.31
N LEU F 9 -42.32 -15.86 -56.34
CA LEU F 9 -40.99 -16.41 -56.15
C LEU F 9 -40.11 -15.38 -55.45
N THR F 10 -39.53 -15.75 -54.33
CA THR F 10 -38.53 -14.89 -53.71
C THR F 10 -37.23 -15.63 -53.36
N LEU F 11 -36.11 -14.94 -53.59
CA LEU F 11 -34.79 -15.48 -53.32
C LEU F 11 -34.24 -14.83 -52.05
N LYS F 12 -33.89 -15.63 -51.06
CA LYS F 12 -33.46 -15.08 -49.76
C LYS F 12 -32.09 -15.56 -49.28
N ILE F 13 -31.18 -14.62 -49.06
CA ILE F 13 -29.88 -14.92 -48.43
C ILE F 13 -30.07 -15.06 -46.93
N GLY F 14 -29.82 -16.27 -46.42
CA GLY F 14 -30.00 -16.55 -45.00
C GLY F 14 -29.06 -15.84 -44.03
N ARG F 15 -29.04 -16.35 -42.80
CA ARG F 15 -28.16 -15.82 -41.77
C ARG F 15 -27.45 -16.92 -40.99
N ALA F 16 -26.36 -16.54 -40.35
CA ALA F 16 -25.58 -17.46 -39.53
C ALA F 16 -24.62 -16.67 -38.65
N GLU F 17 -24.11 -17.32 -37.62
CA GLU F 17 -23.16 -16.64 -36.76
C GLU F 17 -22.01 -17.52 -36.29
N GLY F 18 -20.86 -16.88 -36.15
CA GLY F 18 -19.68 -17.56 -35.68
C GLY F 18 -18.64 -16.57 -35.24
N ARG F 19 -17.60 -17.10 -34.59
CA ARG F 19 -16.45 -16.31 -34.18
C ARG F 19 -15.40 -16.32 -35.27
N PRO F 20 -14.40 -15.44 -35.15
CA PRO F 20 -13.25 -15.57 -36.04
C PRO F 20 -12.73 -16.99 -35.99
N GLY F 21 -12.34 -17.51 -37.15
CA GLY F 21 -11.83 -18.87 -37.27
C GLY F 21 -12.91 -19.94 -37.34
N ASP F 22 -14.16 -19.54 -37.10
CA ASP F 22 -15.26 -20.47 -37.22
C ASP F 22 -15.66 -20.68 -38.70
N THR F 23 -16.24 -21.84 -38.99
CA THR F 23 -16.74 -22.15 -40.33
C THR F 23 -18.29 -22.12 -40.34
N VAL F 24 -18.86 -21.22 -41.13
CA VAL F 24 -20.31 -21.01 -41.12
C VAL F 24 -21.00 -21.42 -42.41
N GLU F 25 -22.24 -21.89 -42.29
CA GLU F 25 -23.05 -22.18 -43.44
C GLU F 25 -24.19 -21.17 -43.56
N ILE F 26 -24.14 -20.38 -44.62
CA ILE F 26 -25.18 -19.40 -44.96
C ILE F 26 -26.07 -19.95 -46.07
N PRO F 27 -27.33 -20.27 -45.75
CA PRO F 27 -28.18 -20.91 -46.76
C PRO F 27 -28.80 -19.90 -47.72
N VAL F 28 -29.07 -20.34 -48.96
CA VAL F 28 -29.83 -19.56 -49.94
C VAL F 28 -31.14 -20.29 -50.26
N ASN F 29 -32.28 -19.67 -49.92
CA ASN F 29 -33.60 -20.31 -50.08
C ASN F 29 -34.42 -19.81 -51.26
N LEU F 30 -35.17 -20.74 -51.87
CA LEU F 30 -36.23 -20.37 -52.79
C LEU F 30 -37.59 -20.55 -52.14
N TYR F 31 -38.37 -19.46 -52.10
CA TYR F 31 -39.76 -19.53 -51.68
C TYR F 31 -40.64 -19.07 -52.83
N GLY F 32 -41.84 -19.62 -52.89
CA GLY F 32 -42.84 -19.18 -53.83
C GLY F 32 -42.61 -19.81 -55.18
N VAL F 33 -42.10 -21.03 -55.14
CA VAL F 33 -41.79 -21.75 -56.36
C VAL F 33 -43.06 -22.10 -57.12
N PRO F 34 -43.18 -21.62 -58.36
CA PRO F 34 -44.30 -21.91 -59.26
C PRO F 34 -44.55 -23.40 -59.44
N GLN F 35 -45.80 -23.76 -59.74
CA GLN F 35 -46.17 -25.18 -59.91
C GLN F 35 -45.41 -25.85 -61.07
N LYS F 36 -45.26 -25.15 -62.19
CA LYS F 36 -44.56 -25.69 -63.35
C LYS F 36 -43.04 -25.73 -63.14
N GLY F 37 -42.57 -25.05 -62.10
CA GLY F 37 -41.18 -25.12 -61.71
C GLY F 37 -40.24 -24.10 -62.32
N ILE F 38 -39.05 -23.99 -61.71
CA ILE F 38 -38.03 -23.05 -62.15
C ILE F 38 -36.95 -23.83 -62.85
N ALA F 39 -36.57 -23.41 -64.06
CA ALA F 39 -35.55 -24.15 -64.81
C ALA F 39 -34.28 -23.35 -65.11
N SER F 40 -34.28 -22.05 -64.83
CA SER F 40 -33.12 -21.21 -65.06
C SER F 40 -32.97 -20.21 -63.91
N GLY F 41 -31.77 -19.66 -63.75
CA GLY F 41 -31.57 -18.63 -62.74
C GLY F 41 -30.14 -18.16 -62.67
N ASP F 42 -29.96 -16.85 -62.53
CA ASP F 42 -28.63 -16.28 -62.33
C ASP F 42 -28.67 -14.96 -61.55
N PHE F 43 -27.66 -14.74 -60.72
CA PHE F 43 -27.57 -13.54 -59.88
C PHE F 43 -26.20 -13.44 -59.23
N VAL F 44 -25.75 -12.22 -59.00
CA VAL F 44 -24.47 -12.01 -58.32
C VAL F 44 -24.66 -11.63 -56.86
N VAL F 45 -24.02 -12.34 -55.95
CA VAL F 45 -24.04 -11.97 -54.54
C VAL F 45 -22.72 -11.30 -54.16
N SER F 46 -22.79 -10.17 -53.48
CA SER F 46 -21.59 -9.51 -52.96
C SER F 46 -21.37 -9.79 -51.46
N TYR F 47 -20.11 -9.77 -51.04
CA TYR F 47 -19.76 -10.08 -49.65
C TYR F 47 -18.50 -9.33 -49.25
N ASP F 48 -18.08 -9.52 -48.00
CA ASP F 48 -16.86 -8.88 -47.50
C ASP F 48 -15.70 -9.86 -47.31
N PRO F 49 -14.71 -9.80 -48.22
CA PRO F 49 -13.56 -10.70 -48.25
C PRO F 49 -12.57 -10.49 -47.09
N ASN F 50 -12.63 -9.34 -46.42
CA ASN F 50 -11.81 -9.14 -45.23
C ASN F 50 -12.43 -9.83 -44.03
N VAL F 51 -13.74 -10.01 -44.08
CA VAL F 51 -14.45 -10.70 -43.00
C VAL F 51 -14.67 -12.18 -43.29
N LEU F 52 -15.02 -12.50 -44.53
CA LEU F 52 -15.30 -13.87 -44.91
C LEU F 52 -14.35 -14.39 -45.99
N GLU F 53 -14.02 -15.66 -45.90
CA GLU F 53 -13.32 -16.33 -46.98
C GLU F 53 -14.20 -17.49 -47.46
N ILE F 54 -14.74 -17.34 -48.67
CA ILE F 54 -15.60 -18.36 -49.22
C ILE F 54 -14.76 -19.61 -49.50
N ILE F 55 -15.24 -20.73 -48.98
CA ILE F 55 -14.60 -22.02 -49.19
C ILE F 55 -15.19 -22.80 -50.37
N GLU F 56 -16.46 -23.16 -50.28
CA GLU F 56 -17.18 -23.74 -51.41
C GLU F 56 -18.63 -23.29 -51.36
N ILE F 57 -19.30 -23.37 -52.50
CA ILE F 57 -20.74 -23.19 -52.54
C ILE F 57 -21.35 -24.55 -52.86
N GLU F 58 -22.06 -25.12 -51.92
CA GLU F 58 -22.71 -26.40 -52.18
C GLU F 58 -24.09 -26.20 -52.81
N PRO F 59 -24.42 -26.98 -53.85
CA PRO F 59 -25.79 -27.02 -54.39
C PRO F 59 -26.82 -27.52 -53.37
N GLY F 60 -27.97 -26.87 -53.29
CA GLY F 60 -28.95 -27.20 -52.28
C GLY F 60 -29.77 -28.42 -52.62
N GLU F 61 -30.60 -28.85 -51.67
CA GLU F 61 -31.54 -29.97 -51.88
C GLU F 61 -32.39 -29.76 -53.13
N LEU F 62 -32.68 -28.49 -53.46
CA LEU F 62 -33.52 -28.19 -54.62
C LEU F 62 -32.93 -28.69 -55.94
N ILE F 63 -31.61 -28.71 -56.04
CA ILE F 63 -30.96 -29.07 -57.29
C ILE F 63 -30.96 -30.56 -57.46
N VAL F 64 -31.86 -31.08 -58.30
CA VAL F 64 -32.21 -32.50 -58.28
C VAL F 64 -31.60 -33.33 -59.41
N ASP F 65 -30.78 -32.67 -60.24
CA ASP F 65 -29.96 -33.36 -61.24
C ASP F 65 -29.09 -34.40 -60.50
N PRO F 66 -29.04 -35.64 -61.00
CA PRO F 66 -28.19 -36.70 -60.43
C PRO F 66 -26.70 -36.30 -60.27
N ASN F 67 -26.25 -35.31 -61.05
CA ASN F 67 -24.94 -34.68 -60.87
C ASN F 67 -25.08 -33.17 -60.84
N PRO F 68 -25.45 -32.62 -59.67
CA PRO F 68 -25.88 -31.23 -59.49
C PRO F 68 -24.97 -30.20 -60.16
N THR F 69 -23.67 -30.47 -60.20
CA THR F 69 -22.72 -29.51 -60.73
C THR F 69 -22.95 -29.26 -62.20
N LYS F 70 -23.68 -30.17 -62.83
CA LYS F 70 -24.05 -30.00 -64.24
C LYS F 70 -25.10 -28.89 -64.42
N SER F 71 -26.09 -28.85 -63.53
CA SER F 71 -27.15 -27.86 -63.60
C SER F 71 -26.80 -26.60 -62.82
N PHE F 72 -25.79 -26.71 -61.96
CA PHE F 72 -25.47 -25.66 -60.99
C PHE F 72 -23.99 -25.30 -60.94
N ASP F 73 -23.68 -24.05 -61.28
CA ASP F 73 -22.32 -23.54 -61.28
C ASP F 73 -22.18 -22.28 -60.39
N THR F 74 -21.03 -22.10 -59.76
CA THR F 74 -20.69 -20.85 -59.07
C THR F 74 -19.29 -20.44 -59.38
N ALA F 75 -18.99 -19.17 -59.17
CA ALA F 75 -17.65 -18.68 -59.36
C ALA F 75 -17.43 -17.62 -58.31
N VAL F 76 -16.35 -17.77 -57.55
CA VAL F 76 -16.00 -16.79 -56.51
C VAL F 76 -14.81 -15.93 -56.89
N TYR F 77 -15.01 -14.62 -56.94
CA TYR F 77 -13.91 -13.68 -57.19
C TYR F 77 -13.70 -12.74 -56.00
N PRO F 78 -12.87 -13.17 -55.02
CA PRO F 78 -12.58 -12.38 -53.82
C PRO F 78 -12.07 -10.97 -54.11
N ASP F 79 -11.24 -10.79 -55.14
CA ASP F 79 -10.92 -9.43 -55.62
C ASP F 79 -12.18 -8.57 -55.77
N ARG F 80 -13.09 -8.98 -56.64
CA ARG F 80 -14.28 -8.21 -56.96
C ARG F 80 -15.34 -8.37 -55.88
N LYS F 81 -14.97 -8.99 -54.77
CA LYS F 81 -15.88 -9.17 -53.63
C LYS F 81 -17.21 -9.78 -54.03
N MET F 82 -17.22 -10.64 -55.06
CA MET F 82 -18.49 -11.17 -55.56
C MET F 82 -18.56 -12.69 -55.72
N ILE F 83 -19.78 -13.19 -55.86
CA ILE F 83 -20.03 -14.60 -56.15
C ILE F 83 -21.10 -14.73 -57.22
N VAL F 84 -20.75 -15.31 -58.36
CA VAL F 84 -21.72 -15.53 -59.42
C VAL F 84 -22.42 -16.86 -59.28
N PHE F 85 -23.75 -16.83 -59.30
CA PHE F 85 -24.57 -18.04 -59.28
C PHE F 85 -25.21 -18.29 -60.64
N LEU F 86 -25.16 -19.54 -61.08
CA LEU F 86 -25.74 -19.91 -62.37
C LEU F 86 -26.50 -21.20 -62.21
N PHE F 87 -27.74 -21.20 -62.63
CA PHE F 87 -28.47 -22.45 -62.64
C PHE F 87 -29.14 -22.59 -63.99
N ALA F 88 -28.94 -23.74 -64.61
CA ALA F 88 -29.57 -24.06 -65.88
C ALA F 88 -29.83 -25.55 -65.92
N GLU F 89 -31.05 -25.91 -65.54
CA GLU F 89 -31.57 -27.27 -65.59
C GLU F 89 -30.99 -27.99 -66.80
N ASP F 90 -30.11 -28.96 -66.56
CA ASP F 90 -29.19 -29.48 -67.61
C ASP F 90 -29.72 -30.61 -68.50
N SER F 91 -30.89 -31.14 -68.16
CA SER F 91 -31.44 -32.27 -68.89
C SER F 91 -31.86 -31.85 -70.30
N GLY F 92 -32.21 -30.57 -70.45
CA GLY F 92 -32.68 -30.06 -71.72
C GLY F 92 -34.10 -30.52 -71.97
N THR F 93 -34.70 -31.18 -70.99
CA THR F 93 -36.06 -31.68 -71.15
C THR F 93 -36.94 -31.17 -70.03
N GLY F 94 -36.33 -30.44 -69.09
CA GLY F 94 -37.04 -29.92 -67.94
C GLY F 94 -37.15 -30.94 -66.81
N ALA F 95 -36.44 -32.05 -66.93
CA ALA F 95 -36.50 -33.10 -65.93
C ALA F 95 -36.03 -32.63 -64.55
N TYR F 96 -35.03 -31.75 -64.57
CA TYR F 96 -34.32 -31.37 -63.37
C TYR F 96 -34.62 -29.93 -62.98
N ALA F 97 -35.82 -29.46 -63.29
CA ALA F 97 -36.22 -28.14 -62.84
C ALA F 97 -36.58 -28.18 -61.36
N ILE F 98 -36.39 -27.05 -60.68
CA ILE F 98 -36.75 -26.90 -59.27
C ILE F 98 -38.27 -26.88 -59.14
N THR F 99 -38.81 -27.69 -58.25
CA THR F 99 -40.26 -27.81 -58.15
C THR F 99 -40.78 -27.62 -56.73
N GLU F 100 -39.93 -27.21 -55.80
CA GLU F 100 -40.37 -26.95 -54.43
C GLU F 100 -39.73 -25.68 -53.90
N ASP F 101 -40.30 -25.18 -52.82
CA ASP F 101 -39.65 -24.19 -52.00
C ASP F 101 -38.55 -24.89 -51.18
N GLY F 102 -37.48 -24.19 -50.87
CA GLY F 102 -36.46 -24.79 -50.01
C GLY F 102 -35.08 -24.25 -50.25
N VAL F 103 -34.07 -25.05 -49.91
CA VAL F 103 -32.68 -24.62 -50.06
C VAL F 103 -32.13 -24.82 -51.48
N PHE F 104 -31.81 -23.70 -52.11
CA PHE F 104 -31.22 -23.61 -53.44
C PHE F 104 -29.72 -23.91 -53.38
N ALA F 105 -29.01 -23.14 -52.56
CA ALA F 105 -27.56 -23.26 -52.39
C ALA F 105 -27.18 -23.04 -50.93
N THR F 106 -25.94 -23.38 -50.60
CA THR F 106 -25.37 -23.10 -49.29
C THR F 106 -23.96 -22.53 -49.42
N ILE F 107 -23.77 -21.32 -48.92
CA ILE F 107 -22.44 -20.74 -48.89
C ILE F 107 -21.68 -21.20 -47.65
N VAL F 108 -20.52 -21.80 -47.87
CA VAL F 108 -19.68 -22.25 -46.77
C VAL F 108 -18.46 -21.32 -46.66
N ALA F 109 -18.46 -20.48 -45.64
CA ALA F 109 -17.38 -19.51 -45.44
C ALA F 109 -16.62 -19.70 -44.12
N LYS F 110 -15.36 -19.27 -44.12
CA LYS F 110 -14.58 -19.17 -42.89
C LYS F 110 -14.62 -17.71 -42.50
N VAL F 111 -14.82 -17.47 -41.20
CA VAL F 111 -14.71 -16.13 -40.65
C VAL F 111 -13.23 -15.87 -40.43
N LYS F 112 -12.73 -14.77 -40.96
CA LYS F 112 -11.30 -14.49 -40.91
C LYS F 112 -10.80 -14.20 -39.51
N GLU F 113 -9.49 -14.31 -39.30
CA GLU F 113 -8.94 -14.04 -37.98
C GLU F 113 -9.06 -12.54 -37.62
N GLY F 114 -8.64 -11.67 -38.53
CA GLY F 114 -8.75 -10.24 -38.30
C GLY F 114 -10.19 -9.73 -38.13
N ALA F 115 -11.15 -10.62 -38.37
CA ALA F 115 -12.56 -10.25 -38.44
C ALA F 115 -13.10 -9.45 -37.24
N PRO F 116 -13.68 -8.27 -37.55
CA PRO F 116 -14.38 -7.34 -36.66
C PRO F 116 -15.70 -7.91 -36.18
N GLU F 117 -16.08 -7.58 -34.94
CA GLU F 117 -17.40 -7.90 -34.47
C GLU F 117 -18.41 -7.09 -35.28
N GLY F 118 -19.61 -7.65 -35.41
CA GLY F 118 -20.64 -6.97 -36.16
C GLY F 118 -21.24 -7.83 -37.26
N PHE F 119 -22.27 -7.29 -37.90
CA PHE F 119 -22.96 -7.98 -38.97
C PHE F 119 -22.28 -7.75 -40.31
N SER F 120 -21.80 -8.83 -40.93
CA SER F 120 -21.25 -8.74 -42.27
C SER F 120 -22.35 -9.05 -43.29
N ALA F 121 -22.63 -8.07 -44.15
CA ALA F 121 -23.72 -8.18 -45.11
C ALA F 121 -23.39 -9.07 -46.31
N ILE F 122 -24.30 -10.00 -46.60
CA ILE F 122 -24.26 -10.72 -47.86
C ILE F 122 -25.50 -10.35 -48.67
N GLU F 123 -25.28 -9.62 -49.75
CA GLU F 123 -26.36 -8.98 -50.51
C GLU F 123 -26.40 -9.42 -51.96
N ILE F 124 -27.60 -9.43 -52.52
CA ILE F 124 -27.77 -9.73 -53.94
C ILE F 124 -27.51 -8.47 -54.76
N SER F 125 -26.28 -8.29 -55.20
CA SER F 125 -25.87 -7.05 -55.86
C SER F 125 -26.33 -6.89 -57.31
N GLU F 126 -26.47 -8.01 -58.02
CA GLU F 126 -26.94 -8.01 -59.41
C GLU F 126 -27.94 -9.13 -59.64
N PHE F 127 -29.03 -8.82 -60.33
CA PHE F 127 -29.99 -9.87 -60.66
C PHE F 127 -30.04 -10.11 -62.17
N GLY F 128 -29.99 -11.38 -62.55
CA GLY F 128 -30.07 -11.79 -63.94
C GLY F 128 -31.52 -12.07 -64.27
N ALA F 129 -32.01 -13.22 -63.83
CA ALA F 129 -33.40 -13.63 -64.07
C ALA F 129 -33.69 -15.02 -63.51
N PHE F 130 -34.97 -15.29 -63.26
CA PHE F 130 -35.43 -16.66 -63.06
C PHE F 130 -36.51 -16.97 -64.07
N ALA F 131 -36.43 -18.12 -64.73
CA ALA F 131 -37.46 -18.53 -65.67
C ALA F 131 -38.10 -19.83 -65.22
N ASP F 132 -39.35 -20.03 -65.65
CA ASP F 132 -40.07 -21.26 -65.35
C ASP F 132 -39.76 -22.34 -66.39
N ASN F 133 -40.42 -23.49 -66.26
CA ASN F 133 -40.10 -24.62 -67.12
C ASN F 133 -40.56 -24.46 -68.58
N ASP F 134 -41.16 -23.31 -68.88
CA ASP F 134 -41.49 -22.96 -70.26
C ASP F 134 -40.57 -21.82 -70.72
N LEU F 135 -39.62 -21.45 -69.86
CA LEU F 135 -38.61 -20.43 -70.19
C LEU F 135 -39.19 -19.03 -70.23
N VAL F 136 -40.25 -18.83 -69.44
CA VAL F 136 -40.88 -17.54 -69.28
C VAL F 136 -40.39 -16.93 -67.98
N GLU F 137 -39.66 -15.82 -68.08
CA GLU F 137 -39.11 -15.17 -66.90
C GLU F 137 -40.17 -14.90 -65.81
N VAL F 138 -39.72 -14.96 -64.57
CA VAL F 138 -40.60 -14.88 -63.41
C VAL F 138 -40.14 -13.75 -62.51
N GLU F 139 -41.08 -12.90 -62.10
CA GLU F 139 -40.77 -11.80 -61.18
C GLU F 139 -40.46 -12.40 -59.81
N THR F 140 -39.37 -11.93 -59.22
CA THR F 140 -38.87 -12.47 -57.95
C THR F 140 -38.50 -11.38 -56.95
N ASP F 141 -38.75 -11.64 -55.68
CA ASP F 141 -38.34 -10.71 -54.64
C ASP F 141 -37.02 -11.13 -53.99
N LEU F 142 -36.20 -10.13 -53.67
CA LEU F 142 -34.85 -10.35 -53.16
C LEU F 142 -34.69 -9.97 -51.70
N ILE F 143 -34.35 -10.96 -50.88
CA ILE F 143 -34.00 -10.70 -49.47
C ILE F 143 -32.55 -11.04 -49.16
N ASN F 144 -31.80 -10.04 -48.68
CA ASN F 144 -30.40 -10.21 -48.27
C ASN F 144 -30.20 -10.88 -46.92
N GLY F 145 -28.94 -11.20 -46.61
CA GLY F 145 -28.60 -11.85 -45.35
C GLY F 145 -27.19 -11.48 -44.95
N GLY F 146 -26.60 -12.30 -44.09
CA GLY F 146 -25.22 -12.07 -43.69
C GLY F 146 -24.76 -12.98 -42.57
N VAL F 147 -23.55 -12.72 -42.09
CA VAL F 147 -23.05 -13.43 -40.92
C VAL F 147 -22.86 -12.45 -39.79
N LEU F 148 -23.37 -12.84 -38.61
CA LEU F 148 -23.07 -12.07 -37.42
C LEU F 148 -21.77 -12.56 -36.79
N VAL F 149 -20.73 -11.73 -36.88
CA VAL F 149 -19.44 -12.07 -36.32
C VAL F 149 -19.41 -11.76 -34.83
N THR F 150 -19.46 -12.81 -34.01
CA THR F 150 -19.43 -12.67 -32.55
C THR F 150 -17.98 -12.59 -32.00
N ASN F 151 -17.84 -12.42 -30.69
CA ASN F 151 -16.52 -12.30 -30.07
C ASN F 151 -15.95 -13.65 -29.62
N LYS F 152 -14.69 -13.90 -29.98
CA LYS F 152 -13.90 -14.97 -29.37
C LYS F 152 -12.98 -14.33 -28.36
N PRO F 153 -13.33 -14.40 -27.08
CA PRO F 153 -12.48 -13.74 -26.09
C PRO F 153 -11.08 -14.34 -26.10
N VAL F 154 -10.10 -13.58 -25.60
CA VAL F 154 -8.71 -14.05 -25.53
C VAL F 154 -8.56 -15.14 -24.49
N ILE F 155 -8.68 -14.79 -23.21
CA ILE F 155 -8.68 -15.81 -22.18
C ILE F 155 -10.10 -16.38 -22.05
N GLU F 156 -10.20 -17.71 -22.14
CA GLU F 156 -11.46 -18.42 -22.04
C GLU F 156 -11.17 -19.73 -21.32
N GLY F 157 -11.98 -20.08 -20.33
CA GLY F 157 -11.65 -21.20 -19.48
C GLY F 157 -10.73 -20.77 -18.34
N TYR F 158 -10.52 -21.65 -17.38
CA TYR F 158 -9.79 -21.20 -16.22
C TYR F 158 -8.29 -21.44 -16.25
N LYS F 159 -7.60 -20.77 -15.34
CA LYS F 159 -6.16 -20.94 -15.17
C LYS F 159 -5.91 -21.87 -13.98
N VAL F 160 -5.01 -22.82 -14.16
CA VAL F 160 -4.54 -23.65 -13.05
C VAL F 160 -3.03 -23.49 -12.95
N SER F 161 -2.60 -22.92 -11.84
CA SER F 161 -1.22 -22.49 -11.66
C SER F 161 -0.76 -22.91 -10.29
N GLY F 162 0.57 -22.89 -10.11
CA GLY F 162 1.18 -23.19 -8.82
C GLY F 162 2.68 -23.13 -8.89
N TYR F 163 3.32 -23.62 -7.82
CA TYR F 163 4.79 -23.68 -7.69
C TYR F 163 5.31 -25.09 -7.39
N ILE F 164 6.46 -25.39 -7.93
CA ILE F 164 7.11 -26.67 -7.71
C ILE F 164 8.55 -26.38 -7.31
N LEU F 165 9.08 -27.23 -6.43
CA LEU F 165 10.45 -27.06 -5.92
C LEU F 165 11.14 -28.42 -5.76
N PRO F 166 12.35 -28.54 -6.34
CA PRO F 166 13.09 -29.79 -6.14
C PRO F 166 13.43 -29.93 -4.67
N ASP F 167 13.37 -31.15 -4.15
CA ASP F 167 13.72 -31.38 -2.75
C ASP F 167 15.20 -31.66 -2.54
N PHE F 168 15.99 -30.59 -2.42
CA PHE F 168 17.40 -30.68 -2.17
C PHE F 168 18.07 -29.31 -2.22
N SER F 169 19.25 -29.17 -1.64
CA SER F 169 19.90 -27.88 -1.60
C SER F 169 20.63 -27.61 -2.89
N PHE F 170 20.64 -26.35 -3.33
CA PHE F 170 21.39 -26.00 -4.53
C PHE F 170 21.83 -24.55 -4.40
N ASP F 171 22.96 -24.23 -5.02
CA ASP F 171 23.43 -22.85 -5.11
C ASP F 171 22.41 -21.94 -5.80
N ALA F 172 22.18 -20.77 -5.19
CA ALA F 172 21.32 -19.75 -5.77
C ALA F 172 21.62 -19.52 -7.26
N THR F 173 22.88 -19.65 -7.63
CA THR F 173 23.33 -19.41 -8.99
C THR F 173 22.78 -20.45 -9.96
N VAL F 174 22.07 -21.43 -9.43
CA VAL F 174 21.70 -22.57 -10.26
C VAL F 174 20.17 -22.77 -10.21
N ALA F 175 19.54 -22.04 -9.31
CA ALA F 175 18.09 -22.03 -9.14
C ALA F 175 17.30 -21.95 -10.45
N PRO F 176 17.70 -21.03 -11.35
CA PRO F 176 17.10 -21.02 -12.69
C PRO F 176 17.06 -22.42 -13.33
N LEU F 177 18.18 -23.13 -13.35
CA LEU F 177 18.23 -24.47 -13.94
C LEU F 177 17.39 -25.53 -13.23
N VAL F 178 17.37 -25.50 -11.90
CA VAL F 178 16.78 -26.63 -11.21
C VAL F 178 15.28 -26.47 -10.98
N LYS F 179 14.82 -25.23 -10.89
CA LYS F 179 13.41 -24.94 -10.64
C LYS F 179 12.58 -24.97 -11.92
N ALA F 180 13.23 -24.76 -13.05
CA ALA F 180 12.55 -24.78 -14.34
C ALA F 180 12.63 -26.19 -14.92
N GLY F 181 11.63 -26.57 -15.74
CA GLY F 181 11.68 -27.81 -16.49
C GLY F 181 10.67 -28.88 -16.11
N PHE F 182 9.92 -28.66 -15.03
CA PHE F 182 8.88 -29.60 -14.63
C PHE F 182 7.64 -29.46 -15.51
N LYS F 183 7.08 -30.61 -15.91
CA LYS F 183 5.88 -30.62 -16.74
C LYS F 183 4.68 -30.95 -15.84
N VAL F 184 3.77 -30.00 -15.68
CA VAL F 184 2.51 -30.30 -15.01
C VAL F 184 1.48 -30.51 -16.12
N GLU F 185 0.74 -31.62 -16.06
CA GLU F 185 -0.19 -31.94 -17.13
C GLU F 185 -1.52 -32.41 -16.55
N ILE F 186 -2.60 -32.03 -17.22
CA ILE F 186 -3.93 -32.42 -16.77
C ILE F 186 -4.33 -33.78 -17.35
N VAL F 187 -4.20 -34.79 -16.51
CA VAL F 187 -4.50 -36.16 -16.90
C VAL F 187 -5.78 -36.25 -17.70
N GLY F 188 -5.69 -36.90 -18.85
CA GLY F 188 -6.85 -37.16 -19.68
C GLY F 188 -7.23 -35.97 -20.52
N THR F 189 -6.26 -35.11 -20.84
CA THR F 189 -6.48 -33.94 -21.68
C THR F 189 -5.15 -33.59 -22.27
N GLU F 190 -5.12 -32.66 -23.21
CA GLU F 190 -3.85 -32.37 -23.86
C GLU F 190 -3.32 -31.03 -23.34
N LEU F 191 -3.90 -30.59 -22.22
CA LEU F 191 -3.45 -29.41 -21.49
C LEU F 191 -2.23 -29.66 -20.59
N TYR F 192 -1.30 -28.71 -20.60
CA TYR F 192 -0.11 -28.83 -19.76
C TYR F 192 0.71 -27.55 -19.74
N ALA F 193 1.60 -27.43 -18.75
CA ALA F 193 2.51 -26.30 -18.68
C ALA F 193 3.87 -26.78 -18.21
N VAL F 194 4.88 -25.92 -18.33
CA VAL F 194 6.21 -26.23 -17.82
C VAL F 194 6.73 -25.10 -16.94
N THR F 195 7.21 -25.45 -15.73
CA THR F 195 7.74 -24.47 -14.77
C THR F 195 8.80 -23.51 -15.34
N ASP F 196 8.70 -22.26 -14.91
CA ASP F 196 9.66 -21.23 -15.28
C ASP F 196 10.84 -21.27 -14.29
N ALA F 197 11.76 -20.33 -14.41
CA ALA F 197 12.89 -20.24 -13.50
C ALA F 197 12.52 -19.98 -12.04
N ASN F 198 11.26 -19.68 -11.73
CA ASN F 198 10.87 -19.61 -10.32
C ASN F 198 10.11 -20.85 -9.83
N GLY F 199 10.12 -21.90 -10.64
CA GLY F 199 9.35 -23.10 -10.32
C GLY F 199 7.85 -22.86 -10.41
N TYR F 200 7.49 -21.82 -11.16
CA TYR F 200 6.10 -21.42 -11.33
C TYR F 200 5.52 -22.00 -12.61
N PHE F 201 4.26 -22.42 -12.56
CA PHE F 201 3.61 -22.95 -13.75
C PHE F 201 2.18 -22.47 -13.87
N GLU F 202 1.72 -22.24 -15.11
CA GLU F 202 0.29 -21.99 -15.33
C GLU F 202 -0.28 -22.59 -16.60
N ILE F 203 -1.30 -23.42 -16.44
CA ILE F 203 -2.03 -23.97 -17.57
C ILE F 203 -3.26 -23.13 -17.78
N THR F 204 -3.34 -22.45 -18.92
CA THR F 204 -4.54 -21.66 -19.20
C THR F 204 -5.52 -22.45 -20.04
N GLY F 205 -6.75 -21.93 -20.11
CA GLY F 205 -7.83 -22.52 -20.90
C GLY F 205 -8.42 -23.81 -20.37
N VAL F 206 -8.44 -23.98 -19.05
CA VAL F 206 -8.94 -25.21 -18.50
C VAL F 206 -10.46 -25.18 -18.40
N PRO F 207 -11.11 -26.18 -19.00
CA PRO F 207 -12.56 -26.42 -18.93
C PRO F 207 -13.04 -26.45 -17.49
N ALA F 208 -14.17 -25.83 -17.17
CA ALA F 208 -14.76 -25.96 -15.83
C ALA F 208 -14.89 -27.42 -15.43
N ASN F 209 -14.44 -27.77 -14.25
CA ASN F 209 -14.68 -29.12 -13.76
C ASN F 209 -14.67 -29.24 -12.25
N ALA F 210 -15.84 -29.41 -11.66
CA ALA F 210 -15.95 -29.52 -10.22
C ALA F 210 -15.91 -30.98 -9.80
N SER F 211 -15.81 -31.89 -10.77
CA SER F 211 -15.66 -33.30 -10.43
C SER F 211 -14.24 -33.52 -9.90
N GLY F 212 -13.34 -32.63 -10.31
CA GLY F 212 -11.94 -32.70 -9.94
C GLY F 212 -11.10 -33.32 -11.05
N TYR F 213 -10.02 -32.63 -11.41
CA TYR F 213 -9.01 -33.16 -12.30
C TYR F 213 -7.90 -33.82 -11.49
N THR F 214 -7.08 -34.63 -12.14
CA THR F 214 -5.82 -35.01 -11.51
C THR F 214 -4.64 -34.46 -12.32
N LEU F 215 -3.64 -33.98 -11.62
CA LEU F 215 -2.45 -33.45 -12.26
C LEU F 215 -1.34 -34.46 -12.20
N LYS F 216 -0.45 -34.41 -13.17
CA LYS F 216 0.72 -35.23 -13.10
C LYS F 216 1.95 -34.38 -13.34
N ILE F 217 2.78 -34.23 -12.31
CA ILE F 217 4.06 -33.53 -12.44
C ILE F 217 5.13 -34.55 -12.78
N SER F 218 5.95 -34.23 -13.77
CA SER F 218 6.94 -35.18 -14.26
C SER F 218 8.16 -34.43 -14.76
N ARG F 219 9.33 -35.02 -14.60
CA ARG F 219 10.54 -34.43 -15.18
C ARG F 219 11.61 -35.51 -15.36
N ALA F 220 12.51 -35.34 -16.31
CA ALA F 220 13.60 -36.30 -16.44
C ALA F 220 14.51 -36.32 -15.19
N THR F 221 14.64 -37.52 -14.63
CA THR F 221 15.42 -37.84 -13.42
C THR F 221 14.61 -37.74 -12.13
N TYR F 222 13.40 -37.20 -12.21
CA TYR F 222 12.55 -37.05 -11.01
C TYR F 222 11.45 -38.12 -10.92
N LEU F 223 11.03 -38.42 -9.69
CA LEU F 223 9.92 -39.33 -9.46
C LEU F 223 8.59 -38.64 -9.78
N ASP F 224 7.86 -39.17 -10.76
CA ASP F 224 6.54 -38.61 -11.14
C ASP F 224 5.64 -38.45 -9.92
N ARG F 225 4.87 -37.38 -9.88
CA ARG F 225 3.97 -37.14 -8.78
C ARG F 225 2.54 -36.88 -9.26
N VAL F 226 1.56 -37.39 -8.52
CA VAL F 226 0.18 -37.33 -8.95
C VAL F 226 -0.71 -36.64 -7.93
N ILE F 227 -1.25 -35.49 -8.30
CA ILE F 227 -2.19 -34.76 -7.46
C ILE F 227 -3.62 -35.06 -7.90
N ALA F 228 -4.44 -35.49 -6.94
CA ALA F 228 -5.82 -35.85 -7.22
C ALA F 228 -6.79 -34.78 -6.73
N ASN F 229 -7.92 -34.70 -7.41
CA ASN F 229 -9.07 -33.93 -6.93
C ASN F 229 -8.83 -32.45 -6.92
N VAL F 230 -8.10 -31.96 -7.91
CA VAL F 230 -8.06 -30.54 -8.14
C VAL F 230 -9.43 -30.13 -8.66
N VAL F 231 -10.23 -29.44 -7.84
CA VAL F 231 -11.52 -28.99 -8.35
C VAL F 231 -11.40 -27.61 -8.96
N VAL F 232 -11.98 -27.47 -10.14
CA VAL F 232 -11.90 -26.22 -10.88
C VAL F 232 -13.30 -25.65 -11.11
N THR F 233 -13.71 -24.73 -10.24
CA THR F 233 -14.95 -23.99 -10.46
C THR F 233 -14.59 -22.61 -10.95
N GLY F 234 -13.30 -22.32 -10.98
CA GLY F 234 -12.79 -21.07 -11.50
C GLY F 234 -11.27 -21.11 -11.52
N ASP F 235 -10.63 -19.95 -11.65
CA ASP F 235 -9.19 -19.92 -11.52
C ASP F 235 -8.83 -20.66 -10.26
N THR F 236 -7.88 -21.57 -10.36
CA THR F 236 -7.49 -22.43 -9.24
C THR F 236 -5.98 -22.39 -9.06
N SER F 237 -5.53 -22.29 -7.81
CA SER F 237 -4.11 -22.28 -7.50
C SER F 237 -3.83 -23.48 -6.59
N VAL F 238 -2.89 -24.35 -6.98
CA VAL F 238 -2.68 -25.60 -6.24
C VAL F 238 -1.57 -25.56 -5.22
N SER F 239 -0.70 -24.54 -5.29
CA SER F 239 0.36 -24.40 -4.31
C SER F 239 0.88 -22.96 -4.32
N THR F 240 1.68 -22.58 -3.32
CA THR F 240 2.24 -21.23 -3.23
C THR F 240 3.75 -21.26 -3.22
N SER F 241 4.38 -20.11 -3.42
CA SER F 241 5.82 -20.07 -3.50
C SER F 241 6.45 -20.34 -2.14
N GLN F 242 5.70 -20.06 -1.07
CA GLN F 242 6.20 -20.33 0.27
C GLN F 242 5.84 -21.76 0.72
N ALA F 243 4.85 -22.37 0.07
CA ALA F 243 4.52 -23.79 0.29
C ALA F 243 4.44 -24.53 -1.04
N PRO F 244 5.58 -24.66 -1.72
CA PRO F 244 5.61 -25.30 -3.03
C PRO F 244 5.24 -26.78 -2.98
N ILE F 245 4.93 -27.34 -4.14
CA ILE F 245 4.83 -28.78 -4.29
C ILE F 245 6.23 -29.32 -4.45
N MET F 246 6.61 -30.25 -3.58
CA MET F 246 7.94 -30.81 -3.61
C MET F 246 8.03 -31.94 -4.62
N MET F 247 9.14 -31.97 -5.34
CA MET F 247 9.43 -33.08 -6.24
C MET F 247 10.72 -33.76 -5.79
N TRP F 248 10.73 -35.09 -5.83
CA TRP F 248 11.89 -35.88 -5.37
C TRP F 248 12.75 -36.36 -6.52
N VAL F 249 14.02 -35.96 -6.52
CA VAL F 249 14.93 -36.40 -7.56
C VAL F 249 15.47 -37.81 -7.21
N GLY F 250 15.61 -38.65 -8.23
CA GLY F 250 16.09 -39.98 -8.02
C GLY F 250 15.73 -40.96 -9.13
N ASP F 251 14.52 -40.86 -9.67
CA ASP F 251 14.06 -41.85 -10.64
C ASP F 251 14.72 -41.64 -11.98
N ILE F 252 15.89 -42.26 -12.12
CA ILE F 252 16.79 -41.98 -13.22
C ILE F 252 16.66 -43.05 -14.31
N VAL F 253 16.47 -44.30 -13.91
CA VAL F 253 15.97 -45.29 -14.88
C VAL F 253 14.51 -45.47 -14.52
N LYS F 254 13.63 -44.93 -15.37
CA LYS F 254 12.25 -44.63 -15.00
C LYS F 254 11.42 -45.86 -14.78
N ASP F 255 11.11 -46.13 -13.51
CA ASP F 255 10.22 -47.23 -13.16
C ASP F 255 9.30 -46.81 -12.00
N ASN F 256 9.28 -45.51 -11.71
CA ASN F 256 8.52 -44.98 -10.59
C ASN F 256 9.01 -45.46 -9.23
N SER F 257 10.31 -45.74 -9.18
CA SER F 257 10.95 -46.13 -7.93
C SER F 257 12.33 -45.56 -7.93
N ILE F 258 12.82 -45.20 -6.74
CA ILE F 258 14.19 -44.75 -6.58
C ILE F 258 14.92 -45.87 -5.85
N ASN F 259 15.87 -46.48 -6.55
CA ASN F 259 16.61 -47.62 -6.01
C ASN F 259 17.97 -47.83 -6.66
N LEU F 260 18.56 -49.00 -6.39
CA LEU F 260 19.89 -49.32 -6.91
C LEU F 260 20.08 -49.00 -8.37
N LEU F 261 19.09 -49.34 -9.19
CA LEU F 261 19.20 -49.18 -10.63
C LEU F 261 19.48 -47.71 -10.97
N ASP F 262 18.86 -46.82 -10.20
CA ASP F 262 19.04 -45.38 -10.39
C ASP F 262 20.41 -44.93 -9.90
N VAL F 263 20.75 -45.31 -8.68
CA VAL F 263 22.02 -44.89 -8.11
C VAL F 263 23.16 -45.35 -9.02
N ALA F 264 23.02 -46.55 -9.57
CA ALA F 264 24.04 -47.12 -10.46
C ALA F 264 24.37 -46.20 -11.61
N GLU F 265 23.35 -45.51 -12.14
CA GLU F 265 23.61 -44.57 -13.22
C GLU F 265 24.54 -43.44 -12.79
N VAL F 266 24.32 -42.88 -11.61
CA VAL F 266 25.21 -41.84 -11.12
C VAL F 266 26.61 -42.41 -10.89
N ILE F 267 26.67 -43.64 -10.40
CA ILE F 267 27.96 -44.24 -10.13
C ILE F 267 28.77 -44.45 -11.40
N ARG F 268 28.09 -44.81 -12.49
CA ARG F 268 28.74 -44.92 -13.80
C ARG F 268 29.50 -43.66 -14.22
N CYS F 269 29.28 -42.54 -13.52
CA CYS F 269 29.84 -41.24 -13.93
C CYS F 269 30.55 -40.60 -12.76
N PHE F 270 30.89 -41.40 -11.77
CA PHE F 270 31.48 -40.88 -10.54
C PHE F 270 32.72 -40.02 -10.83
N ASN F 271 32.86 -38.94 -10.05
CA ASN F 271 33.97 -37.99 -10.19
C ASN F 271 34.07 -37.25 -11.53
N ALA F 272 33.10 -37.45 -12.41
CA ALA F 272 33.07 -36.72 -13.70
C ALA F 272 32.88 -35.22 -13.49
N THR F 273 33.54 -34.41 -14.30
CA THR F 273 33.35 -32.95 -14.22
C THR F 273 32.81 -32.37 -15.52
N LYS F 274 32.16 -31.21 -15.42
CA LYS F 274 31.54 -30.52 -16.58
C LYS F 274 32.57 -30.29 -17.68
N GLY F 275 32.49 -31.10 -18.74
CA GLY F 275 33.55 -31.14 -19.74
C GLY F 275 34.24 -32.49 -19.81
N SER F 276 34.30 -33.21 -18.69
CA SER F 276 34.81 -34.57 -18.69
C SER F 276 33.98 -35.41 -19.68
N ALA F 277 34.60 -36.42 -20.29
CA ALA F 277 33.90 -37.27 -21.24
C ALA F 277 32.62 -37.93 -20.69
N ASN F 278 32.63 -38.32 -19.41
CA ASN F 278 31.48 -39.03 -18.85
C ASN F 278 30.50 -38.17 -18.09
N TYR F 279 30.74 -36.87 -18.09
CA TYR F 279 29.83 -35.93 -17.46
C TYR F 279 28.48 -35.85 -18.20
N VAL F 280 27.41 -35.96 -17.42
CA VAL F 280 26.06 -35.91 -17.93
C VAL F 280 25.27 -34.97 -17.01
N GLU F 281 24.98 -33.78 -17.51
CA GLU F 281 24.46 -32.71 -16.66
C GLU F 281 23.28 -33.12 -15.75
N GLU F 282 22.33 -33.87 -16.30
CA GLU F 282 21.17 -34.29 -15.52
C GLU F 282 21.56 -35.13 -14.28
N LEU F 283 22.72 -35.80 -14.35
CA LEU F 283 23.22 -36.62 -13.24
C LEU F 283 24.04 -35.84 -12.20
N ASP F 284 24.62 -34.72 -12.61
CA ASP F 284 25.19 -33.79 -11.66
C ASP F 284 24.02 -33.13 -10.92
N ILE F 285 23.30 -33.95 -10.17
CA ILE F 285 22.06 -33.53 -9.53
C ILE F 285 21.95 -32.07 -9.09
N ASN F 286 22.97 -31.55 -8.42
CA ASN F 286 22.82 -30.23 -7.84
C ASN F 286 23.56 -29.22 -8.70
N ARG F 287 23.94 -29.68 -9.88
CA ARG F 287 24.57 -28.85 -10.90
C ARG F 287 25.76 -28.04 -10.39
N ASN F 288 26.60 -28.64 -9.56
CA ASN F 288 27.74 -27.91 -8.98
C ASN F 288 29.01 -28.02 -9.83
N GLY F 289 28.96 -28.86 -10.86
CA GLY F 289 30.09 -28.98 -11.76
C GLY F 289 30.76 -30.34 -11.76
N ALA F 290 30.39 -31.18 -10.79
CA ALA F 290 30.96 -32.51 -10.68
C ALA F 290 29.90 -33.50 -10.23
N ILE F 291 29.99 -34.74 -10.71
CA ILE F 291 29.09 -35.80 -10.28
C ILE F 291 29.78 -36.66 -9.23
N ASN F 292 29.34 -36.56 -7.98
CA ASN F 292 30.02 -37.25 -6.90
C ASN F 292 29.12 -37.68 -5.73
N MET F 293 29.72 -38.16 -4.65
CA MET F 293 28.95 -38.69 -3.54
C MET F 293 27.85 -37.71 -3.07
N GLN F 294 28.08 -36.41 -3.25
CA GLN F 294 27.08 -35.42 -2.82
C GLN F 294 25.75 -35.58 -3.55
N ASP F 295 25.85 -35.77 -4.87
CA ASP F 295 24.72 -36.09 -5.72
C ASP F 295 24.04 -37.36 -5.31
N ILE F 296 24.84 -38.37 -4.96
CA ILE F 296 24.26 -39.65 -4.59
C ILE F 296 23.49 -39.52 -3.29
N MET F 297 24.01 -38.71 -2.38
CA MET F 297 23.31 -38.51 -1.10
C MET F 297 21.94 -37.89 -1.30
N ILE F 298 21.84 -36.99 -2.27
CA ILE F 298 20.55 -36.38 -2.59
C ILE F 298 19.53 -37.43 -3.05
N VAL F 299 19.96 -38.35 -3.93
CA VAL F 299 19.10 -39.47 -4.32
C VAL F 299 18.73 -40.35 -3.10
N HIS F 300 19.66 -40.53 -2.18
CA HIS F 300 19.37 -41.38 -1.02
C HIS F 300 18.30 -40.79 -0.09
N LYS F 301 18.00 -39.49 -0.27
CA LYS F 301 17.02 -38.80 0.58
C LYS F 301 15.68 -39.50 0.48
N HIS F 302 15.45 -40.14 -0.65
CA HIS F 302 14.17 -40.80 -0.86
C HIS F 302 14.44 -42.19 -1.40
N PHE F 303 15.61 -42.73 -1.09
CA PHE F 303 15.93 -44.10 -1.43
C PHE F 303 14.77 -45.01 -1.08
N GLY F 304 14.33 -45.80 -2.06
CA GLY F 304 13.30 -46.77 -1.81
C GLY F 304 11.91 -46.31 -2.20
N ALA F 305 11.74 -45.00 -2.32
CA ALA F 305 10.42 -44.40 -2.59
C ALA F 305 9.83 -44.81 -3.94
N THR F 306 8.51 -45.00 -3.95
CA THR F 306 7.71 -45.03 -5.18
C THR F 306 6.83 -43.79 -5.23
N SER F 307 6.14 -43.60 -6.36
CA SER F 307 5.29 -42.43 -6.51
C SER F 307 4.20 -42.33 -5.46
N SER F 308 3.55 -43.45 -5.14
CA SER F 308 2.47 -43.38 -4.16
C SER F 308 2.90 -42.78 -2.81
N ASP F 309 4.20 -42.70 -2.56
CA ASP F 309 4.72 -42.23 -1.27
C ASP F 309 4.64 -40.71 -1.06
N TYR F 310 4.44 -39.97 -2.14
CA TYR F 310 4.18 -38.56 -1.96
C TYR F 310 2.90 -38.44 -1.16
N ASP F 311 2.66 -37.27 -0.62
CA ASP F 311 1.43 -36.97 0.09
C ASP F 311 0.42 -36.50 -0.96
N ALA F 312 -0.66 -37.25 -1.16
CA ALA F 312 -1.64 -36.88 -2.19
C ALA F 312 -2.47 -35.65 -1.78
N GLN F 313 -2.42 -35.35 -0.47
CA GLN F 313 -3.18 -34.25 0.14
C GLN F 313 -4.67 -34.57 0.24
N HIS G 21 97.59 -49.20 51.30
CA HIS G 21 96.30 -48.70 50.80
C HIS G 21 96.42 -47.37 50.02
N MET G 22 96.89 -47.45 48.78
CA MET G 22 97.21 -46.28 47.96
C MET G 22 96.08 -45.25 47.83
N GLY G 23 96.36 -44.02 48.21
CA GLY G 23 95.40 -42.94 48.08
C GLY G 23 94.66 -42.63 49.36
N ASP G 24 94.84 -43.48 50.37
CA ASP G 24 94.22 -43.23 51.65
C ASP G 24 95.08 -42.23 52.41
N VAL G 25 95.01 -40.97 51.98
CA VAL G 25 95.91 -39.94 52.48
C VAL G 25 95.61 -39.50 53.91
N ASN G 26 94.39 -39.72 54.39
CA ASN G 26 94.07 -39.37 55.78
C ASN G 26 93.87 -40.59 56.68
N ASP G 27 94.30 -41.75 56.17
CA ASP G 27 94.37 -43.01 56.92
C ASP G 27 93.08 -43.50 57.60
N ASP G 28 91.92 -43.28 56.98
CA ASP G 28 90.67 -43.73 57.58
C ASP G 28 90.06 -44.96 56.90
N GLY G 29 90.79 -45.55 55.95
CA GLY G 29 90.43 -46.84 55.40
C GLY G 29 89.65 -46.82 54.10
N LYS G 30 89.05 -45.67 53.81
CA LYS G 30 88.35 -45.44 52.57
C LYS G 30 89.24 -44.55 51.69
N VAL G 31 89.00 -44.55 50.38
CA VAL G 31 89.70 -43.63 49.48
C VAL G 31 88.70 -42.74 48.79
N ASN G 32 88.68 -41.47 49.14
CA ASN G 32 87.65 -40.58 48.64
C ASN G 32 88.09 -39.14 48.48
N SER G 33 87.11 -38.27 48.30
CA SER G 33 87.34 -36.86 48.03
C SER G 33 88.06 -36.18 49.19
N THR G 34 87.99 -36.77 50.37
CA THR G 34 88.62 -36.16 51.52
C THR G 34 90.12 -36.30 51.43
N ASP G 35 90.56 -37.42 50.87
CA ASP G 35 91.97 -37.64 50.70
C ASP G 35 92.52 -36.65 49.69
N LEU G 36 91.75 -36.38 48.65
CA LEU G 36 92.20 -35.45 47.64
C LEU G 36 92.42 -34.07 48.25
N THR G 37 91.47 -33.60 49.05
CA THR G 37 91.59 -32.26 49.59
C THR G 37 92.71 -32.17 50.60
N LEU G 38 92.80 -33.16 51.48
CA LEU G 38 93.88 -33.19 52.43
C LEU G 38 95.18 -33.17 51.66
N LEU G 39 95.22 -33.93 50.58
CA LEU G 39 96.43 -34.01 49.77
C LEU G 39 96.82 -32.66 49.22
N LYS G 40 95.85 -31.99 48.58
CA LYS G 40 96.09 -30.65 48.05
C LYS G 40 96.69 -29.75 49.10
N ARG G 41 96.08 -29.76 50.29
CA ARG G 41 96.50 -28.91 51.39
C ARG G 41 97.90 -29.26 51.90
N TYR G 42 98.24 -30.55 51.91
CA TYR G 42 99.53 -31.01 52.41
C TYR G 42 100.64 -30.67 51.43
N VAL G 43 100.37 -30.88 50.14
CA VAL G 43 101.35 -30.51 49.13
C VAL G 43 101.62 -29.01 49.14
N LEU G 44 100.62 -28.21 49.52
CA LEU G 44 100.79 -26.77 49.56
C LEU G 44 101.50 -26.35 50.85
N LYS G 45 101.65 -27.29 51.76
CA LYS G 45 102.18 -27.02 53.09
C LYS G 45 101.24 -26.13 53.89
N ALA G 46 99.94 -26.22 53.61
CA ALA G 46 98.93 -25.50 54.36
C ALA G 46 98.55 -26.30 55.59
N VAL G 47 98.74 -27.61 55.50
CA VAL G 47 98.77 -28.47 56.68
C VAL G 47 100.13 -29.16 56.66
N SER G 48 100.66 -29.37 57.85
CA SER G 48 102.05 -29.77 58.02
C SER G 48 102.32 -31.27 57.98
N THR G 49 101.36 -32.10 58.40
CA THR G 49 101.69 -33.50 58.70
C THR G 49 101.13 -34.62 57.83
N LEU G 50 99.83 -34.87 57.94
CA LEU G 50 99.25 -36.15 57.54
C LEU G 50 99.27 -37.07 58.76
N PRO G 51 98.11 -37.67 59.07
CA PRO G 51 97.77 -38.34 60.33
C PRO G 51 98.68 -39.51 60.76
N SER G 52 99.54 -40.02 59.88
CA SER G 52 100.18 -41.30 60.16
C SER G 52 101.45 -41.59 59.41
N SER G 53 102.16 -42.61 59.89
CA SER G 53 103.31 -43.15 59.21
C SER G 53 102.82 -43.67 57.86
N LYS G 54 101.72 -44.43 57.89
CA LYS G 54 101.17 -45.06 56.69
C LYS G 54 100.76 -44.03 55.65
N ALA G 55 99.94 -43.07 56.09
CA ALA G 55 99.42 -42.01 55.22
C ALA G 55 100.42 -41.45 54.20
N GLU G 56 101.59 -41.05 54.66
CA GLU G 56 102.60 -40.47 53.79
C GLU G 56 103.07 -41.48 52.75
N LYS G 57 102.77 -42.76 52.99
CA LYS G 57 103.11 -43.80 52.02
C LYS G 57 101.98 -44.00 51.02
N ASN G 58 100.74 -44.01 51.52
CA ASN G 58 99.57 -44.05 50.66
C ASN G 58 99.55 -42.88 49.67
N ALA G 59 100.15 -41.76 50.08
CA ALA G 59 100.09 -40.50 49.34
C ALA G 59 100.89 -40.51 48.05
N ASP G 60 102.03 -41.19 48.04
CA ASP G 60 102.79 -41.24 46.80
C ASP G 60 102.23 -42.31 45.89
N VAL G 61 101.21 -41.94 45.12
CA VAL G 61 100.41 -42.91 44.39
C VAL G 61 101.02 -43.30 43.04
N ASN G 62 102.13 -42.68 42.68
CA ASN G 62 102.91 -43.17 41.55
C ASN G 62 104.18 -43.88 42.05
N ARG G 63 104.27 -44.05 43.36
CA ARG G 63 105.38 -44.77 43.99
C ARG G 63 106.73 -44.25 43.53
N ASP G 64 106.96 -42.94 43.62
CA ASP G 64 108.21 -42.36 43.16
C ASP G 64 108.97 -41.58 44.26
N GLY G 65 108.73 -41.95 45.51
CA GLY G 65 109.39 -41.29 46.63
C GLY G 65 108.88 -39.90 46.95
N ARG G 66 108.68 -39.08 45.92
CA ARG G 66 108.19 -37.72 46.10
C ARG G 66 106.65 -37.66 46.29
N VAL G 67 106.17 -36.77 47.15
CA VAL G 67 104.73 -36.51 47.28
C VAL G 67 104.41 -35.07 46.89
N ASN G 68 104.03 -34.88 45.62
CA ASN G 68 103.91 -33.55 45.05
C ASN G 68 102.67 -33.38 44.20
N SER G 69 102.59 -32.22 43.54
CA SER G 69 101.43 -31.90 42.70
C SER G 69 100.98 -33.08 41.82
N SER G 70 101.92 -33.91 41.40
CA SER G 70 101.58 -35.04 40.53
C SER G 70 100.78 -36.15 41.21
N ASP G 71 101.08 -36.44 42.49
CA ASP G 71 100.26 -37.39 43.21
C ASP G 71 98.83 -36.82 43.31
N VAL G 72 98.73 -35.50 43.42
CA VAL G 72 97.43 -34.85 43.40
C VAL G 72 96.66 -35.11 42.12
N THR G 73 97.34 -35.07 40.98
CA THR G 73 96.65 -35.23 39.71
C THR G 73 96.20 -36.68 39.47
N ILE G 74 97.04 -37.63 39.84
CA ILE G 74 96.69 -39.02 39.67
C ILE G 74 95.49 -39.37 40.54
N LEU G 75 95.61 -39.10 41.84
CA LEU G 75 94.53 -39.37 42.80
C LEU G 75 93.22 -38.82 42.29
N SER G 76 93.29 -37.63 41.72
CA SER G 76 92.13 -36.98 41.12
C SER G 76 91.54 -37.79 39.94
N ARG G 77 92.39 -38.19 39.00
CA ARG G 77 91.93 -38.97 37.85
C ARG G 77 91.46 -40.35 38.26
N TYR G 78 92.05 -40.89 39.32
CA TYR G 78 91.59 -42.17 39.82
C TYR G 78 90.20 -42.07 40.44
N LEU G 79 89.98 -41.01 41.20
CA LEU G 79 88.68 -40.79 41.85
C LEU G 79 87.56 -40.55 40.83
N ILE G 80 87.89 -39.88 39.73
CA ILE G 80 86.91 -39.60 38.69
C ILE G 80 86.74 -40.85 37.82
N ARG G 81 87.55 -41.87 38.16
CA ARG G 81 87.52 -43.22 37.57
C ARG G 81 88.13 -43.39 36.17
N VAL G 82 88.86 -42.37 35.73
CA VAL G 82 89.57 -42.43 34.47
C VAL G 82 90.78 -43.36 34.56
N ILE G 83 91.52 -43.25 35.66
CA ILE G 83 92.56 -44.21 36.01
C ILE G 83 91.94 -45.32 36.84
N GLU G 84 92.28 -46.57 36.55
CA GLU G 84 91.65 -47.69 37.22
C GLU G 84 92.34 -48.21 38.49
N LYS G 85 93.64 -47.96 38.65
CA LYS G 85 94.36 -48.36 39.88
C LYS G 85 95.67 -47.58 40.05
N LEU G 86 96.34 -47.78 41.19
CA LEU G 86 97.62 -47.10 41.50
C LEU G 86 98.85 -47.59 40.67
N PRO G 87 99.56 -46.66 40.00
CA PRO G 87 100.56 -47.06 39.00
C PRO G 87 101.99 -46.82 39.47
N ALA H 18 1.10 -8.79 -8.68
CA ALA H 18 2.14 -9.65 -9.23
C ALA H 18 3.34 -8.82 -9.70
N SER H 19 4.46 -9.48 -9.94
CA SER H 19 5.69 -8.77 -10.15
C SER H 19 6.34 -9.13 -11.47
N SER H 20 6.85 -8.13 -12.16
CA SER H 20 7.46 -8.39 -13.45
C SER H 20 8.48 -7.34 -13.81
N ILE H 21 9.22 -7.65 -14.85
CA ILE H 21 9.96 -6.67 -15.59
C ILE H 21 9.60 -6.90 -17.06
N GLU H 22 9.35 -5.82 -17.79
CA GLU H 22 8.76 -5.94 -19.11
C GLU H 22 9.43 -5.04 -20.16
N LEU H 23 9.34 -5.47 -21.40
CA LEU H 23 9.75 -4.65 -22.51
C LEU H 23 8.54 -4.53 -23.45
N LYS H 24 7.93 -3.35 -23.47
CA LYS H 24 6.82 -3.04 -24.40
C LYS H 24 7.29 -2.11 -25.52
N PHE H 25 6.95 -2.46 -26.76
CA PHE H 25 7.16 -1.55 -27.90
C PHE H 25 5.92 -0.67 -28.14
N ASP H 26 6.14 0.54 -28.65
CA ASP H 26 5.03 1.49 -28.81
C ASP H 26 4.28 1.25 -30.11
N ARG H 27 5.01 0.92 -31.17
CA ARG H 27 4.40 0.58 -32.44
C ARG H 27 4.87 -0.80 -32.90
N ASN H 28 3.92 -1.59 -33.41
CA ASN H 28 4.19 -2.95 -33.91
C ASN H 28 4.83 -3.05 -35.31
N LYS H 29 4.57 -2.08 -36.19
CA LYS H 29 5.17 -2.07 -37.54
C LYS H 29 5.82 -0.74 -37.88
N GLY H 30 6.50 -0.68 -39.02
CA GLY H 30 7.11 0.55 -39.46
C GLY H 30 7.87 0.49 -40.78
N GLU H 31 8.42 1.62 -41.18
CA GLU H 31 9.21 1.71 -42.40
C GLU H 31 10.69 1.99 -42.12
N VAL H 32 11.55 1.56 -43.04
CA VAL H 32 12.97 1.81 -42.92
C VAL H 32 13.27 3.26 -42.52
N GLY H 33 14.20 3.43 -41.57
CA GLY H 33 14.54 4.74 -41.05
C GLY H 33 13.63 5.15 -39.90
N ASP H 34 12.51 4.44 -39.72
CA ASP H 34 11.62 4.69 -38.58
C ASP H 34 12.24 4.26 -37.26
N ILE H 35 11.89 4.99 -36.20
CA ILE H 35 12.43 4.69 -34.89
C ILE H 35 11.36 4.15 -33.94
N LEU H 36 11.27 2.82 -33.85
CA LEU H 36 10.45 2.12 -32.86
C LEU H 36 11.02 2.32 -31.47
N ILE H 37 10.16 2.67 -30.51
CA ILE H 37 10.60 2.94 -29.15
C ILE H 37 10.29 1.83 -28.16
N GLY H 38 11.35 1.18 -27.68
CA GLY H 38 11.26 0.12 -26.69
C GLY H 38 11.32 0.65 -25.26
N THR H 39 10.26 0.38 -24.50
CA THR H 39 10.17 0.82 -23.11
C THR H 39 10.30 -0.34 -22.11
N VAL H 40 11.28 -0.23 -21.20
CA VAL H 40 11.54 -1.25 -20.20
C VAL H 40 11.01 -0.78 -18.84
N ARG H 41 10.07 -1.52 -18.27
CA ARG H 41 9.54 -1.11 -16.98
C ARG H 41 9.34 -2.24 -15.99
N ILE H 42 9.30 -1.88 -14.71
CA ILE H 42 9.20 -2.86 -13.63
C ILE H 42 7.90 -2.65 -12.86
N ASN H 43 7.25 -3.76 -12.53
CA ASN H 43 6.04 -3.70 -11.72
C ASN H 43 6.18 -4.50 -10.45
N ASN H 44 5.95 -3.81 -9.34
CA ASN H 44 5.83 -4.46 -8.04
C ASN H 44 7.03 -5.29 -7.53
N ILE H 45 8.23 -4.77 -7.76
CA ILE H 45 9.43 -5.36 -7.21
C ILE H 45 9.68 -4.81 -5.81
N LYS H 46 9.37 -5.64 -4.81
CA LYS H 46 9.46 -5.23 -3.41
C LYS H 46 10.87 -4.71 -3.06
N ASN H 47 10.90 -3.52 -2.45
CA ASN H 47 12.14 -2.94 -1.96
C ASN H 47 13.21 -2.72 -3.04
N PHE H 48 12.75 -2.40 -4.25
CA PHE H 48 13.64 -2.21 -5.40
C PHE H 48 14.74 -1.17 -5.17
N ALA H 49 15.94 -1.46 -5.68
CA ALA H 49 17.10 -0.58 -5.48
C ALA H 49 18.15 -0.61 -6.60
N GLY H 50 17.99 -1.51 -7.58
CA GLY H 50 18.94 -1.57 -8.67
C GLY H 50 18.74 -2.76 -9.57
N PHE H 51 19.36 -2.75 -10.75
CA PHE H 51 19.16 -3.83 -11.68
C PHE H 51 20.32 -3.94 -12.63
N GLN H 52 20.41 -5.08 -13.30
CA GLN H 52 21.20 -5.20 -14.49
C GLN H 52 20.34 -5.95 -15.50
N VAL H 53 20.40 -5.58 -16.77
CA VAL H 53 19.71 -6.36 -17.79
C VAL H 53 20.60 -6.57 -19.01
N ASN H 54 20.23 -7.59 -19.75
CA ASN H 54 20.89 -7.94 -21.00
C ASN H 54 19.83 -8.14 -22.07
N ILE H 55 19.84 -7.27 -23.08
CA ILE H 55 18.84 -7.30 -24.12
C ILE H 55 19.50 -7.50 -25.48
N VAL H 56 18.98 -8.44 -26.27
CA VAL H 56 19.50 -8.69 -27.62
C VAL H 56 18.52 -8.36 -28.76
N TYR H 57 19.10 -7.94 -29.88
CA TYR H 57 18.36 -7.56 -31.07
C TYR H 57 19.22 -7.93 -32.27
N ASP H 58 18.65 -7.88 -33.47
CA ASP H 58 19.37 -8.28 -34.67
C ASP H 58 20.01 -7.07 -35.33
N PRO H 59 21.33 -6.88 -35.16
CA PRO H 59 21.96 -5.62 -35.59
C PRO H 59 21.82 -5.37 -37.10
N LYS H 60 21.51 -6.41 -37.86
CA LYS H 60 21.26 -6.31 -39.29
C LYS H 60 19.93 -5.60 -39.55
N VAL H 61 18.93 -5.91 -38.72
CA VAL H 61 17.57 -5.43 -38.94
C VAL H 61 17.19 -4.20 -38.10
N LEU H 62 17.80 -4.06 -36.92
CA LEU H 62 17.53 -2.91 -36.05
C LEU H 62 18.82 -2.25 -35.57
N MET H 63 18.71 -0.98 -35.21
CA MET H 63 19.86 -0.22 -34.75
C MET H 63 19.49 0.47 -33.44
N ALA H 64 20.22 0.15 -32.38
CA ALA H 64 19.99 0.77 -31.08
C ALA H 64 20.35 2.25 -31.16
N VAL H 65 19.40 3.09 -30.79
CA VAL H 65 19.58 4.51 -31.02
C VAL H 65 18.91 5.27 -29.91
N ASP H 66 19.44 6.43 -29.59
CA ASP H 66 18.81 7.27 -28.58
C ASP H 66 17.47 7.79 -29.11
N PRO H 67 16.36 7.47 -28.43
CA PRO H 67 15.07 7.85 -29.00
C PRO H 67 14.82 9.36 -28.95
N GLU H 68 15.75 10.10 -28.38
CA GLU H 68 15.62 11.56 -28.28
C GLU H 68 16.47 12.31 -29.32
N THR H 69 17.51 11.65 -29.82
CA THR H 69 18.49 12.32 -30.68
C THR H 69 18.88 11.51 -31.91
N GLY H 70 18.37 10.27 -31.99
CA GLY H 70 18.73 9.39 -33.08
C GLY H 70 20.22 9.00 -33.14
N LYS H 71 20.99 9.39 -32.12
CA LYS H 71 22.41 8.97 -32.04
C LYS H 71 22.53 7.46 -31.88
N GLU H 72 23.41 6.84 -32.67
CA GLU H 72 23.67 5.41 -32.55
C GLU H 72 24.29 5.12 -31.17
N PHE H 73 23.77 4.08 -30.50
CA PHE H 73 24.28 3.62 -29.20
C PHE H 73 25.75 3.20 -29.31
N THR H 74 26.55 3.55 -28.32
CA THR H 74 27.90 2.97 -28.19
C THR H 74 27.98 2.12 -26.93
N SER H 75 29.13 1.49 -26.73
CA SER H 75 29.30 0.62 -25.60
C SER H 75 28.96 1.31 -24.29
N SER H 76 29.31 2.59 -24.19
CA SER H 76 29.12 3.30 -22.93
C SER H 76 27.76 4.00 -22.81
N THR H 77 26.90 3.78 -23.79
CA THR H 77 25.64 4.53 -23.87
C THR H 77 24.54 4.01 -22.96
N PHE H 78 24.14 4.84 -22.00
CA PHE H 78 23.10 4.47 -21.05
C PHE H 78 21.73 5.05 -21.40
N PRO H 79 20.73 4.16 -21.59
CA PRO H 79 19.36 4.50 -21.99
C PRO H 79 18.75 5.57 -21.08
N PRO H 80 18.08 6.57 -21.68
CA PRO H 80 17.49 7.68 -20.92
C PRO H 80 16.06 7.42 -20.45
N GLY H 81 15.55 8.31 -19.60
CA GLY H 81 14.14 8.38 -19.28
C GLY H 81 13.51 7.44 -18.26
N ARG H 82 14.29 6.99 -17.29
CA ARG H 82 13.70 6.20 -16.22
C ARG H 82 12.82 7.13 -15.39
N THR H 83 11.94 6.55 -14.57
CA THR H 83 11.16 7.31 -13.61
C THR H 83 11.40 6.81 -12.18
N VAL H 84 12.32 5.85 -12.01
CA VAL H 84 12.68 5.39 -10.67
C VAL H 84 14.15 5.56 -10.36
N LEU H 85 14.47 5.51 -9.07
CA LEU H 85 15.84 5.66 -8.57
C LEU H 85 16.42 6.98 -9.05
N LYS H 86 15.73 8.06 -8.73
CA LYS H 86 16.17 9.40 -9.11
C LYS H 86 16.41 10.25 -7.85
N ASN H 87 16.38 9.62 -6.68
CA ASN H 87 16.59 10.38 -5.47
C ASN H 87 18.08 10.49 -5.21
N ASN H 88 18.67 11.64 -5.55
CA ASN H 88 20.13 11.76 -5.52
C ASN H 88 20.64 11.69 -4.09
N ALA H 89 19.74 11.77 -3.12
CA ALA H 89 20.11 11.57 -1.73
C ALA H 89 20.79 10.21 -1.47
N TYR H 90 20.62 9.26 -2.38
CA TYR H 90 21.19 7.93 -2.19
C TYR H 90 22.23 7.54 -3.25
N GLY H 91 22.69 8.53 -4.01
CA GLY H 91 23.79 8.35 -4.94
C GLY H 91 23.58 7.32 -6.03
N PRO H 92 22.63 7.57 -6.93
CA PRO H 92 22.44 6.67 -8.07
C PRO H 92 23.71 6.54 -8.89
N ILE H 93 23.91 5.40 -9.52
CA ILE H 93 25.01 5.24 -10.46
C ILE H 93 24.60 4.46 -11.71
N GLN H 94 25.12 4.86 -12.86
CA GLN H 94 24.74 4.24 -14.12
C GLN H 94 25.93 3.57 -14.72
N ILE H 95 25.74 2.33 -15.16
CA ILE H 95 26.81 1.59 -15.83
C ILE H 95 26.24 1.05 -17.13
N ALA H 96 26.98 1.24 -18.22
CA ALA H 96 26.57 0.67 -19.50
C ALA H 96 27.73 -0.06 -20.11
N ASP H 97 27.42 -1.11 -20.86
CA ASP H 97 28.46 -1.94 -21.47
C ASP H 97 27.87 -2.72 -22.64
N ASN H 98 27.57 -1.99 -23.71
CA ASN H 98 26.90 -2.59 -24.85
C ASN H 98 27.91 -3.00 -25.89
N ASP H 99 27.51 -3.93 -26.74
CA ASP H 99 28.25 -4.24 -27.96
C ASP H 99 27.25 -4.24 -29.10
N PRO H 100 26.98 -3.05 -29.66
CA PRO H 100 25.91 -2.89 -30.64
C PRO H 100 26.17 -3.69 -31.91
N GLU H 101 27.44 -3.83 -32.30
CA GLU H 101 27.76 -4.64 -33.47
C GLU H 101 27.21 -6.04 -33.30
N LYS H 102 27.38 -6.64 -32.12
CA LYS H 102 26.89 -8.00 -31.90
C LYS H 102 25.40 -8.01 -31.56
N GLY H 103 24.80 -6.83 -31.52
CA GLY H 103 23.38 -6.71 -31.20
C GLY H 103 23.09 -6.86 -29.72
N ILE H 104 23.97 -6.33 -28.88
CA ILE H 104 23.82 -6.52 -27.45
C ILE H 104 23.77 -5.22 -26.66
N LEU H 105 22.65 -5.03 -25.97
CA LEU H 105 22.50 -3.98 -24.98
C LEU H 105 22.63 -4.58 -23.60
N ASN H 106 23.46 -3.94 -22.76
CA ASN H 106 23.71 -4.42 -21.41
C ASN H 106 24.02 -3.24 -20.50
N PHE H 107 23.18 -3.03 -19.50
CA PHE H 107 23.36 -1.86 -18.67
C PHE H 107 22.74 -2.05 -17.29
N ALA H 108 23.13 -1.19 -16.36
CA ALA H 108 22.68 -1.36 -14.97
C ALA H 108 22.65 -0.06 -14.18
N LEU H 109 21.82 -0.06 -13.15
CA LEU H 109 21.63 1.11 -12.31
C LEU H 109 21.39 0.66 -10.87
N ALA H 110 21.89 1.42 -9.90
CA ALA H 110 21.60 1.13 -8.49
C ALA H 110 21.87 2.34 -7.64
N TYR H 111 21.13 2.45 -6.55
CA TYR H 111 21.47 3.39 -5.50
C TYR H 111 22.78 2.95 -4.82
N SER H 112 23.56 3.91 -4.32
CA SER H 112 24.82 3.57 -3.66
C SER H 112 24.55 3.38 -2.18
N TYR H 113 24.02 4.44 -1.58
CA TYR H 113 23.75 4.47 -0.16
C TYR H 113 22.40 3.82 0.12
N ILE H 114 22.31 2.52 -0.15
CA ILE H 114 21.07 1.79 0.08
C ILE H 114 20.61 1.77 1.54
N ALA H 115 21.54 1.76 2.47
CA ALA H 115 21.17 1.83 3.87
C ALA H 115 20.23 3.00 4.15
N GLY H 116 20.50 4.15 3.55
CA GLY H 116 19.78 5.36 3.88
C GLY H 116 18.41 5.33 3.24
N TYR H 117 18.38 4.76 2.04
CA TYR H 117 17.16 4.54 1.28
C TYR H 117 16.23 3.66 2.10
N LYS H 118 16.77 2.56 2.63
CA LYS H 118 16.02 1.66 3.48
C LYS H 118 15.55 2.31 4.78
N GLU H 119 16.37 3.21 5.31
CA GLU H 119 16.09 3.86 6.57
C GLU H 119 14.91 4.84 6.49
N THR H 120 14.56 5.28 5.28
CA THR H 120 13.37 6.10 5.14
C THR H 120 12.18 5.16 4.98
N GLY H 121 12.45 3.98 4.43
CA GLY H 121 11.46 2.93 4.34
C GLY H 121 10.35 3.14 3.32
N VAL H 122 10.58 4.07 2.40
CA VAL H 122 9.65 4.25 1.29
C VAL H 122 10.32 3.68 0.06
N ALA H 123 9.73 2.60 -0.47
CA ALA H 123 10.35 1.90 -1.59
C ALA H 123 9.63 2.20 -2.89
N GLU H 124 10.40 2.70 -3.85
CA GLU H 124 9.94 2.86 -5.22
C GLU H 124 9.89 1.45 -5.81
N GLU H 125 8.68 0.97 -6.13
CA GLU H 125 8.50 -0.42 -6.55
C GLU H 125 8.00 -0.62 -7.96
N SER H 126 7.50 0.45 -8.57
CA SER H 126 7.01 0.38 -9.95
C SER H 126 7.42 1.61 -10.72
N GLY H 127 7.79 1.40 -11.98
CA GLY H 127 8.23 2.51 -12.81
C GLY H 127 8.97 2.14 -14.07
N ILE H 128 9.27 3.16 -14.86
CA ILE H 128 10.08 3.00 -16.04
C ILE H 128 11.55 2.96 -15.66
N ILE H 129 12.28 2.00 -16.18
CA ILE H 129 13.71 2.00 -15.93
C ILE H 129 14.50 2.41 -17.17
N ALA H 130 13.96 2.17 -18.37
CA ALA H 130 14.64 2.57 -19.61
C ALA H 130 13.77 2.70 -20.86
N LYS H 131 14.20 3.60 -21.75
CA LYS H 131 13.59 3.73 -23.07
C LYS H 131 14.69 3.63 -24.13
N ILE H 132 14.52 2.73 -25.09
CA ILE H 132 15.56 2.53 -26.07
C ILE H 132 14.99 2.68 -27.46
N GLY H 133 15.73 3.36 -28.31
CA GLY H 133 15.36 3.48 -29.70
C GLY H 133 15.91 2.36 -30.53
N PHE H 134 15.04 1.76 -31.33
CA PHE H 134 15.48 0.89 -32.41
C PHE H 134 15.07 1.48 -33.74
N LYS H 135 16.05 1.68 -34.62
CA LYS H 135 15.83 2.25 -35.95
C LYS H 135 15.73 1.13 -36.96
N ILE H 136 14.59 1.06 -37.65
CA ILE H 136 14.37 0.00 -38.62
C ILE H 136 15.38 0.07 -39.76
N LEU H 137 16.23 -0.95 -39.87
CA LEU H 137 17.26 -1.02 -40.91
C LEU H 137 16.73 -1.74 -42.14
N GLN H 138 15.90 -2.75 -41.90
CA GLN H 138 15.28 -3.55 -42.94
C GLN H 138 13.86 -3.82 -42.53
N LYS H 139 13.07 -4.44 -43.41
CA LYS H 139 11.68 -4.70 -43.09
C LYS H 139 11.42 -6.20 -43.01
N LYS H 140 12.28 -6.90 -42.26
CA LYS H 140 12.08 -8.32 -41.95
C LYS H 140 11.32 -8.51 -40.63
N SER H 141 10.94 -9.74 -40.33
CA SER H 141 10.45 -10.06 -39.00
C SER H 141 11.66 -10.36 -38.14
N THR H 142 11.68 -9.78 -36.96
CA THR H 142 12.81 -9.96 -36.05
C THR H 142 12.29 -9.84 -34.63
N ALA H 143 13.12 -10.26 -33.68
CA ALA H 143 12.78 -10.21 -32.26
C ALA H 143 13.83 -9.46 -31.44
N VAL H 144 13.38 -8.71 -30.43
CA VAL H 144 14.28 -8.24 -29.40
C VAL H 144 13.81 -8.83 -28.09
N LYS H 145 14.76 -9.25 -27.27
CA LYS H 145 14.43 -9.96 -26.04
C LYS H 145 15.46 -9.77 -24.95
N PHE H 146 14.99 -9.91 -23.71
CA PHE H 146 15.84 -10.16 -22.56
C PHE H 146 16.52 -11.52 -22.72
N GLN H 147 17.84 -11.56 -22.78
CA GLN H 147 18.53 -12.82 -22.92
C GLN H 147 19.67 -13.05 -21.91
N ASP H 148 19.80 -14.29 -21.47
CA ASP H 148 20.84 -14.70 -20.55
C ASP H 148 22.22 -14.58 -21.15
N THR H 149 23.20 -14.28 -20.31
CA THR H 149 24.59 -14.19 -20.76
C THR H 149 25.55 -14.75 -19.68
N LEU H 150 26.73 -15.16 -20.12
CA LEU H 150 27.76 -15.60 -19.17
C LEU H 150 28.18 -14.50 -18.20
N SER H 151 27.80 -13.24 -18.48
CA SER H 151 28.17 -12.13 -17.61
C SER H 151 27.25 -12.06 -16.39
N MET H 152 26.10 -12.72 -16.46
CA MET H 152 25.19 -12.72 -15.33
C MET H 152 24.67 -14.11 -15.00
N PRO H 153 25.47 -14.90 -14.26
CA PRO H 153 25.04 -16.23 -13.84
C PRO H 153 23.91 -16.12 -12.83
N GLY H 154 22.96 -17.05 -12.89
CA GLY H 154 21.88 -17.09 -11.91
C GLY H 154 20.82 -16.04 -12.20
N ALA H 155 20.96 -15.39 -13.35
CA ALA H 155 20.01 -14.37 -13.76
C ALA H 155 18.70 -15.00 -14.20
N ILE H 156 17.60 -14.28 -14.00
CA ILE H 156 16.33 -14.65 -14.61
C ILE H 156 16.17 -14.10 -16.05
N SER H 157 16.32 -14.99 -17.03
CA SER H 157 16.31 -14.64 -18.46
C SER H 157 17.01 -13.33 -18.79
N GLY H 158 18.21 -13.12 -18.26
CA GLY H 158 18.99 -11.95 -18.60
C GLY H 158 18.68 -10.74 -17.74
N THR H 159 17.90 -10.94 -16.69
CA THR H 159 17.61 -9.85 -15.77
C THR H 159 18.10 -10.14 -14.36
N GLN H 160 18.44 -9.09 -13.62
CA GLN H 160 18.84 -9.24 -12.23
C GLN H 160 18.42 -7.99 -11.45
N LEU H 161 17.55 -8.17 -10.47
CA LEU H 161 17.10 -7.03 -9.69
C LEU H 161 17.53 -7.14 -8.23
N PHE H 162 17.77 -6.00 -7.59
CA PHE H 162 18.29 -5.99 -6.24
C PHE H 162 17.43 -5.14 -5.33
N ASP H 163 17.27 -5.59 -4.09
CA ASP H 163 16.58 -4.81 -3.08
C ASP H 163 17.54 -3.92 -2.29
N TRP H 164 17.05 -3.30 -1.24
CA TRP H 164 17.85 -2.32 -0.53
C TRP H 164 18.73 -2.91 0.57
N ASP H 165 18.72 -4.25 0.66
CA ASP H 165 19.64 -4.96 1.54
C ASP H 165 20.84 -5.40 0.72
N GLY H 166 20.88 -5.01 -0.55
CA GLY H 166 21.97 -5.42 -1.42
C GLY H 166 21.78 -6.83 -1.97
N GLU H 167 20.62 -7.42 -1.70
CA GLU H 167 20.30 -8.79 -2.11
C GLU H 167 19.59 -8.85 -3.48
N VAL H 168 19.84 -9.92 -4.24
CA VAL H 168 19.08 -10.09 -5.48
C VAL H 168 17.66 -10.54 -5.15
N ILE H 169 16.72 -10.11 -5.99
CA ILE H 169 15.32 -10.46 -5.87
C ILE H 169 14.96 -11.52 -6.91
N THR H 170 13.99 -12.35 -6.57
CA THR H 170 13.51 -13.34 -7.52
C THR H 170 11.97 -13.46 -7.50
N GLY H 171 11.40 -14.37 -8.29
CA GLY H 171 9.96 -14.59 -8.26
C GLY H 171 9.10 -13.69 -9.13
N TYR H 172 9.73 -12.81 -9.89
CA TYR H 172 9.00 -11.90 -10.76
C TYR H 172 9.04 -12.49 -12.14
N GLU H 173 8.05 -12.17 -12.97
CA GLU H 173 8.04 -12.67 -14.35
C GLU H 173 8.81 -11.75 -15.30
N VAL H 174 9.52 -12.35 -16.25
CA VAL H 174 10.09 -11.56 -17.33
C VAL H 174 9.15 -11.61 -18.53
N ILE H 175 8.48 -10.50 -18.78
CA ILE H 175 7.55 -10.39 -19.88
C ILE H 175 8.25 -9.93 -21.15
N GLN H 176 8.20 -10.75 -22.20
CA GLN H 176 8.90 -10.39 -23.44
C GLN H 176 8.01 -9.87 -24.58
N PRO H 177 8.55 -8.92 -25.37
CA PRO H 177 7.77 -8.22 -26.39
C PRO H 177 7.41 -9.18 -27.51
N ASP H 178 6.24 -8.98 -28.13
CA ASP H 178 5.85 -9.84 -29.26
C ASP H 178 6.81 -9.58 -30.40
N VAL H 179 7.06 -10.60 -31.20
CA VAL H 179 7.95 -10.44 -32.35
C VAL H 179 7.45 -9.33 -33.28
N LEU H 180 8.38 -8.51 -33.76
CA LEU H 180 8.05 -7.41 -34.65
C LEU H 180 7.98 -7.87 -36.11
N SER H 181 6.91 -7.49 -36.80
CA SER H 181 6.65 -7.96 -38.16
C SER H 181 7.10 -7.00 -39.26
N LEU H 182 7.30 -7.55 -40.45
CA LEU H 182 7.77 -6.83 -41.64
C LEU H 182 8.50 -5.52 -41.31
N THR I 5 63.69 -33.65 56.20
CA THR I 5 64.69 -32.73 55.66
C THR I 5 65.20 -31.79 56.76
N PRO I 6 66.00 -32.34 57.71
CA PRO I 6 66.55 -31.62 58.86
C PRO I 6 67.72 -30.68 58.54
N ASN I 7 68.42 -30.24 59.58
CA ASN I 7 69.58 -29.37 59.44
C ASN I 7 70.88 -30.12 59.13
N LYS I 8 70.77 -31.39 58.73
CA LYS I 8 71.92 -32.15 58.28
C LYS I 8 72.08 -32.10 56.76
N LEU I 9 73.30 -32.36 56.30
CA LEU I 9 73.68 -32.23 54.92
C LEU I 9 72.84 -33.13 54.02
N THR I 10 72.32 -32.55 52.96
CA THR I 10 71.47 -33.31 52.09
C THR I 10 71.82 -33.05 50.63
N LEU I 11 72.10 -34.14 49.93
CA LEU I 11 72.41 -34.10 48.52
C LEU I 11 71.18 -34.60 47.76
N LYS I 12 70.56 -33.69 47.00
CA LYS I 12 69.33 -34.02 46.33
C LYS I 12 69.43 -33.89 44.79
N ILE I 13 69.08 -34.97 44.10
CA ILE I 13 68.97 -34.97 42.63
C ILE I 13 67.58 -34.47 42.24
N GLY I 14 67.53 -33.27 41.66
CA GLY I 14 66.29 -32.71 41.17
C GLY I 14 65.52 -33.53 40.12
N ARG I 15 64.54 -32.87 39.51
CA ARG I 15 63.68 -33.53 38.54
C ARG I 15 63.37 -32.56 37.43
N ALA I 16 63.10 -33.10 36.25
CA ALA I 16 62.75 -32.30 35.09
C ALA I 16 61.88 -33.13 34.14
N GLU I 17 61.37 -32.50 33.09
CA GLU I 17 60.52 -33.20 32.14
C GLU I 17 60.61 -32.61 30.76
N GLY I 18 60.44 -33.45 29.76
CA GLY I 18 60.53 -33.03 28.38
C GLY I 18 60.05 -34.11 27.44
N ARG I 19 59.79 -33.72 26.18
CA ARG I 19 59.44 -34.66 25.13
C ARG I 19 60.72 -35.29 24.64
N PRO I 20 60.63 -36.46 24.00
CA PRO I 20 61.81 -37.01 23.33
C PRO I 20 62.42 -35.96 22.41
N GLY I 21 63.75 -35.86 22.39
CA GLY I 21 64.43 -34.84 21.60
C GLY I 21 64.78 -33.55 22.33
N ASP I 22 63.95 -33.16 23.30
CA ASP I 22 64.19 -31.98 24.14
C ASP I 22 65.49 -32.04 24.95
N THR I 23 66.02 -30.87 25.29
CA THR I 23 67.12 -30.81 26.23
C THR I 23 66.67 -30.34 27.61
N VAL I 24 67.05 -31.10 28.63
CA VAL I 24 66.60 -30.82 29.99
C VAL I 24 67.77 -30.53 30.93
N GLU I 25 67.49 -29.77 31.99
CA GLU I 25 68.46 -29.50 33.04
C GLU I 25 67.96 -30.11 34.35
N ILE I 26 68.68 -31.08 34.87
CA ILE I 26 68.39 -31.66 36.17
C ILE I 26 69.40 -31.09 37.18
N PRO I 27 68.93 -30.28 38.15
CA PRO I 27 69.83 -29.72 39.17
C PRO I 27 70.30 -30.74 40.18
N VAL I 28 71.45 -30.48 40.78
CA VAL I 28 71.88 -31.22 41.95
C VAL I 28 72.05 -30.23 43.09
N ASN I 29 71.31 -30.46 44.16
CA ASN I 29 71.31 -29.50 45.26
C ASN I 29 71.95 -30.03 46.51
N LEU I 30 72.66 -29.11 47.19
CA LEU I 30 73.09 -29.34 48.55
C LEU I 30 72.20 -28.52 49.46
N TYR I 31 71.72 -29.16 50.52
CA TYR I 31 70.99 -28.49 51.59
C TYR I 31 71.66 -28.85 52.92
N GLY I 32 71.59 -27.93 53.88
CA GLY I 32 72.09 -28.19 55.21
C GLY I 32 73.59 -28.03 55.31
N VAL I 33 74.10 -27.02 54.62
CA VAL I 33 75.54 -26.82 54.56
C VAL I 33 75.97 -26.16 55.84
N PRO I 34 76.90 -26.81 56.57
CA PRO I 34 77.47 -26.39 57.87
C PRO I 34 78.12 -25.01 57.87
N GLN I 35 78.18 -24.41 59.07
CA GLN I 35 78.77 -23.10 59.24
C GLN I 35 80.17 -23.11 58.65
N LYS I 36 80.93 -24.18 58.96
CA LYS I 36 82.34 -24.33 58.60
C LYS I 36 82.57 -24.34 57.08
N GLY I 37 81.57 -24.83 56.35
CA GLY I 37 81.67 -25.00 54.91
C GLY I 37 82.03 -26.42 54.53
N ILE I 38 81.69 -26.80 53.29
CA ILE I 38 82.07 -28.12 52.77
C ILE I 38 83.24 -28.00 51.81
N ALA I 39 84.29 -28.79 52.06
CA ALA I 39 85.52 -28.67 51.29
C ALA I 39 85.69 -29.78 50.24
N SER I 40 84.92 -30.85 50.37
CA SER I 40 85.08 -31.97 49.46
C SER I 40 83.83 -32.82 49.35
N GLY I 41 83.68 -33.51 48.23
CA GLY I 41 82.59 -34.47 48.09
C GLY I 41 82.76 -35.33 46.85
N ASP I 42 82.51 -36.62 46.99
CA ASP I 42 82.50 -37.47 45.82
C ASP I 42 81.35 -38.47 45.82
N PHE I 43 80.75 -38.68 44.66
CA PHE I 43 79.67 -39.65 44.56
C PHE I 43 79.31 -40.03 43.14
N VAL I 44 78.55 -41.12 43.00
CA VAL I 44 78.17 -41.62 41.69
C VAL I 44 76.67 -41.72 41.48
N VAL I 45 76.20 -41.08 40.42
CA VAL I 45 74.82 -41.13 39.99
C VAL I 45 74.64 -42.21 38.93
N SER I 46 73.51 -42.89 38.93
CA SER I 46 73.22 -43.84 37.84
C SER I 46 72.04 -43.31 37.04
N TYR I 47 71.95 -43.69 35.76
CA TYR I 47 70.96 -43.07 34.88
C TYR I 47 70.65 -44.00 33.73
N ASP I 48 69.65 -43.65 32.91
CA ASP I 48 69.29 -44.53 31.80
C ASP I 48 69.68 -43.92 30.47
N PRO I 49 70.78 -44.40 29.89
CA PRO I 49 71.30 -43.92 28.61
C PRO I 49 70.44 -44.39 27.44
N ASN I 50 69.52 -45.32 27.68
CA ASN I 50 68.53 -45.67 26.65
C ASN I 50 67.47 -44.59 26.54
N VAL I 51 67.40 -43.72 27.54
CA VAL I 51 66.43 -42.65 27.62
C VAL I 51 67.10 -41.27 27.52
N LEU I 52 68.16 -41.09 28.30
CA LEU I 52 68.91 -39.83 28.36
C LEU I 52 70.30 -39.92 27.75
N GLU I 53 70.76 -38.83 27.15
CA GLU I 53 72.15 -38.70 26.75
C GLU I 53 72.77 -37.51 27.48
N ILE I 54 73.70 -37.77 28.38
CA ILE I 54 74.35 -36.70 29.12
C ILE I 54 75.13 -35.81 28.16
N ILE I 55 74.73 -34.55 28.07
CA ILE I 55 75.45 -33.60 27.23
C ILE I 55 76.66 -33.03 27.96
N GLU I 56 76.41 -32.28 29.04
CA GLU I 56 77.47 -31.88 29.96
C GLU I 56 76.98 -31.60 31.38
N ILE I 57 77.82 -31.87 32.39
CA ILE I 57 77.49 -31.46 33.76
C ILE I 57 78.18 -30.15 34.02
N GLU I 58 77.39 -29.13 34.31
CA GLU I 58 77.93 -27.81 34.61
C GLU I 58 78.09 -27.63 36.12
N PRO I 59 79.23 -27.09 36.55
CA PRO I 59 79.38 -26.77 37.97
C PRO I 59 78.37 -25.73 38.44
N GLY I 60 77.84 -25.89 39.65
CA GLY I 60 76.84 -24.98 40.19
C GLY I 60 77.33 -23.63 40.68
N GLU I 61 76.39 -22.77 41.08
CA GLU I 61 76.71 -21.47 41.67
C GLU I 61 77.48 -21.66 43.00
N LEU I 62 77.19 -22.76 43.69
CA LEU I 62 77.88 -23.11 44.92
C LEU I 62 79.39 -23.23 44.78
N ILE I 63 79.83 -23.62 43.58
CA ILE I 63 81.25 -23.77 43.28
C ILE I 63 81.89 -22.41 43.02
N VAL I 64 82.72 -21.94 43.93
CA VAL I 64 83.08 -20.53 43.94
C VAL I 64 84.52 -20.24 43.54
N ASP I 65 85.25 -21.28 43.20
CA ASP I 65 86.53 -21.13 42.52
C ASP I 65 86.30 -20.24 41.30
N PRO I 66 87.07 -19.14 41.19
CA PRO I 66 87.01 -18.30 39.98
C PRO I 66 87.09 -19.14 38.69
N ASN I 67 87.68 -20.33 38.77
CA ASN I 67 87.63 -21.33 37.70
C ASN I 67 87.10 -22.64 38.24
N PRO I 68 85.78 -22.80 38.25
CA PRO I 68 85.08 -23.88 38.95
C PRO I 68 85.64 -25.24 38.58
N THR I 69 86.16 -25.36 37.37
CA THR I 69 86.55 -26.67 36.86
C THR I 69 87.76 -27.16 37.59
N LYS I 70 88.48 -26.25 38.23
CA LYS I 70 89.67 -26.62 38.97
C LYS I 70 89.31 -27.38 40.23
N SER I 71 88.16 -27.03 40.81
CA SER I 71 87.68 -27.62 42.06
C SER I 71 86.59 -28.66 41.81
N PHE I 72 86.04 -28.65 40.58
CA PHE I 72 84.87 -29.48 40.25
C PHE I 72 85.03 -30.32 38.96
N ASP I 73 84.91 -31.62 39.11
CA ASP I 73 85.21 -32.58 38.06
C ASP I 73 84.09 -33.62 37.88
N THR I 74 83.67 -33.87 36.64
CA THR I 74 82.75 -34.99 36.36
C THR I 74 83.28 -35.93 35.29
N ALA I 75 82.88 -37.19 35.39
CA ALA I 75 83.24 -38.20 34.41
C ALA I 75 82.01 -39.01 34.00
N VAL I 76 81.55 -38.88 32.76
CA VAL I 76 80.39 -39.66 32.29
C VAL I 76 80.75 -40.96 31.54
N TYR I 77 80.23 -42.08 32.01
CA TYR I 77 80.53 -43.37 31.41
C TYR I 77 79.24 -43.98 30.89
N PRO I 78 78.85 -43.64 29.66
CA PRO I 78 77.51 -44.07 29.26
C PRO I 78 77.32 -45.58 29.22
N ASP I 79 78.39 -46.33 28.98
CA ASP I 79 78.25 -47.79 28.90
C ASP I 79 78.14 -48.45 30.27
N ARG I 80 78.59 -47.75 31.30
CA ARG I 80 78.50 -48.23 32.67
C ARG I 80 77.28 -47.61 33.34
N LYS I 81 76.51 -46.85 32.56
CA LYS I 81 75.30 -46.19 33.05
C LYS I 81 75.49 -45.24 34.24
N MET I 82 76.68 -44.63 34.36
CA MET I 82 76.99 -43.80 35.52
C MET I 82 77.59 -42.43 35.24
N ILE I 83 77.44 -41.51 36.19
CA ILE I 83 78.17 -40.26 36.15
C ILE I 83 78.94 -40.20 37.44
N VAL I 84 80.22 -39.81 37.39
CA VAL I 84 80.97 -39.60 38.63
C VAL I 84 81.22 -38.13 38.90
N PHE I 85 81.06 -37.74 40.16
CA PHE I 85 81.16 -36.35 40.59
C PHE I 85 82.32 -36.21 41.56
N LEU I 86 83.12 -35.16 41.39
CA LEU I 86 84.19 -34.94 42.34
C LEU I 86 84.27 -33.48 42.65
N PHE I 87 84.40 -33.16 43.92
CA PHE I 87 84.63 -31.80 44.31
C PHE I 87 85.68 -31.75 45.38
N ALA I 88 86.66 -30.88 45.19
CA ALA I 88 87.77 -30.76 46.13
C ALA I 88 88.27 -29.33 46.04
N GLU I 89 87.85 -28.51 46.99
CA GLU I 89 88.15 -27.09 47.00
C GLU I 89 89.62 -26.93 46.65
N ASP I 90 89.91 -26.13 45.63
CA ASP I 90 91.22 -26.21 44.98
C ASP I 90 92.25 -25.21 45.46
N SER I 91 91.82 -24.24 46.27
CA SER I 91 92.74 -23.22 46.74
C SER I 91 93.69 -23.85 47.74
N GLY I 92 93.25 -24.93 48.37
CA GLY I 92 94.10 -25.60 49.35
C GLY I 92 94.22 -24.74 50.60
N THR I 93 93.31 -23.77 50.75
CA THR I 93 93.30 -22.93 51.95
C THR I 93 91.91 -22.87 52.57
N GLY I 94 90.98 -23.64 52.02
CA GLY I 94 89.58 -23.58 52.40
C GLY I 94 88.84 -22.39 51.79
N ALA I 95 89.53 -21.58 50.99
CA ALA I 95 88.93 -20.38 50.43
C ALA I 95 87.71 -20.64 49.56
N TYR I 96 87.71 -21.78 48.87
CA TYR I 96 86.65 -22.07 47.91
C TYR I 96 85.67 -23.16 48.41
N ALA I 97 85.63 -23.39 49.71
CA ALA I 97 84.66 -24.35 50.23
C ALA I 97 83.25 -23.81 49.99
N ILE I 98 82.30 -24.73 49.85
CA ILE I 98 80.88 -24.38 49.71
C ILE I 98 80.35 -23.87 51.05
N THR I 99 79.62 -22.75 51.03
CA THR I 99 79.14 -22.14 52.28
C THR I 99 77.64 -21.84 52.36
N GLU I 100 77.00 -21.66 51.22
CA GLU I 100 75.56 -21.45 51.14
C GLU I 100 74.90 -22.78 50.82
N ASP I 101 73.57 -22.80 50.83
CA ASP I 101 72.81 -23.95 50.34
C ASP I 101 72.40 -23.57 48.92
N GLY I 102 72.16 -24.57 48.08
CA GLY I 102 71.81 -24.30 46.69
C GLY I 102 72.32 -25.29 45.65
N VAL I 103 72.49 -24.81 44.43
CA VAL I 103 72.81 -25.70 43.32
C VAL I 103 74.29 -26.05 43.22
N PHE I 104 74.60 -27.32 43.51
CA PHE I 104 75.93 -27.88 43.41
C PHE I 104 76.36 -28.03 41.94
N ALA I 105 75.44 -28.50 41.11
CA ALA I 105 75.72 -28.73 39.70
C ALA I 105 74.43 -28.88 38.92
N THR I 106 74.53 -28.87 37.61
CA THR I 106 73.39 -29.10 36.74
C THR I 106 73.71 -30.11 35.65
N ILE I 107 73.07 -31.27 35.69
CA ILE I 107 73.19 -32.23 34.61
C ILE I 107 72.39 -31.71 33.43
N VAL I 108 73.01 -31.63 32.26
CA VAL I 108 72.31 -31.19 31.06
C VAL I 108 72.21 -32.35 30.10
N ALA I 109 70.99 -32.71 29.75
CA ALA I 109 70.78 -33.90 28.94
C ALA I 109 69.80 -33.69 27.81
N LYS I 110 69.88 -34.59 26.83
CA LYS I 110 68.98 -34.64 25.69
C LYS I 110 68.12 -35.87 25.95
N VAL I 111 66.81 -35.73 25.76
CA VAL I 111 65.94 -36.90 25.85
C VAL I 111 65.97 -37.56 24.49
N LYS I 112 66.46 -38.79 24.45
CA LYS I 112 66.69 -39.46 23.17
C LYS I 112 65.40 -39.67 22.38
N GLU I 113 65.47 -39.43 21.07
CA GLU I 113 64.32 -39.66 20.20
C GLU I 113 63.91 -41.14 20.33
N GLY I 114 62.62 -41.40 20.38
CA GLY I 114 62.18 -42.76 20.62
C GLY I 114 62.68 -43.24 21.98
N ALA I 115 62.43 -42.42 22.98
CA ALA I 115 62.57 -42.81 24.36
C ALA I 115 61.17 -43.11 24.83
N PRO I 116 61.02 -44.11 25.70
CA PRO I 116 59.68 -44.39 26.22
C PRO I 116 59.17 -43.22 27.06
N GLU I 117 57.86 -43.06 27.10
CA GLU I 117 57.22 -42.16 28.06
C GLU I 117 57.36 -42.77 29.44
N GLY I 118 57.37 -41.92 30.47
CA GLY I 118 57.49 -42.42 31.82
C GLY I 118 58.57 -41.70 32.58
N PHE I 119 58.84 -42.18 33.78
CA PHE I 119 59.84 -41.52 34.61
C PHE I 119 61.16 -42.29 34.62
N SER I 120 62.19 -41.64 34.11
CA SER I 120 63.53 -42.22 34.13
C SER I 120 64.27 -41.71 35.35
N ALA I 121 64.63 -42.64 36.22
CA ALA I 121 65.23 -42.29 37.49
C ALA I 121 66.72 -41.98 37.34
N ILE I 122 67.15 -40.93 38.03
CA ILE I 122 68.57 -40.63 38.17
C ILE I 122 68.85 -40.76 39.65
N GLU I 123 69.51 -41.85 40.04
CA GLU I 123 69.70 -42.16 41.45
C GLU I 123 71.15 -42.05 41.86
N ILE I 124 71.38 -41.58 43.08
CA ILE I 124 72.71 -41.59 43.66
C ILE I 124 73.03 -43.02 44.07
N SER I 125 73.73 -43.74 43.20
CA SER I 125 73.99 -45.17 43.40
C SER I 125 75.22 -45.50 44.26
N GLU I 126 76.18 -44.59 44.36
CA GLU I 126 77.34 -44.79 45.22
C GLU I 126 77.70 -43.48 45.88
N PHE I 127 78.18 -43.57 47.11
CA PHE I 127 78.49 -42.37 47.87
C PHE I 127 79.84 -42.50 48.51
N GLY I 128 80.66 -41.47 48.33
CA GLY I 128 82.00 -41.48 48.87
C GLY I 128 81.97 -40.84 50.23
N ALA I 129 82.00 -39.51 50.23
CA ALA I 129 81.96 -38.75 51.45
C ALA I 129 81.72 -37.29 51.11
N PHE I 130 81.39 -36.51 52.14
CA PHE I 130 81.53 -35.07 52.08
C PHE I 130 82.31 -34.73 53.32
N ALA I 131 83.01 -33.61 53.32
CA ALA I 131 83.77 -33.21 54.49
C ALA I 131 83.78 -31.70 54.63
N ASP I 132 83.62 -31.23 55.86
CA ASP I 132 83.66 -29.79 56.15
C ASP I 132 85.06 -29.25 55.92
N ASN I 133 85.23 -27.96 56.20
CA ASN I 133 86.49 -27.29 55.94
C ASN I 133 87.64 -27.74 56.85
N ASP I 134 87.34 -28.58 57.84
CA ASP I 134 88.37 -29.16 58.70
C ASP I 134 88.77 -30.54 58.21
N LEU I 135 88.01 -31.04 57.25
CA LEU I 135 88.27 -32.35 56.62
C LEU I 135 87.71 -33.50 57.45
N VAL I 136 86.79 -33.14 58.32
CA VAL I 136 86.01 -34.12 59.06
C VAL I 136 84.78 -34.47 58.24
N GLU I 137 84.50 -35.77 58.11
CA GLU I 137 83.35 -36.20 57.30
C GLU I 137 81.98 -35.88 57.90
N VAL I 138 81.08 -35.37 57.06
CA VAL I 138 79.74 -35.02 57.50
C VAL I 138 78.75 -36.08 57.02
N GLU I 139 77.79 -36.42 57.88
CA GLU I 139 76.72 -37.35 57.52
C GLU I 139 75.77 -36.70 56.52
N THR I 140 75.41 -37.44 55.48
CA THR I 140 74.63 -36.87 54.39
C THR I 140 73.38 -37.70 54.11
N ASP I 141 72.26 -37.04 53.85
CA ASP I 141 71.08 -37.77 53.41
C ASP I 141 71.09 -37.70 51.90
N LEU I 142 70.69 -38.79 51.24
CA LEU I 142 70.66 -38.79 49.78
C LEU I 142 69.24 -38.92 49.25
N ILE I 143 68.89 -38.03 48.32
CA ILE I 143 67.59 -38.08 47.69
C ILE I 143 67.70 -38.20 46.17
N ASN I 144 67.19 -39.29 45.61
CA ASN I 144 67.15 -39.47 44.15
C ASN I 144 66.18 -38.55 43.41
N GLY I 145 66.08 -38.72 42.11
CA GLY I 145 65.30 -37.85 41.24
C GLY I 145 65.27 -38.45 39.85
N GLY I 146 64.94 -37.65 38.86
CA GLY I 146 64.97 -38.15 37.49
C GLY I 146 64.35 -37.20 36.49
N VAL I 147 63.91 -37.77 35.38
CA VAL I 147 63.37 -37.00 34.27
C VAL I 147 62.06 -37.65 33.82
N LEU I 148 61.00 -36.86 33.74
CA LEU I 148 59.75 -37.41 33.23
C LEU I 148 59.65 -37.18 31.75
N VAL I 149 59.67 -38.28 31.01
CA VAL I 149 59.49 -38.22 29.57
C VAL I 149 58.01 -38.30 29.27
N THR I 150 57.48 -37.21 28.70
CA THR I 150 56.09 -37.18 28.27
C THR I 150 55.96 -36.60 26.87
N ASN I 151 55.24 -37.30 26.00
CA ASN I 151 54.98 -36.79 24.65
C ASN I 151 53.77 -35.84 24.61
N LYS I 152 53.11 -35.67 25.76
CA LYS I 152 52.10 -34.62 25.92
C LYS I 152 52.75 -33.23 25.86
N PRO I 153 53.04 -32.75 24.64
CA PRO I 153 53.69 -31.51 24.17
C PRO I 153 53.23 -30.26 24.93
N VAL I 154 54.16 -29.60 25.61
CA VAL I 154 53.88 -28.37 26.34
C VAL I 154 53.88 -27.18 25.39
N ILE I 155 52.96 -26.26 25.60
CA ILE I 155 52.68 -25.19 24.64
C ILE I 155 53.48 -23.91 24.90
N GLU I 156 53.69 -23.60 26.18
CA GLU I 156 54.21 -22.29 26.54
C GLU I 156 53.37 -21.22 25.83
N GLY I 157 52.31 -20.76 26.50
CA GLY I 157 51.47 -19.72 25.95
C GLY I 157 50.08 -20.18 25.56
N TYR I 158 49.13 -19.25 25.55
CA TYR I 158 47.73 -19.57 25.29
C TYR I 158 47.30 -19.40 23.83
N LYS I 159 46.18 -20.05 23.48
CA LYS I 159 45.55 -19.96 22.16
C LYS I 159 44.45 -18.91 22.15
N VAL I 160 44.59 -17.93 21.26
CA VAL I 160 43.50 -17.01 20.99
C VAL I 160 42.82 -17.42 19.68
N SER I 161 41.50 -17.54 19.72
CA SER I 161 40.79 -18.15 18.59
C SER I 161 39.39 -17.59 18.40
N GLY I 162 38.84 -17.79 17.20
CA GLY I 162 37.48 -17.37 16.93
C GLY I 162 36.96 -17.67 15.53
N TYR I 163 35.82 -17.05 15.22
CA TYR I 163 35.21 -17.25 13.93
C TYR I 163 34.95 -15.92 13.23
N ILE I 164 35.23 -15.92 11.93
CA ILE I 164 34.99 -14.74 11.12
C ILE I 164 34.12 -15.07 9.91
N LEU I 165 33.18 -14.18 9.62
CA LEU I 165 32.28 -14.37 8.48
C LEU I 165 32.18 -13.12 7.59
N PRO I 166 32.27 -13.32 6.27
CA PRO I 166 32.07 -12.21 5.31
C PRO I 166 30.60 -11.82 5.28
N ASP I 167 30.31 -10.53 5.36
CA ASP I 167 28.92 -10.09 5.40
C ASP I 167 28.27 -9.96 4.04
N PHE I 168 27.98 -11.10 3.41
CA PHE I 168 27.17 -11.18 2.20
C PHE I 168 26.76 -12.63 1.91
N SER I 169 26.00 -12.82 0.84
CA SER I 169 25.52 -14.15 0.47
C SER I 169 26.49 -14.74 -0.50
N PHE I 170 26.64 -16.06 -0.48
CA PHE I 170 27.48 -16.72 -1.46
C PHE I 170 27.01 -18.15 -1.56
N ASP I 171 27.34 -18.82 -2.66
CA ASP I 171 26.90 -20.20 -2.83
C ASP I 171 27.71 -21.04 -1.87
N ALA I 172 27.10 -22.08 -1.33
CA ALA I 172 27.85 -23.06 -0.55
C ALA I 172 29.09 -23.56 -1.29
N THR I 173 28.97 -23.82 -2.58
CA THR I 173 30.09 -24.36 -3.33
C THR I 173 31.35 -23.50 -3.21
N VAL I 174 31.17 -22.27 -2.77
CA VAL I 174 32.26 -21.31 -2.83
C VAL I 174 32.66 -20.80 -1.44
N ALA I 175 32.03 -21.33 -0.40
CA ALA I 175 32.25 -20.91 0.97
C ALA I 175 33.71 -21.10 1.45
N PRO I 176 34.29 -22.28 1.15
CA PRO I 176 35.72 -22.48 1.41
C PRO I 176 36.57 -21.29 0.94
N LEU I 177 36.25 -20.79 -0.24
CA LEU I 177 37.00 -19.66 -0.79
C LEU I 177 36.81 -18.33 -0.05
N VAL I 178 35.63 -18.06 0.47
CA VAL I 178 35.38 -16.71 0.97
C VAL I 178 35.60 -16.67 2.46
N LYS I 179 35.48 -17.82 3.10
CA LYS I 179 35.67 -17.88 4.55
C LYS I 179 37.17 -17.94 4.91
N ALA I 180 37.97 -18.53 4.03
CA ALA I 180 39.39 -18.65 4.28
C ALA I 180 40.14 -17.42 3.79
N GLY I 181 41.13 -16.98 4.54
CA GLY I 181 42.04 -15.97 4.03
C GLY I 181 42.11 -14.72 4.87
N PHE I 182 41.21 -14.61 5.83
CA PHE I 182 41.27 -13.51 6.78
C PHE I 182 42.49 -13.67 7.70
N LYS I 183 43.26 -12.59 7.85
CA LYS I 183 44.42 -12.59 8.72
C LYS I 183 44.10 -11.90 10.03
N VAL I 184 44.27 -12.61 11.14
CA VAL I 184 44.09 -12.01 12.45
C VAL I 184 45.45 -11.85 13.07
N GLU I 185 45.79 -10.64 13.49
CA GLU I 185 47.08 -10.45 14.10
C GLU I 185 46.96 -9.72 15.43
N ILE I 186 47.86 -10.08 16.36
CA ILE I 186 47.90 -9.41 17.64
C ILE I 186 48.78 -8.19 17.52
N VAL I 187 48.13 -7.05 17.38
CA VAL I 187 48.84 -5.78 17.29
C VAL I 187 49.99 -5.69 18.30
N GLY I 188 51.18 -5.38 17.78
CA GLY I 188 52.33 -5.13 18.61
C GLY I 188 53.26 -6.31 18.65
N THR I 189 52.92 -7.36 17.92
CA THR I 189 53.68 -8.59 18.02
C THR I 189 53.76 -9.18 16.64
N GLU I 190 54.42 -10.33 16.54
CA GLU I 190 54.64 -10.96 15.25
C GLU I 190 53.71 -12.12 15.13
N LEU I 191 52.76 -12.16 16.06
CA LEU I 191 51.82 -13.27 16.15
C LEU I 191 50.56 -13.02 15.34
N TYR I 192 50.10 -14.08 14.67
CA TYR I 192 48.89 -13.99 13.85
C TYR I 192 48.46 -15.35 13.32
N ALA I 193 47.21 -15.41 12.85
CA ALA I 193 46.71 -16.58 12.11
C ALA I 193 45.91 -16.22 10.87
N VAL I 194 45.54 -17.23 10.11
CA VAL I 194 44.72 -17.05 8.94
C VAL I 194 43.53 -18.02 8.97
N THR I 195 42.31 -17.51 8.81
CA THR I 195 41.11 -18.34 8.88
C THR I 195 41.14 -19.48 7.87
N ASP I 196 40.55 -20.61 8.24
CA ASP I 196 40.39 -21.73 7.34
C ASP I 196 39.04 -21.70 6.59
N ALA I 197 38.72 -22.81 5.93
CA ALA I 197 37.47 -22.97 5.19
C ALA I 197 36.22 -22.80 6.05
N ASN I 198 36.34 -22.85 7.37
CA ASN I 198 35.19 -22.52 8.19
C ASN I 198 35.19 -21.07 8.64
N GLY I 199 36.27 -20.38 8.32
CA GLY I 199 36.46 -19.00 8.76
C GLY I 199 36.88 -18.99 10.21
N TYR I 200 37.48 -20.11 10.60
CA TYR I 200 37.95 -20.30 11.95
C TYR I 200 39.45 -19.99 12.03
N PHE I 201 39.84 -19.23 13.05
CA PHE I 201 41.25 -18.90 13.23
C PHE I 201 41.74 -19.25 14.64
N GLU I 202 43.02 -19.61 14.75
CA GLU I 202 43.69 -19.69 16.08
C GLU I 202 45.17 -19.31 16.07
N ILE I 203 45.51 -18.35 16.92
CA ILE I 203 46.88 -17.91 17.16
C ILE I 203 47.33 -18.68 18.39
N THR I 204 48.49 -19.34 18.35
CA THR I 204 48.80 -20.32 19.39
C THR I 204 49.81 -20.03 20.54
N GLY I 205 50.89 -19.31 20.27
CA GLY I 205 51.89 -19.17 21.33
C GLY I 205 51.74 -17.88 22.10
N VAL I 206 50.50 -17.47 22.38
CA VAL I 206 50.28 -16.12 22.87
C VAL I 206 50.72 -15.94 24.30
N PRO I 207 51.64 -15.00 24.54
CA PRO I 207 52.06 -14.66 25.89
C PRO I 207 50.89 -14.22 26.75
N ALA I 208 50.89 -14.59 28.03
CA ALA I 208 49.88 -14.16 28.98
C ALA I 208 49.84 -12.63 29.09
N ASN I 209 48.64 -12.07 29.07
CA ASN I 209 48.51 -10.62 29.16
C ASN I 209 47.12 -10.16 29.61
N ALA I 210 46.91 -10.06 30.90
CA ALA I 210 45.59 -9.68 31.41
C ALA I 210 45.35 -8.20 31.24
N SER I 211 46.32 -7.46 30.73
CA SER I 211 46.08 -6.04 30.52
C SER I 211 45.27 -5.76 29.25
N GLY I 212 45.34 -6.69 28.30
CA GLY I 212 44.55 -6.59 27.08
C GLY I 212 45.40 -6.49 25.83
N TYR I 213 45.12 -7.35 24.87
CA TYR I 213 45.72 -7.30 23.55
C TYR I 213 44.77 -6.61 22.58
N THR I 214 45.28 -6.29 21.40
CA THR I 214 44.42 -5.76 20.35
C THR I 214 44.62 -6.54 19.07
N LEU I 215 43.51 -7.00 18.51
CA LEU I 215 43.50 -7.77 17.28
C LEU I 215 43.22 -6.91 16.04
N LYS I 216 44.01 -7.13 15.00
CA LYS I 216 43.73 -6.50 13.72
C LYS I 216 43.29 -7.58 12.73
N ILE I 217 42.02 -7.53 12.30
CA ILE I 217 41.54 -8.43 11.25
C ILE I 217 41.56 -7.73 9.89
N SER I 218 42.22 -8.37 8.94
CA SER I 218 42.50 -7.74 7.67
C SER I 218 42.39 -8.76 6.54
N ARG I 219 42.09 -8.29 5.33
CA ARG I 219 42.15 -9.15 4.15
C ARG I 219 42.01 -8.30 2.93
N ALA I 220 42.75 -8.62 1.87
CA ALA I 220 42.60 -7.83 0.63
C ALA I 220 41.13 -7.71 0.19
N THR I 221 40.74 -6.46 -0.11
CA THR I 221 39.40 -6.02 -0.53
C THR I 221 38.43 -5.83 0.63
N TYR I 222 38.82 -6.24 1.83
CA TYR I 222 37.99 -6.03 3.01
C TYR I 222 38.37 -4.78 3.81
N LEU I 223 37.42 -4.24 4.54
CA LEU I 223 37.69 -3.13 5.45
C LEU I 223 38.23 -3.66 6.78
N ASP I 224 39.44 -3.23 7.15
CA ASP I 224 40.08 -3.65 8.40
C ASP I 224 39.23 -3.47 9.64
N ARG I 225 39.25 -4.44 10.53
CA ARG I 225 38.52 -4.34 11.78
C ARG I 225 39.45 -4.48 13.01
N VAL I 226 39.11 -3.77 14.08
CA VAL I 226 39.93 -3.83 15.28
C VAL I 226 39.14 -4.20 16.53
N ILE I 227 39.42 -5.39 17.06
CA ILE I 227 38.83 -5.83 18.29
C ILE I 227 39.81 -5.51 19.41
N ALA I 228 39.36 -4.69 20.36
CA ALA I 228 40.25 -4.22 21.42
C ALA I 228 39.97 -4.86 22.78
N ASN I 229 40.98 -4.80 23.66
CA ASN I 229 40.86 -5.29 25.03
C ASN I 229 40.53 -6.76 25.09
N VAL I 230 41.27 -7.55 24.33
CA VAL I 230 41.14 -8.98 24.42
C VAL I 230 42.08 -9.44 25.54
N VAL I 231 41.53 -9.64 26.74
CA VAL I 231 42.36 -10.09 27.85
C VAL I 231 42.66 -11.59 27.78
N VAL I 232 43.90 -11.94 28.05
CA VAL I 232 44.35 -13.31 27.92
C VAL I 232 44.99 -13.78 29.23
N THR I 233 44.26 -14.61 29.97
CA THR I 233 44.80 -15.23 31.17
C THR I 233 44.82 -16.73 30.96
N GLY I 234 44.25 -17.15 29.84
CA GLY I 234 44.29 -18.53 29.40
C GLY I 234 43.82 -18.57 27.97
N ASP I 235 43.83 -19.76 27.38
CA ASP I 235 43.18 -19.98 26.09
C ASP I 235 41.89 -19.14 25.99
N THR I 236 41.76 -18.29 24.98
CA THR I 236 40.64 -17.35 24.92
C THR I 236 39.92 -17.39 23.58
N SER I 237 38.59 -17.33 23.62
CA SER I 237 37.81 -17.32 22.38
C SER I 237 37.21 -15.93 22.17
N VAL I 238 37.33 -15.38 20.96
CA VAL I 238 36.76 -14.05 20.75
C VAL I 238 35.38 -14.09 20.16
N SER I 239 35.06 -15.18 19.45
CA SER I 239 33.75 -15.31 18.81
C SER I 239 33.35 -16.77 18.56
N THR I 240 32.06 -17.03 18.39
CA THR I 240 31.60 -18.38 18.09
C THR I 240 31.14 -18.55 16.64
N SER I 241 31.12 -19.80 16.18
CA SER I 241 30.53 -20.15 14.88
C SER I 241 29.09 -19.59 14.79
N GLN I 242 28.31 -19.81 15.83
CA GLN I 242 26.94 -19.29 15.90
C GLN I 242 26.88 -17.76 15.81
N ALA I 243 27.96 -17.07 16.19
CA ALA I 243 27.99 -15.61 16.11
C ALA I 243 29.41 -15.09 15.82
N PRO I 244 29.85 -15.24 14.57
CA PRO I 244 31.19 -14.89 14.08
C PRO I 244 31.42 -13.39 14.06
N ILE I 245 32.67 -12.96 14.02
CA ILE I 245 32.96 -11.56 13.79
C ILE I 245 32.74 -11.26 12.30
N MET I 246 31.85 -10.31 12.02
CA MET I 246 31.53 -9.99 10.63
C MET I 246 32.66 -9.19 9.95
N MET I 247 32.86 -9.46 8.67
CA MET I 247 33.78 -8.64 7.89
C MET I 247 33.12 -8.03 6.64
N TRP I 248 33.21 -6.71 6.52
CA TRP I 248 32.60 -5.94 5.43
C TRP I 248 33.54 -5.80 4.27
N VAL I 249 33.12 -6.26 3.10
CA VAL I 249 33.98 -6.19 1.92
C VAL I 249 33.70 -4.90 1.17
N GLY I 250 34.69 -4.42 0.42
CA GLY I 250 34.53 -3.16 -0.26
C GLY I 250 35.70 -2.20 -0.21
N ASP I 251 36.66 -2.42 0.67
CA ASP I 251 37.84 -1.55 0.69
C ASP I 251 38.88 -1.96 -0.34
N ILE I 252 38.51 -1.88 -1.62
CA ILE I 252 39.39 -2.35 -2.69
C ILE I 252 40.63 -1.48 -2.86
N VAL I 253 40.47 -0.17 -2.70
CA VAL I 253 41.65 0.69 -2.62
C VAL I 253 41.80 1.13 -1.18
N LYS I 254 42.74 0.49 -0.48
CA LYS I 254 42.87 0.58 0.98
C LYS I 254 42.99 2.00 1.49
N ASP I 255 41.96 2.47 2.17
CA ASP I 255 42.03 3.74 2.87
C ASP I 255 41.08 3.73 4.06
N ASN I 256 40.54 2.56 4.36
CA ASN I 256 39.69 2.37 5.54
C ASN I 256 38.36 3.08 5.45
N SER I 257 37.95 3.35 4.21
CA SER I 257 36.58 3.74 3.91
C SER I 257 36.16 2.96 2.69
N ILE I 258 34.86 2.68 2.58
CA ILE I 258 34.27 2.07 1.38
C ILE I 258 33.50 3.14 0.60
N ASN I 259 34.06 3.61 -0.51
CA ASN I 259 33.44 4.69 -1.27
C ASN I 259 33.65 4.60 -2.76
N LEU I 260 33.46 5.73 -3.45
CA LEU I 260 33.53 5.78 -4.91
C LEU I 260 34.77 5.13 -5.52
N LEU I 261 35.95 5.46 -4.98
CA LEU I 261 37.20 4.91 -5.51
C LEU I 261 37.22 3.38 -5.59
N ASP I 262 36.55 2.76 -4.62
CA ASP I 262 36.53 1.32 -4.49
C ASP I 262 35.62 0.71 -5.55
N VAL I 263 34.41 1.24 -5.64
CA VAL I 263 33.45 0.78 -6.62
C VAL I 263 34.02 0.94 -8.02
N ALA I 264 34.71 2.05 -8.24
CA ALA I 264 35.34 2.34 -9.53
C ALA I 264 36.19 1.18 -10.05
N GLU I 265 36.71 0.38 -9.13
CA GLU I 265 37.58 -0.72 -9.48
C GLU I 265 36.78 -1.91 -10.00
N VAL I 266 35.65 -2.16 -9.35
CA VAL I 266 34.76 -3.21 -9.79
C VAL I 266 34.24 -2.87 -11.19
N ILE I 267 33.75 -1.64 -11.33
CA ILE I 267 33.25 -1.13 -12.60
C ILE I 267 34.30 -1.24 -13.70
N ARG I 268 35.56 -1.02 -13.34
CA ARG I 268 36.64 -1.12 -14.30
C ARG I 268 36.76 -2.54 -14.88
N CYS I 269 36.05 -3.49 -14.29
CA CYS I 269 36.09 -4.89 -14.72
C CYS I 269 34.70 -5.39 -15.02
N PHE I 270 33.77 -4.47 -15.17
CA PHE I 270 32.37 -4.83 -15.31
C PHE I 270 32.13 -5.87 -16.39
N ASN I 271 31.34 -6.90 -16.06
CA ASN I 271 31.00 -7.98 -16.98
C ASN I 271 32.14 -8.91 -17.39
N ALA I 272 33.34 -8.68 -16.85
CA ALA I 272 34.43 -9.65 -16.98
C ALA I 272 34.04 -11.02 -16.42
N THR I 273 34.46 -12.09 -17.08
CA THR I 273 34.09 -13.44 -16.67
C THR I 273 35.30 -14.33 -16.40
N LYS I 274 35.09 -15.42 -15.65
CA LYS I 274 36.18 -16.32 -15.28
C LYS I 274 36.87 -16.76 -16.55
N GLY I 275 38.15 -16.43 -16.66
CA GLY I 275 38.89 -16.71 -17.88
C GLY I 275 39.14 -15.44 -18.65
N SER I 276 38.07 -14.66 -18.87
CA SER I 276 38.14 -13.37 -19.55
C SER I 276 39.41 -12.60 -19.17
N ALA I 277 39.89 -11.76 -20.08
CA ALA I 277 41.14 -11.05 -19.88
C ALA I 277 41.04 -9.95 -18.81
N ASN I 278 39.87 -9.36 -18.72
CA ASN I 278 39.59 -8.21 -17.85
C ASN I 278 39.36 -8.68 -16.40
N TYR I 279 39.41 -9.99 -16.19
CA TYR I 279 38.92 -10.63 -14.96
C TYR I 279 39.92 -10.70 -13.82
N VAL I 280 39.44 -10.41 -12.61
CA VAL I 280 40.26 -10.43 -11.42
C VAL I 280 39.42 -11.01 -10.27
N GLU I 281 39.70 -12.27 -9.94
CA GLU I 281 38.91 -13.02 -8.97
C GLU I 281 38.47 -12.25 -7.72
N GLU I 282 39.42 -11.62 -7.04
CA GLU I 282 39.09 -10.93 -5.79
C GLU I 282 38.05 -9.81 -5.98
N LEU I 283 37.89 -9.34 -7.21
CA LEU I 283 36.86 -8.34 -7.51
C LEU I 283 35.51 -9.00 -7.82
N ASP I 284 35.56 -10.27 -8.23
CA ASP I 284 34.36 -11.08 -8.32
C ASP I 284 33.88 -11.39 -6.88
N ILE I 285 33.34 -10.37 -6.22
CA ILE I 285 33.14 -10.43 -4.79
C ILE I 285 32.48 -11.70 -4.27
N ASN I 286 31.50 -12.21 -4.98
CA ASN I 286 30.80 -13.40 -4.50
C ASN I 286 31.29 -14.65 -5.22
N ARG I 287 32.36 -14.49 -6.00
CA ARG I 287 33.00 -15.62 -6.67
C ARG I 287 32.04 -16.50 -7.48
N ASN I 288 31.20 -15.89 -8.31
CA ASN I 288 30.18 -16.66 -9.06
C ASN I 288 30.59 -16.90 -10.52
N GLY I 289 31.73 -16.33 -10.90
CA GLY I 289 32.27 -16.53 -12.23
C GLY I 289 32.23 -15.29 -13.09
N ALA I 290 31.74 -14.19 -12.54
CA ALA I 290 31.65 -12.93 -13.27
C ALA I 290 31.65 -11.73 -12.34
N ILE I 291 32.20 -10.62 -12.81
CA ILE I 291 32.16 -9.38 -12.04
C ILE I 291 31.06 -8.50 -12.62
N ASN I 292 30.01 -8.27 -11.84
CA ASN I 292 28.84 -7.56 -12.34
C ASN I 292 28.10 -6.69 -11.30
N MET I 293 26.86 -6.32 -11.58
CA MET I 293 26.18 -5.38 -10.72
C MET I 293 25.95 -6.00 -9.35
N GLN I 294 25.78 -7.32 -9.32
CA GLN I 294 25.52 -8.03 -8.07
C GLN I 294 26.67 -7.83 -7.06
N ASP I 295 27.90 -7.89 -7.57
CA ASP I 295 29.09 -7.63 -6.78
C ASP I 295 29.06 -6.21 -6.23
N ILE I 296 28.81 -5.26 -7.10
CA ILE I 296 28.71 -3.85 -6.70
C ILE I 296 27.67 -3.61 -5.59
N MET I 297 26.55 -4.32 -5.64
CA MET I 297 25.52 -4.13 -4.64
C MET I 297 26.00 -4.64 -3.29
N ILE I 298 26.82 -5.67 -3.32
CA ILE I 298 27.39 -6.18 -2.08
C ILE I 298 28.23 -5.10 -1.44
N VAL I 299 29.07 -4.43 -2.23
CA VAL I 299 29.87 -3.35 -1.69
C VAL I 299 28.98 -2.23 -1.13
N HIS I 300 27.87 -1.96 -1.79
CA HIS I 300 26.99 -0.89 -1.33
C HIS I 300 26.33 -1.19 0.01
N LYS I 301 26.45 -2.44 0.46
CA LYS I 301 25.93 -2.81 1.80
C LYS I 301 26.52 -1.89 2.85
N HIS I 302 27.73 -1.40 2.63
CA HIS I 302 28.40 -0.60 3.62
C HIS I 302 29.04 0.59 2.94
N PHE I 303 28.34 1.14 1.97
CA PHE I 303 28.79 2.36 1.33
C PHE I 303 28.99 3.41 2.42
N GLY I 304 30.12 4.10 2.37
CA GLY I 304 30.45 5.17 3.31
C GLY I 304 31.08 4.72 4.62
N ALA I 305 31.23 3.42 4.81
CA ALA I 305 31.74 2.90 6.07
C ALA I 305 33.23 3.17 6.23
N THR I 306 33.64 3.46 7.47
CA THR I 306 35.06 3.40 7.88
C THR I 306 35.27 2.32 8.95
N SER I 307 36.54 1.96 9.18
CA SER I 307 36.91 0.98 10.22
C SER I 307 36.21 1.18 11.54
N SER I 308 36.17 2.43 12.02
CA SER I 308 35.49 2.74 13.28
C SER I 308 33.98 2.52 13.28
N ASP I 309 33.42 2.19 12.13
CA ASP I 309 31.98 2.00 12.04
C ASP I 309 31.56 0.63 12.57
N TYR I 310 32.52 -0.31 12.59
CA TYR I 310 32.26 -1.62 13.13
C TYR I 310 31.86 -1.48 14.59
N ASP I 311 31.30 -2.54 15.16
CA ASP I 311 31.01 -2.55 16.60
C ASP I 311 32.27 -2.85 17.41
N ALA I 312 32.19 -2.68 18.73
CA ALA I 312 33.26 -3.08 19.64
C ALA I 312 32.89 -4.33 20.47
N GLN I 313 33.32 -5.50 19.97
CA GLN I 313 33.12 -6.80 20.63
C GLN I 313 33.45 -7.94 19.67
N HIS J 21 -99.61 33.97 62.56
CA HIS J 21 -100.99 33.60 62.90
C HIS J 21 -101.69 32.67 61.87
N MET J 22 -101.89 33.16 60.65
CA MET J 22 -102.50 32.38 59.58
C MET J 22 -101.60 31.19 59.19
N GLY J 23 -101.97 30.01 59.68
CA GLY J 23 -101.14 28.84 59.53
C GLY J 23 -100.68 28.32 60.89
N ASP J 24 -101.05 29.04 61.95
CA ASP J 24 -100.74 28.61 63.31
C ASP J 24 -101.85 27.70 63.84
N VAL J 25 -101.80 26.44 63.44
CA VAL J 25 -102.87 25.46 63.66
C VAL J 25 -103.03 25.03 65.11
N ASN J 26 -102.01 25.25 65.93
CA ASN J 26 -102.11 24.92 67.34
C ASN J 26 -102.36 26.18 68.17
N ASP J 27 -102.46 27.30 67.45
CA ASP J 27 -102.74 28.61 68.05
C ASP J 27 -101.81 29.00 69.20
N ASP J 28 -100.51 29.10 68.93
CA ASP J 28 -99.57 29.54 69.97
C ASP J 28 -98.73 30.75 69.56
N GLY J 29 -99.05 31.33 68.40
CA GLY J 29 -98.38 32.54 67.92
C GLY J 29 -97.43 32.29 66.76
N LYS J 30 -96.57 31.29 66.95
CA LYS J 30 -95.62 30.86 65.94
C LYS J 30 -96.31 30.08 64.80
N VAL J 31 -95.74 30.14 63.60
CA VAL J 31 -96.08 29.20 62.55
C VAL J 31 -94.84 28.37 62.25
N ASN J 32 -94.89 27.08 62.58
CA ASN J 32 -93.71 26.24 62.49
C ASN J 32 -94.02 24.76 62.18
N SER J 33 -93.02 23.90 62.35
CA SER J 33 -93.17 22.48 62.08
C SER J 33 -94.33 21.89 62.86
N THR J 34 -94.44 22.26 64.13
CA THR J 34 -95.50 21.73 64.99
C THR J 34 -96.90 21.91 64.37
N ASP J 35 -97.21 23.12 63.91
CA ASP J 35 -98.46 23.36 63.19
C ASP J 35 -98.69 22.33 62.08
N LEU J 36 -97.64 22.01 61.33
CA LEU J 36 -97.78 21.11 60.19
C LEU J 36 -98.13 19.69 60.60
N THR J 37 -97.49 19.21 61.68
CA THR J 37 -97.72 17.85 62.14
C THR J 37 -99.12 17.72 62.68
N LEU J 38 -99.54 18.71 63.45
CA LEU J 38 -100.91 18.77 63.90
C LEU J 38 -101.84 18.67 62.71
N LEU J 39 -101.61 19.52 61.73
CA LEU J 39 -102.48 19.56 60.57
C LEU J 39 -102.60 18.17 59.95
N LYS J 40 -101.49 17.46 59.89
CA LYS J 40 -101.52 16.11 59.35
C LYS J 40 -102.43 15.23 60.20
N ARG J 41 -102.25 15.29 61.51
CA ARG J 41 -103.01 14.45 62.41
C ARG J 41 -104.49 14.80 62.34
N TYR J 42 -104.79 16.08 62.17
CA TYR J 42 -106.17 16.56 62.13
C TYR J 42 -106.85 16.13 60.82
N VAL J 43 -106.23 16.44 59.70
CA VAL J 43 -106.74 15.98 58.43
C VAL J 43 -107.03 14.47 58.46
N LEU J 44 -106.27 13.72 59.25
CA LEU J 44 -106.43 12.26 59.33
C LEU J 44 -107.57 11.91 60.27
N LYS J 45 -108.02 12.91 61.03
CA LYS J 45 -109.00 12.71 62.09
C LYS J 45 -108.39 11.87 63.21
N ALA J 46 -107.09 11.59 63.11
CA ALA J 46 -106.35 10.93 64.18
C ALA J 46 -106.28 11.84 65.38
N VAL J 47 -106.50 13.13 65.13
CA VAL J 47 -106.72 14.09 66.19
C VAL J 47 -108.10 14.71 66.03
N SER J 48 -108.81 14.77 67.16
CA SER J 48 -110.23 15.08 67.21
C SER J 48 -110.50 16.54 66.90
N THR J 49 -109.83 17.42 67.64
CA THR J 49 -110.14 18.83 67.58
C THR J 49 -108.91 19.73 67.58
N LEU J 50 -109.01 20.82 66.82
CA LEU J 50 -108.05 21.90 66.91
C LEU J 50 -108.44 22.77 68.10
N PRO J 51 -107.46 23.09 68.96
CA PRO J 51 -107.62 23.65 70.31
C PRO J 51 -108.38 24.98 70.41
N SER J 52 -108.74 25.59 69.28
CA SER J 52 -109.41 26.89 69.34
C SER J 52 -110.31 27.17 68.14
N SER J 53 -111.17 28.17 68.29
CA SER J 53 -112.01 28.64 67.20
C SER J 53 -111.12 29.18 66.09
N LYS J 54 -110.08 29.90 66.49
CA LYS J 54 -109.13 30.53 65.56
C LYS J 54 -108.41 29.49 64.71
N ALA J 55 -107.63 28.63 65.37
CA ALA J 55 -106.93 27.53 64.73
C ALA J 55 -107.69 26.98 63.52
N GLU J 56 -108.95 26.63 63.73
CA GLU J 56 -109.77 26.06 62.66
C GLU J 56 -109.68 26.93 61.41
N LYS J 57 -109.64 28.24 61.60
CA LYS J 57 -109.52 29.17 60.50
C LYS J 57 -108.04 29.33 60.11
N ASN J 58 -107.19 29.53 61.11
CA ASN J 58 -105.76 29.53 60.91
C ASN J 58 -105.30 28.17 60.41
N ALA J 59 -105.93 27.68 59.34
CA ALA J 59 -105.67 26.34 58.86
C ALA J 59 -106.13 26.16 57.43
N ASP J 60 -107.08 26.99 56.99
CA ASP J 60 -107.42 26.98 55.58
C ASP J 60 -106.56 28.01 54.88
N VAL J 61 -105.43 27.53 54.39
CA VAL J 61 -104.38 28.41 53.88
C VAL J 61 -104.51 28.63 52.37
N ASN J 62 -105.40 27.87 51.74
CA ASN J 62 -105.82 28.18 50.37
C ASN J 62 -107.21 28.84 50.43
N ARG J 63 -107.66 29.08 51.66
CA ARG J 63 -108.95 29.72 51.96
C ARG J 63 -110.08 29.22 51.07
N ASP J 64 -110.35 27.91 51.12
CA ASP J 64 -111.46 27.32 50.36
C ASP J 64 -112.48 26.63 51.27
N GLY J 65 -112.53 27.04 52.53
CA GLY J 65 -113.49 26.52 53.48
C GLY J 65 -113.10 25.16 54.03
N ARG J 66 -112.99 24.16 53.15
CA ARG J 66 -112.61 22.81 53.57
C ARG J 66 -111.12 22.72 53.94
N VAL J 67 -110.79 21.80 54.84
CA VAL J 67 -109.44 21.64 55.35
C VAL J 67 -108.93 20.22 55.14
N ASN J 68 -108.07 20.04 54.13
CA ASN J 68 -107.60 18.71 53.77
C ASN J 68 -106.15 18.70 53.30
N SER J 69 -105.76 17.62 52.62
CA SER J 69 -104.37 17.39 52.27
C SER J 69 -103.69 18.57 51.55
N SER J 70 -104.46 19.32 50.77
CA SER J 70 -103.94 20.51 50.10
C SER J 70 -103.42 21.52 51.13
N ASP J 71 -104.33 22.03 51.96
CA ASP J 71 -103.94 22.85 53.09
C ASP J 71 -102.63 22.31 53.67
N VAL J 72 -102.46 21.00 53.62
CA VAL J 72 -101.25 20.40 54.16
C VAL J 72 -100.09 20.63 53.21
N THR J 73 -100.24 20.20 51.96
CA THR J 73 -99.18 20.37 50.99
C THR J 73 -98.72 21.83 50.96
N ILE J 74 -99.64 22.75 51.11
CA ILE J 74 -99.30 24.17 51.12
C ILE J 74 -98.42 24.54 52.31
N LEU J 75 -98.93 24.30 53.51
CA LEU J 75 -98.19 24.60 54.72
C LEU J 75 -96.77 24.04 54.66
N SER J 76 -96.60 22.86 54.07
CA SER J 76 -95.27 22.28 53.86
C SER J 76 -94.38 23.20 53.05
N ARG J 77 -94.94 23.74 51.97
CA ARG J 77 -94.16 24.54 51.05
C ARG J 77 -93.91 25.93 51.62
N TYR J 78 -94.79 26.40 52.50
CA TYR J 78 -94.56 27.68 53.15
C TYR J 78 -93.41 27.58 54.15
N LEU J 79 -93.33 26.44 54.84
CA LEU J 79 -92.36 26.26 55.89
C LEU J 79 -90.99 26.06 55.30
N ILE J 80 -91.00 25.52 54.09
CA ILE J 80 -89.80 25.26 53.29
C ILE J 80 -89.37 26.55 52.59
N ARG J 81 -90.31 27.50 52.56
CA ARG J 81 -90.10 28.86 52.01
C ARG J 81 -90.19 28.94 50.49
N VAL J 82 -90.54 27.81 49.86
CA VAL J 82 -90.81 27.76 48.43
C VAL J 82 -92.03 28.62 48.12
N ILE J 83 -92.76 28.94 49.18
CA ILE J 83 -93.91 29.84 49.13
C ILE J 83 -93.63 31.05 50.02
N GLU J 84 -93.94 32.24 49.51
CA GLU J 84 -93.58 33.49 50.19
C GLU J 84 -94.54 33.89 51.31
N LYS J 85 -95.84 33.82 51.06
CA LYS J 85 -96.83 34.18 52.07
C LYS J 85 -98.20 33.54 51.79
N LEU J 86 -99.12 33.66 52.77
CA LEU J 86 -100.49 33.10 52.66
C LEU J 86 -100.50 31.61 53.05
N ALA K 18 -3.29 16.91 -0.97
CA ALA K 18 -4.61 17.30 -0.47
C ALA K 18 -5.67 16.40 -1.06
N SER K 19 -6.93 16.64 -0.66
CA SER K 19 -8.04 15.78 -1.03
C SER K 19 -8.96 16.44 -2.05
N SER K 20 -9.65 15.61 -2.83
CA SER K 20 -10.43 16.12 -3.93
C SER K 20 -11.37 15.08 -4.50
N ILE K 21 -12.28 15.55 -5.35
CA ILE K 21 -13.10 14.69 -6.18
C ILE K 21 -13.02 15.25 -7.59
N GLU K 22 -12.86 14.38 -8.59
CA GLU K 22 -12.49 14.85 -9.91
C GLU K 22 -13.26 14.22 -11.08
N LEU K 23 -13.70 15.05 -12.02
CA LEU K 23 -14.19 14.54 -13.30
C LEU K 23 -13.10 14.72 -14.39
N LYS K 24 -12.44 13.62 -14.75
CA LYS K 24 -11.45 13.62 -15.83
C LYS K 24 -12.04 12.95 -17.07
N PHE K 25 -11.73 13.51 -18.24
CA PHE K 25 -12.12 12.90 -19.51
C PHE K 25 -10.92 12.26 -20.17
N ASP K 26 -11.14 11.13 -20.85
CA ASP K 26 -10.04 10.47 -21.56
C ASP K 26 -9.61 11.27 -22.80
N ARG K 27 -10.55 12.01 -23.39
CA ARG K 27 -10.29 12.91 -24.51
C ARG K 27 -10.86 14.30 -24.26
N LYS K 29 -11.26 15.57 -27.82
CA LYS K 29 -11.84 15.82 -29.13
C LYS K 29 -12.45 14.54 -29.71
N GLY K 30 -13.19 14.68 -30.82
CA GLY K 30 -13.80 13.52 -31.45
C GLY K 30 -14.89 13.87 -32.46
N GLU K 31 -15.31 12.89 -33.25
CA GLU K 31 -16.33 13.11 -34.28
C GLU K 31 -17.67 12.59 -33.76
N VAL K 32 -18.75 12.98 -34.42
CA VAL K 32 -20.09 12.48 -34.05
C VAL K 32 -20.07 10.96 -33.89
N GLY K 33 -20.95 10.45 -33.02
CA GLY K 33 -21.08 9.02 -32.79
C GLY K 33 -20.08 8.45 -31.79
N ASP K 34 -18.94 9.13 -31.64
CA ASP K 34 -17.88 8.74 -30.69
C ASP K 34 -18.32 8.77 -29.22
N ILE K 35 -17.67 7.94 -28.41
CA ILE K 35 -17.98 7.82 -26.99
C ILE K 35 -16.82 8.29 -26.09
N LEU K 36 -17.01 9.44 -25.47
CA LEU K 36 -16.02 10.01 -24.55
C LEU K 36 -16.20 9.45 -23.15
N ILE K 37 -15.10 9.18 -22.46
CA ILE K 37 -15.19 8.55 -21.15
C ILE K 37 -14.75 9.43 -19.99
N GLY K 38 -15.74 9.73 -19.14
CA GLY K 38 -15.53 10.53 -17.94
C GLY K 38 -15.38 9.63 -16.74
N THR K 39 -14.31 9.87 -16.00
CA THR K 39 -14.06 9.12 -14.80
C THR K 39 -14.20 10.05 -13.59
N VAL K 40 -15.13 9.73 -12.71
CA VAL K 40 -15.21 10.44 -11.45
C VAL K 40 -14.43 9.65 -10.43
N ARG K 41 -13.39 10.26 -9.88
CA ARG K 41 -12.64 9.59 -8.83
C ARG K 41 -12.33 10.55 -7.67
N ILE K 42 -12.18 9.97 -6.49
CA ILE K 42 -11.92 10.72 -5.27
C ILE K 42 -10.52 10.39 -4.77
N ASN K 43 -9.87 11.36 -4.16
CA ASN K 43 -8.51 11.14 -3.67
C ASN K 43 -8.34 11.63 -2.25
N ASN K 44 -7.83 10.77 -1.39
CA ASN K 44 -7.56 11.10 0.01
C ASN K 44 -8.77 11.67 0.77
N ILE K 45 -9.92 11.02 0.63
CA ILE K 45 -11.12 11.36 1.38
C ILE K 45 -11.18 10.53 2.66
N LYS K 46 -10.92 11.17 3.80
CA LYS K 46 -10.77 10.49 5.09
C LYS K 46 -12.00 9.68 5.55
N ASN K 47 -11.80 8.38 5.68
CA ASN K 47 -12.85 7.49 6.15
C ASN K 47 -14.05 7.44 5.23
N PHE K 48 -13.79 7.69 3.94
CA PHE K 48 -14.84 7.65 2.93
C PHE K 48 -15.72 6.41 3.05
N ALA K 49 -17.04 6.61 2.98
CA ALA K 49 -17.99 5.52 3.18
C ALA K 49 -19.23 5.62 2.29
N GLY K 50 -19.36 6.71 1.55
CA GLY K 50 -20.49 6.86 0.66
C GLY K 50 -20.51 8.25 0.04
N PHE K 51 -21.36 8.46 -0.96
CA PHE K 51 -21.40 9.75 -1.63
C PHE K 51 -22.68 9.88 -2.40
N GLN K 52 -22.93 11.11 -2.86
CA GLN K 52 -23.95 11.43 -3.86
C GLN K 52 -23.42 12.59 -4.72
N VAL K 53 -23.68 12.55 -6.03
CA VAL K 53 -23.24 13.64 -6.90
C VAL K 53 -24.29 14.08 -7.91
N ASN K 54 -24.25 15.35 -8.26
CA ASN K 54 -25.09 15.87 -9.32
C ASN K 54 -24.21 16.35 -10.48
N ILE K 55 -24.44 15.80 -11.66
CA ILE K 55 -23.65 16.15 -12.84
C ILE K 55 -24.57 16.55 -13.98
N VAL K 56 -24.30 17.71 -14.58
CA VAL K 56 -25.11 18.15 -15.73
C VAL K 56 -24.31 18.18 -17.00
N TYR K 57 -24.99 17.87 -18.10
CA TYR K 57 -24.42 17.95 -19.43
C TYR K 57 -25.47 18.53 -20.40
N ASP K 58 -25.11 18.66 -21.67
CA ASP K 58 -26.03 19.18 -22.69
C ASP K 58 -26.62 18.03 -23.51
N PRO K 59 -27.91 17.75 -23.31
CA PRO K 59 -28.53 16.59 -23.95
C PRO K 59 -28.69 16.76 -25.46
N LYS K 60 -28.42 17.97 -25.94
CA LYS K 60 -28.50 18.28 -27.36
C LYS K 60 -27.16 17.96 -28.01
N VAL K 61 -26.08 18.25 -27.29
CA VAL K 61 -24.73 17.89 -27.71
C VAL K 61 -24.40 16.42 -27.38
N LEU K 62 -24.40 16.09 -26.08
CA LEU K 62 -24.03 14.75 -25.62
C LEU K 62 -25.22 13.87 -25.21
N MET K 63 -25.01 12.57 -25.24
CA MET K 63 -26.02 11.61 -24.80
C MET K 63 -25.39 10.63 -23.83
N ALA K 64 -25.56 10.90 -22.54
CA ALA K 64 -25.04 10.04 -21.48
C ALA K 64 -25.30 8.57 -21.76
N VAL K 65 -24.25 7.77 -21.62
CA VAL K 65 -24.29 6.41 -22.14
C VAL K 65 -23.32 5.50 -21.40
N ASP K 66 -23.73 4.24 -21.21
CA ASP K 66 -22.86 3.26 -20.57
C ASP K 66 -21.51 3.24 -21.25
N PRO K 67 -20.42 3.33 -20.48
CA PRO K 67 -19.09 3.45 -21.10
C PRO K 67 -18.70 2.19 -21.88
N GLU K 68 -19.27 1.06 -21.50
CA GLU K 68 -19.01 -0.21 -22.20
C GLU K 68 -20.09 -0.50 -23.25
N THR K 69 -21.12 -1.24 -22.85
CA THR K 69 -22.18 -1.67 -23.76
C THR K 69 -22.78 -0.52 -24.59
N GLY K 70 -22.36 0.71 -24.31
CA GLY K 70 -22.85 1.88 -25.02
C GLY K 70 -24.35 2.13 -24.91
N LYS K 71 -25.03 1.46 -23.99
CA LYS K 71 -26.48 1.63 -23.84
C LYS K 71 -26.86 3.04 -23.33
N GLU K 72 -28.05 3.49 -23.73
CA GLU K 72 -28.59 4.80 -23.32
C GLU K 72 -28.91 4.77 -21.80
N PHE K 73 -28.54 5.83 -21.08
CA PHE K 73 -28.86 5.93 -19.65
C PHE K 73 -30.35 6.12 -19.40
N THR K 74 -30.95 5.19 -18.68
CA THR K 74 -32.33 5.37 -18.22
C THR K 74 -32.30 6.20 -16.91
N SER K 75 -33.47 6.59 -16.41
CA SER K 75 -33.57 7.36 -15.16
C SER K 75 -32.98 6.57 -13.98
N SER K 76 -33.20 5.26 -13.99
CA SER K 76 -32.73 4.40 -12.92
C SER K 76 -31.41 3.72 -13.25
N THR K 77 -30.53 4.38 -14.00
CA THR K 77 -29.25 3.78 -14.34
C THR K 77 -28.15 4.20 -13.38
N PHE K 78 -27.54 3.24 -12.73
CA PHE K 78 -26.40 3.53 -11.88
C PHE K 78 -25.09 3.27 -12.65
N PRO K 79 -24.23 4.31 -12.78
CA PRO K 79 -22.98 4.24 -13.53
C PRO K 79 -21.99 3.26 -12.94
N PRO K 80 -21.34 2.44 -13.80
CA PRO K 80 -20.52 1.30 -13.40
C PRO K 80 -19.02 1.64 -13.29
N GLY K 81 -18.24 0.69 -12.79
CA GLY K 81 -16.79 0.79 -12.87
C GLY K 81 -16.08 1.30 -11.64
N ARG K 82 -16.73 1.23 -10.49
CA ARG K 82 -16.11 1.80 -9.31
C ARG K 82 -15.06 0.84 -8.78
N THR K 83 -14.11 1.38 -8.03
CA THR K 83 -13.06 0.57 -7.45
C THR K 83 -13.09 0.69 -5.93
N VAL K 84 -14.09 1.40 -5.41
CA VAL K 84 -14.26 1.52 -3.96
C VAL K 84 -15.64 1.10 -3.47
N LEU K 85 -15.74 0.84 -2.17
CA LEU K 85 -16.99 0.42 -1.54
C LEU K 85 -17.57 -0.74 -2.33
N LYS K 86 -16.89 -1.88 -2.28
CA LYS K 86 -17.35 -3.08 -2.97
C LYS K 86 -17.29 -4.30 -2.06
N ASN K 87 -16.84 -4.08 -0.83
CA ASN K 87 -16.86 -5.14 0.17
C ASN K 87 -18.30 -5.41 0.61
N ASN K 88 -18.93 -6.47 0.10
CA ASN K 88 -20.35 -6.70 0.41
C ASN K 88 -20.64 -7.08 1.87
N ALA K 89 -19.60 -7.15 2.68
CA ALA K 89 -19.78 -7.37 4.11
C ALA K 89 -20.49 -6.18 4.75
N TYR K 90 -20.36 -5.01 4.14
CA TYR K 90 -20.93 -3.80 4.71
C TYR K 90 -22.23 -3.38 4.04
N GLY K 91 -22.66 -4.17 3.06
CA GLY K 91 -23.97 -3.98 2.47
C GLY K 91 -24.11 -2.70 1.70
N PRO K 92 -23.36 -2.59 0.60
CA PRO K 92 -23.44 -1.42 -0.27
C PRO K 92 -24.85 -1.23 -0.81
N ILE K 93 -25.21 0.02 -1.11
CA ILE K 93 -26.53 0.33 -1.60
C ILE K 93 -26.38 1.36 -2.72
N GLN K 94 -27.11 1.17 -3.82
CA GLN K 94 -26.96 2.03 -5.00
C GLN K 94 -28.26 2.73 -5.34
N ILE K 95 -28.20 4.05 -5.52
CA ILE K 95 -29.39 4.81 -5.86
C ILE K 95 -29.14 5.72 -7.05
N ALA K 96 -30.08 5.75 -7.98
CA ALA K 96 -29.94 6.61 -9.17
C ALA K 96 -31.22 7.38 -9.43
N ASP K 97 -31.07 8.67 -9.66
CA ASP K 97 -32.19 9.52 -10.02
C ASP K 97 -31.78 10.40 -11.17
N ASN K 98 -31.61 9.79 -12.34
CA ASN K 98 -31.16 10.50 -13.52
C ASN K 98 -32.31 11.09 -14.33
N ASP K 99 -32.01 12.19 -15.03
CA ASP K 99 -32.93 12.83 -15.96
C ASP K 99 -32.16 13.20 -17.24
N PRO K 100 -31.89 12.20 -18.08
CA PRO K 100 -31.17 12.40 -19.34
C PRO K 100 -31.75 13.56 -20.18
N GLU K 101 -33.06 13.52 -20.45
CA GLU K 101 -33.75 14.62 -21.11
C GLU K 101 -33.19 15.99 -20.75
N LYS K 102 -33.17 16.33 -19.47
CA LYS K 102 -32.75 17.67 -19.01
C LYS K 102 -31.24 17.85 -18.93
N GLY K 103 -30.50 16.75 -19.02
CA GLY K 103 -29.05 16.81 -18.94
C GLY K 103 -28.53 16.61 -17.54
N ILE K 104 -29.17 15.70 -16.81
CA ILE K 104 -28.88 15.55 -15.39
C ILE K 104 -28.54 14.15 -14.91
N LEU K 105 -27.32 14.02 -14.41
CA LEU K 105 -26.92 12.79 -13.74
C LEU K 105 -26.89 12.99 -12.23
N ASN K 106 -27.80 12.31 -11.53
CA ASN K 106 -27.79 12.32 -10.08
C ASN K 106 -27.87 10.89 -9.55
N PHE K 107 -26.82 10.47 -8.84
CA PHE K 107 -26.77 9.11 -8.32
C PHE K 107 -25.95 9.05 -7.04
N ALA K 108 -26.15 8.01 -6.24
CA ALA K 108 -25.42 7.90 -4.98
C ALA K 108 -25.18 6.46 -4.54
N LEU K 109 -24.31 6.32 -3.55
CA LEU K 109 -23.88 5.03 -3.09
C LEU K 109 -23.29 5.10 -1.67
N ALA K 110 -23.51 4.04 -0.89
CA ALA K 110 -22.86 3.97 0.43
C ALA K 110 -22.95 2.59 1.01
N TYR K 111 -22.12 2.35 2.02
CA TYR K 111 -22.23 1.15 2.84
C TYR K 111 -23.39 1.30 3.83
N SER K 112 -24.20 0.25 4.01
CA SER K 112 -25.24 0.26 5.04
C SER K 112 -24.64 0.13 6.43
N TYR K 113 -23.73 -0.82 6.60
CA TYR K 113 -23.18 -1.16 7.91
C TYR K 113 -21.86 -0.44 8.16
N ILE K 114 -21.89 0.89 8.12
CA ILE K 114 -20.69 1.67 8.32
C ILE K 114 -20.09 1.37 9.69
N ALA K 115 -20.92 0.90 10.61
CA ALA K 115 -20.43 0.51 11.93
C ALA K 115 -19.35 -0.54 11.80
N GLY K 116 -19.58 -1.54 10.94
CA GLY K 116 -18.64 -2.64 10.77
C GLY K 116 -17.43 -2.24 9.96
N TYR K 117 -17.69 -1.51 8.89
CA TYR K 117 -16.66 -0.88 8.10
C TYR K 117 -15.69 -0.16 9.04
N LYS K 118 -16.24 0.62 9.96
CA LYS K 118 -15.43 1.43 10.86
C LYS K 118 -14.64 0.55 11.83
N GLU K 119 -15.22 -0.57 12.22
CA GLU K 119 -14.59 -1.48 13.15
C GLU K 119 -13.29 -2.02 12.58
N THR K 120 -13.29 -2.38 11.31
CA THR K 120 -12.06 -2.91 10.73
C THR K 120 -10.98 -1.83 10.66
N GLY K 121 -11.39 -0.57 10.76
CA GLY K 121 -10.45 0.54 10.78
C GLY K 121 -9.65 0.70 9.50
N VAL K 122 -10.15 0.12 8.41
CA VAL K 122 -9.45 0.20 7.13
C VAL K 122 -10.23 0.99 6.09
N ALA K 123 -9.94 2.28 6.01
CA ALA K 123 -10.65 3.15 5.10
C ALA K 123 -10.21 3.03 3.63
N GLU K 124 -11.19 3.03 2.72
CA GLU K 124 -10.92 3.12 1.29
C GLU K 124 -11.01 4.59 0.89
N GLU K 125 -9.89 5.29 0.92
CA GLU K 125 -9.91 6.75 0.83
C GLU K 125 -9.69 7.32 -0.57
N SER K 126 -9.20 6.48 -1.48
CA SER K 126 -8.92 6.91 -2.87
C SER K 126 -9.41 5.86 -3.86
N GLY K 127 -9.91 6.30 -5.01
CA GLY K 127 -10.39 5.35 -5.99
C GLY K 127 -11.31 5.96 -7.02
N ILE K 128 -11.82 5.11 -7.90
CA ILE K 128 -12.84 5.48 -8.86
C ILE K 128 -14.23 5.16 -8.31
N ILE K 129 -15.15 6.11 -8.44
CA ILE K 129 -16.51 5.87 -7.98
C ILE K 129 -17.47 5.68 -9.17
N ALA K 130 -17.07 6.15 -10.35
CA ALA K 130 -17.95 6.02 -11.51
C ALA K 130 -17.24 6.32 -12.82
N LYS K 131 -17.64 5.58 -13.85
CA LYS K 131 -17.24 5.83 -15.23
C LYS K 131 -18.52 6.06 -16.04
N ILE K 132 -18.57 7.18 -16.76
CA ILE K 132 -19.73 7.49 -17.59
C ILE K 132 -19.29 7.84 -19.01
N GLY K 133 -19.96 7.24 -19.98
CA GLY K 133 -19.67 7.53 -21.37
C GLY K 133 -20.58 8.62 -21.94
N PHE K 134 -20.04 9.44 -22.83
CA PHE K 134 -20.82 10.48 -23.48
C PHE K 134 -20.74 10.40 -25.00
N LYS K 135 -21.77 9.86 -25.63
CA LYS K 135 -21.85 9.77 -27.10
C LYS K 135 -22.08 11.17 -27.71
N ILE K 136 -21.44 11.45 -28.83
CA ILE K 136 -21.56 12.78 -29.43
C ILE K 136 -22.68 12.88 -30.47
N LEU K 137 -23.45 13.97 -30.38
CA LEU K 137 -24.63 14.16 -31.24
C LEU K 137 -24.40 15.33 -32.18
N GLN K 138 -23.49 16.21 -31.78
CA GLN K 138 -23.13 17.41 -32.52
C GLN K 138 -21.67 17.69 -32.19
N LYS K 139 -20.96 18.39 -33.06
CA LYS K 139 -19.56 18.70 -32.80
C LYS K 139 -19.38 20.16 -32.37
N LYS K 140 -20.31 20.68 -31.57
CA LYS K 140 -20.23 22.03 -31.02
C LYS K 140 -19.48 22.06 -29.69
N SER K 141 -19.12 23.25 -29.22
CA SER K 141 -18.44 23.39 -27.95
C SER K 141 -19.42 23.18 -26.79
N THR K 142 -19.00 22.39 -25.80
CA THR K 142 -19.89 22.03 -24.70
C THR K 142 -19.10 21.75 -23.42
N ALA K 143 -19.83 21.59 -22.32
CA ALA K 143 -19.20 21.30 -21.03
C ALA K 143 -20.00 20.28 -20.23
N VAL K 144 -19.31 19.58 -19.33
CA VAL K 144 -19.98 18.83 -18.27
C VAL K 144 -19.31 19.17 -16.95
N LYS K 145 -20.13 19.44 -15.94
CA LYS K 145 -19.63 19.91 -14.65
C LYS K 145 -20.45 19.36 -13.49
N PHE K 146 -19.81 19.30 -12.33
CA PHE K 146 -20.50 19.10 -11.08
C PHE K 146 -21.31 20.37 -10.82
N GLN K 147 -22.61 20.22 -10.59
CA GLN K 147 -23.44 21.40 -10.35
C GLN K 147 -24.35 21.27 -9.11
N ASP K 148 -24.43 22.37 -8.34
CA ASP K 148 -25.29 22.41 -7.17
C ASP K 148 -26.75 22.20 -7.56
N THR K 149 -27.51 21.57 -6.68
CA THR K 149 -28.93 21.35 -6.95
C THR K 149 -29.76 21.59 -5.71
N LEU K 150 -31.08 21.59 -5.89
CA LEU K 150 -32.02 21.82 -4.81
C LEU K 150 -32.32 20.54 -4.07
N SER K 151 -31.96 19.41 -4.68
CA SER K 151 -32.11 18.12 -4.03
C SER K 151 -30.95 17.91 -3.09
N MET K 152 -29.92 18.75 -3.23
CA MET K 152 -28.76 18.67 -2.37
C MET K 152 -28.37 20.00 -1.73
N PRO K 153 -29.25 20.53 -0.87
CA PRO K 153 -28.92 21.69 -0.04
C PRO K 153 -27.61 21.49 0.70
N GLY K 154 -26.75 22.49 0.67
CA GLY K 154 -25.53 22.44 1.45
C GLY K 154 -24.41 21.62 0.83
N ALA K 155 -24.69 21.02 -0.31
CA ALA K 155 -23.67 20.24 -1.02
C ALA K 155 -22.59 21.16 -1.61
N ILE K 156 -21.41 20.57 -1.90
CA ILE K 156 -20.37 21.32 -2.60
C ILE K 156 -20.43 21.14 -4.12
N SER K 157 -20.77 22.23 -4.81
CA SER K 157 -20.92 22.23 -6.27
C SER K 157 -21.67 21.02 -6.79
N GLY K 158 -22.50 20.41 -5.97
CA GLY K 158 -23.26 19.26 -6.41
C GLY K 158 -22.64 17.96 -5.97
N THR K 159 -21.71 18.02 -5.01
CA THR K 159 -21.16 16.80 -4.45
C THR K 159 -21.40 16.69 -2.95
N GLN K 160 -21.46 15.46 -2.46
CA GLN K 160 -21.62 15.23 -1.04
C GLN K 160 -21.01 13.88 -0.66
N LEU K 161 -19.99 13.92 0.19
CA LEU K 161 -19.23 12.74 0.54
C LEU K 161 -19.39 12.47 2.01
N PHE K 162 -19.35 11.19 2.40
CA PHE K 162 -19.63 10.83 3.79
C PHE K 162 -18.58 9.92 4.39
N ASP K 163 -18.26 10.15 5.65
CA ASP K 163 -17.36 9.27 6.39
C ASP K 163 -18.13 8.10 7.01
N TRP K 164 -17.42 7.25 7.75
CA TRP K 164 -18.02 6.03 8.27
C TRP K 164 -18.69 6.26 9.61
N ASP K 165 -18.98 7.53 9.87
CA ASP K 165 -19.71 7.94 11.07
C ASP K 165 -21.10 8.43 10.68
N GLY K 166 -21.35 8.49 9.39
CA GLY K 166 -22.61 9.02 8.88
C GLY K 166 -22.51 10.51 8.67
N GLU K 167 -21.36 11.07 9.02
CA GLU K 167 -21.15 12.52 8.92
C GLU K 167 -20.67 12.93 7.53
N VAL K 168 -21.23 14.03 7.00
CA VAL K 168 -20.75 14.58 5.73
C VAL K 168 -19.31 15.10 5.87
N ILE K 169 -18.60 15.11 4.74
CA ILE K 169 -17.19 15.51 4.69
C ILE K 169 -17.06 16.86 3.99
N THR K 170 -16.07 17.65 4.41
CA THR K 170 -15.84 18.97 3.81
C THR K 170 -14.35 19.28 3.64
N GLY K 171 -14.05 20.33 2.87
CA GLY K 171 -12.68 20.79 2.75
C GLY K 171 -11.87 20.01 1.73
N TYR K 172 -12.58 19.31 0.86
CA TYR K 172 -11.96 18.68 -0.28
C TYR K 172 -12.19 19.60 -1.48
N GLU K 173 -11.37 19.45 -2.51
CA GLU K 173 -11.49 20.28 -3.70
C GLU K 173 -12.41 19.62 -4.70
N VAL K 174 -13.27 20.40 -5.33
CA VAL K 174 -14.03 19.89 -6.45
C VAL K 174 -13.34 20.27 -7.73
N ILE K 175 -12.95 19.27 -8.51
CA ILE K 175 -12.22 19.51 -9.77
C ILE K 175 -13.04 19.22 -11.03
N GLN K 176 -13.33 20.28 -11.78
CA GLN K 176 -14.13 20.17 -12.99
C GLN K 176 -13.28 19.80 -14.22
N PRO K 177 -13.92 19.21 -15.23
CA PRO K 177 -13.17 18.93 -16.45
C PRO K 177 -13.04 20.21 -17.27
N ASP K 178 -12.03 20.29 -18.14
CA ASP K 178 -11.87 21.44 -19.04
C ASP K 178 -12.94 21.40 -20.12
N VAL K 179 -13.34 22.56 -20.63
CA VAL K 179 -14.37 22.61 -21.67
C VAL K 179 -14.10 21.58 -22.78
N LEU K 180 -15.16 21.12 -23.43
CA LEU K 180 -15.00 20.18 -24.54
C LEU K 180 -15.38 20.81 -25.88
N SER K 181 -14.39 21.01 -26.73
CA SER K 181 -14.57 21.74 -27.98
C SER K 181 -14.74 20.86 -29.22
N LEU K 182 -15.50 21.36 -30.19
CA LEU K 182 -15.63 20.70 -31.48
C LEU K 182 -16.05 19.23 -31.31
N ASN L 7 -79.32 15.92 80.92
CA ASN L 7 -79.29 16.25 79.49
C ASN L 7 -80.68 16.60 78.93
N LYS L 8 -80.70 17.19 77.73
CA LYS L 8 -81.94 17.56 77.05
C LYS L 8 -81.80 17.33 75.55
N LEU L 9 -82.79 17.76 74.77
CA LEU L 9 -82.71 17.58 73.32
C LEU L 9 -81.71 18.56 72.72
N THR L 10 -80.73 18.03 72.00
CA THR L 10 -79.73 18.92 71.41
C THR L 10 -79.53 18.65 69.92
N LEU L 11 -79.47 19.75 69.17
CA LEU L 11 -79.26 19.73 67.73
C LEU L 11 -77.81 20.11 67.39
N LYS L 12 -77.06 19.18 66.79
CA LYS L 12 -75.65 19.47 66.57
C LYS L 12 -75.21 19.35 65.12
N ILE L 13 -74.79 20.48 64.56
CA ILE L 13 -74.13 20.49 63.25
C ILE L 13 -72.72 19.95 63.39
N GLY L 14 -72.46 18.78 62.82
CA GLY L 14 -71.14 18.21 62.79
C GLY L 14 -70.08 19.05 62.08
N ARG L 15 -68.89 18.46 61.97
CA ARG L 15 -67.75 19.13 61.36
C ARG L 15 -67.13 18.14 60.37
N ALA L 16 -66.49 18.67 59.33
CA ALA L 16 -65.78 17.84 58.36
C ALA L 16 -64.60 18.58 57.75
N GLU L 17 -63.68 17.80 57.17
CA GLU L 17 -62.42 18.31 56.65
C GLU L 17 -62.23 17.93 55.20
N GLY L 18 -61.87 18.90 54.36
CA GLY L 18 -61.57 18.59 52.97
C GLY L 18 -60.96 19.71 52.14
N ARG L 19 -60.38 19.32 50.98
CA ARG L 19 -59.72 20.25 50.06
C ARG L 19 -60.69 20.86 49.05
N PRO L 20 -60.32 22.02 48.47
CA PRO L 20 -61.11 22.52 47.34
C PRO L 20 -61.32 21.43 46.28
N GLY L 21 -62.55 21.31 45.79
CA GLY L 21 -62.90 20.27 44.84
C GLY L 21 -63.39 18.98 45.48
N ASP L 22 -63.01 18.74 46.74
CA ASP L 22 -63.49 17.56 47.48
C ASP L 22 -64.98 17.61 47.86
N THR L 23 -65.57 16.43 47.95
CA THR L 23 -66.94 16.31 48.44
C THR L 23 -66.97 15.79 49.88
N VAL L 24 -67.58 16.57 50.76
CA VAL L 24 -67.54 16.30 52.19
C VAL L 24 -68.93 16.14 52.79
N GLU L 25 -69.05 15.29 53.81
CA GLU L 25 -70.34 15.07 54.46
C GLU L 25 -70.38 15.66 55.87
N ILE L 26 -71.20 16.68 56.07
CA ILE L 26 -71.43 17.24 57.39
C ILE L 26 -72.71 16.65 58.00
N PRO L 27 -72.60 15.88 59.10
CA PRO L 27 -73.78 15.25 59.70
C PRO L 27 -74.51 16.22 60.58
N VAL L 28 -75.81 16.03 60.70
CA VAL L 28 -76.60 16.73 61.70
C VAL L 28 -77.13 15.72 62.71
N ASN L 29 -76.76 15.86 63.97
CA ASN L 29 -77.20 14.91 64.99
C ASN L 29 -78.27 15.45 65.95
N LEU L 30 -79.09 14.52 66.44
CA LEU L 30 -79.99 14.77 67.53
C LEU L 30 -79.52 13.95 68.72
N TYR L 31 -79.19 14.65 69.80
CA TYR L 31 -78.87 14.00 71.07
C TYR L 31 -79.98 14.25 72.11
N GLY L 32 -80.18 13.26 72.98
CA GLY L 32 -81.11 13.38 74.09
C GLY L 32 -82.55 13.34 73.63
N VAL L 33 -82.90 12.26 72.95
CA VAL L 33 -84.22 12.10 72.37
C VAL L 33 -85.17 11.39 73.33
N PRO L 34 -86.31 12.04 73.62
CA PRO L 34 -87.33 11.58 74.57
C PRO L 34 -87.86 10.18 74.28
N GLN L 35 -88.28 9.50 75.34
CA GLN L 35 -88.95 8.21 75.22
C GLN L 35 -90.21 8.33 74.36
N LYS L 36 -90.95 9.41 74.54
CA LYS L 36 -92.13 9.70 73.72
C LYS L 36 -91.77 9.81 72.22
N GLY L 37 -90.68 10.53 71.94
CA GLY L 37 -90.14 10.64 70.60
C GLY L 37 -90.50 11.93 69.90
N ILE L 38 -89.68 12.33 68.93
CA ILE L 38 -89.86 13.61 68.22
C ILE L 38 -90.62 13.42 66.91
N ALA L 39 -91.73 14.14 66.74
CA ALA L 39 -92.60 13.99 65.57
C ALA L 39 -92.57 15.18 64.61
N SER L 40 -91.90 16.24 65.01
CA SER L 40 -91.81 17.45 64.20
C SER L 40 -90.52 18.20 64.52
N GLY L 41 -90.12 19.06 63.59
CA GLY L 41 -88.93 19.86 63.75
C GLY L 41 -88.74 20.74 62.53
N ASP L 42 -88.33 21.97 62.76
CA ASP L 42 -87.95 22.84 61.65
C ASP L 42 -86.93 23.87 62.12
N PHE L 43 -86.01 24.20 61.23
CA PHE L 43 -84.96 25.17 61.52
C PHE L 43 -84.25 25.54 60.24
N VAL L 44 -83.43 26.58 60.35
CA VAL L 44 -82.62 27.05 59.25
C VAL L 44 -81.14 26.99 59.63
N VAL L 45 -80.33 26.54 58.68
CA VAL L 45 -78.89 26.49 58.82
C VAL L 45 -78.31 27.47 57.82
N SER L 46 -77.29 28.22 58.19
CA SER L 46 -76.65 29.14 57.24
C SER L 46 -75.22 28.69 56.95
N TYR L 47 -74.76 28.99 55.74
CA TYR L 47 -73.45 28.51 55.28
C TYR L 47 -72.87 29.49 54.28
N ASP L 48 -71.62 29.24 53.91
CA ASP L 48 -70.90 30.09 52.95
C ASP L 48 -70.96 29.50 51.54
N PRO L 49 -71.75 30.09 50.67
CA PRO L 49 -71.88 29.45 49.35
C PRO L 49 -70.69 29.73 48.42
N ASN L 50 -69.75 30.60 48.83
CA ASN L 50 -68.52 30.83 48.09
C ASN L 50 -67.52 29.74 48.42
N VAL L 51 -67.70 29.14 49.59
CA VAL L 51 -66.83 28.07 50.05
C VAL L 51 -67.43 26.72 49.67
N LEU L 52 -68.72 26.57 49.95
CA LEU L 52 -69.36 25.27 49.76
C LEU L 52 -70.50 25.34 48.75
N GLU L 53 -70.54 24.37 47.85
CA GLU L 53 -71.70 24.17 47.00
C GLU L 53 -72.45 22.94 47.51
N ILE L 54 -73.63 23.17 48.07
CA ILE L 54 -74.47 22.09 48.54
C ILE L 54 -74.97 21.23 47.38
N ILE L 55 -74.61 19.95 47.38
CA ILE L 55 -75.12 19.01 46.40
C ILE L 55 -76.53 18.54 46.78
N GLU L 56 -76.63 17.89 47.93
CA GLU L 56 -77.92 17.46 48.46
C GLU L 56 -77.90 17.24 49.97
N ILE L 57 -79.02 17.48 50.63
CA ILE L 57 -79.20 17.06 52.02
C ILE L 57 -79.86 15.70 52.05
N GLU L 58 -79.21 14.75 52.70
CA GLU L 58 -79.67 13.38 52.70
C GLU L 58 -80.29 13.06 54.05
N PRO L 59 -81.56 12.66 54.04
CA PRO L 59 -82.21 12.29 55.29
C PRO L 59 -81.41 11.19 55.97
N GLY L 60 -81.20 11.32 57.29
CA GLY L 60 -80.37 10.39 58.04
C GLY L 60 -81.11 9.18 58.57
N GLU L 61 -80.39 8.37 59.38
CA GLU L 61 -80.88 7.10 59.91
C GLU L 61 -82.12 7.27 60.78
N LEU L 62 -82.23 8.40 61.47
CA LEU L 62 -83.36 8.65 62.34
C LEU L 62 -84.67 8.67 61.56
N ILE L 63 -84.60 8.95 60.28
CA ILE L 63 -85.82 9.07 59.50
C ILE L 63 -86.30 7.68 59.08
N VAL L 64 -87.36 7.22 59.73
CA VAL L 64 -87.74 5.81 59.62
C VAL L 64 -88.97 5.53 58.76
N ASP L 65 -89.57 6.56 58.18
CA ASP L 65 -90.56 6.42 57.12
C ASP L 65 -89.96 5.54 56.04
N PRO L 66 -90.70 4.53 55.56
CA PRO L 66 -90.18 3.72 54.45
C PRO L 66 -89.81 4.61 53.24
N ASN L 67 -90.51 5.75 53.07
CA ASN L 67 -90.13 6.76 52.09
C ASN L 67 -89.77 8.05 52.80
N PRO L 68 -88.49 8.21 53.14
CA PRO L 68 -88.03 9.32 54.00
C PRO L 68 -88.44 10.71 53.52
N THR L 69 -88.45 10.93 52.20
CA THR L 69 -88.82 12.23 51.66
C THR L 69 -90.18 12.76 52.09
N LYS L 70 -91.14 11.87 52.31
CA LYS L 70 -92.47 12.29 52.75
C LYS L 70 -92.45 12.98 54.12
N SER L 71 -91.58 12.50 55.02
CA SER L 71 -91.53 13.03 56.36
C SER L 71 -90.41 14.05 56.51
N PHE L 72 -89.45 14.04 55.59
CA PHE L 72 -88.27 14.92 55.65
C PHE L 72 -88.05 15.74 54.38
N ASP L 73 -87.97 17.06 54.52
CA ASP L 73 -87.80 17.95 53.37
C ASP L 73 -86.71 18.99 53.61
N THR L 74 -85.99 19.36 52.56
CA THR L 74 -85.08 20.50 52.63
C THR L 74 -85.21 21.37 51.39
N ALA L 75 -84.83 22.64 51.55
CA ALA L 75 -84.70 23.58 50.44
C ALA L 75 -83.39 24.35 50.63
N VAL L 76 -82.56 24.37 49.59
CA VAL L 76 -81.30 25.08 49.62
C VAL L 76 -81.47 26.39 48.88
N TYR L 77 -81.23 27.52 49.54
CA TYR L 77 -81.33 28.81 48.88
C TYR L 77 -79.98 29.53 48.84
N PRO L 78 -79.15 29.24 47.84
CA PRO L 78 -77.78 29.77 47.89
C PRO L 78 -77.73 31.29 47.72
N ASP L 79 -78.76 31.88 47.13
CA ASP L 79 -78.84 33.33 47.01
C ASP L 79 -79.02 33.91 48.41
N ARG L 80 -79.85 33.26 49.22
CA ARG L 80 -80.07 33.70 50.60
C ARG L 80 -79.11 33.04 51.58
N LYS L 81 -78.14 32.29 51.07
CA LYS L 81 -77.12 31.68 51.91
C LYS L 81 -77.70 30.81 53.04
N MET L 82 -78.69 29.99 52.70
CA MET L 82 -79.36 29.17 53.72
C MET L 82 -79.85 27.79 53.27
N ILE L 83 -80.06 26.92 54.25
CA ILE L 83 -80.69 25.64 54.04
C ILE L 83 -81.84 25.50 55.05
N VAL L 84 -83.07 25.42 54.54
CA VAL L 84 -84.22 25.20 55.41
C VAL L 84 -84.54 23.72 55.63
N PHE L 85 -84.43 23.26 56.87
CA PHE L 85 -84.81 21.89 57.25
C PHE L 85 -86.24 21.81 57.80
N LEU L 86 -86.97 20.77 57.36
CA LEU L 86 -88.33 20.54 57.83
C LEU L 86 -88.64 19.05 58.04
N PHE L 87 -89.11 18.71 59.23
CA PHE L 87 -89.45 17.33 59.56
C PHE L 87 -90.86 17.23 60.11
N ALA L 88 -91.64 16.32 59.55
CA ALA L 88 -93.01 16.11 60.00
C ALA L 88 -93.41 14.66 59.79
N GLU L 89 -93.24 13.86 60.84
CA GLU L 89 -93.71 12.48 60.91
C GLU L 89 -94.97 12.36 60.08
N ASP L 90 -94.89 11.66 58.95
CA ASP L 90 -95.91 11.76 57.91
C ASP L 90 -97.08 10.78 58.03
N SER L 91 -96.87 9.73 58.83
CA SER L 91 -97.88 8.69 59.00
C SER L 91 -99.11 9.26 59.67
N GLY L 92 -98.91 10.31 60.47
CA GLY L 92 -100.01 10.98 61.14
C GLY L 92 -100.49 10.21 62.36
N THR L 93 -99.72 9.18 62.77
CA THR L 93 -100.09 8.35 63.91
C THR L 93 -98.95 8.28 64.93
N GLY L 94 -97.77 8.81 64.55
CA GLY L 94 -96.62 8.78 65.40
C GLY L 94 -95.72 7.60 65.07
N ALA L 95 -96.10 6.87 64.02
CA ALA L 95 -95.35 5.70 63.58
C ALA L 95 -93.93 6.03 63.19
N TYR L 96 -93.77 7.20 62.55
CA TYR L 96 -92.47 7.61 62.02
C TYR L 96 -91.78 8.70 62.84
N ALA L 97 -92.17 8.84 64.10
CA ALA L 97 -91.51 9.79 64.96
C ALA L 97 -90.09 9.31 65.21
N ILE L 98 -89.20 10.25 65.51
CA ILE L 98 -87.82 9.91 65.82
C ILE L 98 -87.73 9.43 67.26
N THR L 99 -87.09 8.30 67.48
CA THR L 99 -87.03 7.72 68.82
C THR L 99 -85.65 7.48 69.39
N GLU L 100 -84.62 7.51 68.54
CA GLU L 100 -83.25 7.27 69.00
C GLU L 100 -82.42 8.52 68.87
N ASP L 101 -81.18 8.42 69.34
CA ASP L 101 -80.18 9.47 69.15
C ASP L 101 -79.33 9.12 67.93
N GLY L 102 -78.76 10.13 67.30
CA GLY L 102 -77.92 9.91 66.12
C GLY L 102 -78.19 10.86 64.96
N VAL L 103 -77.90 10.38 63.75
CA VAL L 103 -77.92 11.24 62.57
C VAL L 103 -79.32 11.54 62.01
N PHE L 104 -79.65 12.82 62.10
CA PHE L 104 -80.87 13.38 61.58
C PHE L 104 -80.80 13.52 60.05
N ALA L 105 -79.81 14.30 59.60
CA ALA L 105 -79.60 14.50 58.18
C ALA L 105 -78.10 14.57 57.88
N THR L 106 -77.73 14.42 56.61
CA THR L 106 -76.33 14.58 56.24
C THR L 106 -76.27 15.60 55.14
N ILE L 107 -75.54 16.69 55.37
CA ILE L 107 -75.33 17.71 54.36
C ILE L 107 -74.18 17.31 53.46
N VAL L 108 -74.44 17.17 52.16
CA VAL L 108 -73.40 16.76 51.21
C VAL L 108 -72.97 17.95 50.37
N ALA L 109 -71.73 18.39 50.54
CA ALA L 109 -71.25 19.58 49.83
C ALA L 109 -69.90 19.36 49.19
N LYS L 110 -69.71 20.01 48.05
CA LYS L 110 -68.42 20.05 47.36
C LYS L 110 -67.75 21.35 47.79
N VAL L 111 -66.46 21.28 48.10
CA VAL L 111 -65.72 22.49 48.39
C VAL L 111 -65.35 23.15 47.06
N LYS L 112 -65.90 24.34 46.83
CA LYS L 112 -65.66 25.07 45.59
C LYS L 112 -64.16 25.24 45.34
N GLU L 113 -63.75 25.35 44.07
CA GLU L 113 -62.33 25.43 43.76
C GLU L 113 -61.66 26.76 44.17
N GLY L 114 -62.40 27.86 44.07
CA GLY L 114 -61.86 29.15 44.50
C GLY L 114 -61.76 29.33 46.01
N ALA L 115 -61.96 28.24 46.75
CA ALA L 115 -62.15 28.33 48.19
C ALA L 115 -60.89 28.62 49.00
N PRO L 116 -60.97 29.61 49.92
CA PRO L 116 -59.95 29.99 50.91
C PRO L 116 -59.77 28.95 52.00
N GLU L 117 -58.52 28.65 52.35
CA GLU L 117 -58.26 27.83 53.53
C GLU L 117 -58.94 28.43 54.75
N GLY L 118 -59.32 27.57 55.68
CA GLY L 118 -59.91 28.07 56.89
C GLY L 118 -61.17 27.33 57.29
N PHE L 119 -61.77 27.76 58.37
CA PHE L 119 -62.96 27.11 58.86
C PHE L 119 -64.16 27.83 58.29
N SER L 120 -65.01 27.06 57.62
CA SER L 120 -66.27 27.62 57.12
C SER L 120 -67.43 27.12 57.98
N ALA L 121 -68.05 28.08 58.66
CA ALA L 121 -69.04 27.79 59.67
C ALA L 121 -70.40 27.53 59.05
N ILE L 122 -70.98 26.42 59.46
CA ILE L 122 -72.37 26.09 59.17
C ILE L 122 -73.14 26.24 60.47
N GLU L 123 -73.79 27.38 60.65
CA GLU L 123 -74.44 27.69 61.93
C GLU L 123 -75.98 27.64 61.88
N ILE L 124 -76.58 27.17 62.98
CA ILE L 124 -78.02 27.16 63.10
C ILE L 124 -78.53 28.61 63.17
N SER L 125 -78.79 29.16 61.98
CA SER L 125 -79.23 30.53 61.78
C SER L 125 -80.56 30.88 62.50
N GLU L 126 -81.57 30.04 62.35
CA GLU L 126 -82.92 30.31 62.90
C GLU L 126 -83.58 29.03 63.39
N PHE L 127 -84.24 29.11 64.55
CA PHE L 127 -84.86 27.92 65.09
C PHE L 127 -86.37 28.03 65.09
N GLY L 128 -87.02 27.00 64.59
CA GLY L 128 -88.47 26.94 64.56
C GLY L 128 -88.99 26.27 65.80
N ALA L 129 -88.91 24.94 65.83
CA ALA L 129 -89.29 24.19 67.01
C ALA L 129 -89.13 22.68 66.82
N PHE L 130 -89.02 21.98 67.93
CA PHE L 130 -89.16 20.53 67.95
C PHE L 130 -90.29 20.16 68.90
N ALA L 131 -91.13 19.21 68.49
CA ALA L 131 -92.20 18.73 69.36
C ALA L 131 -92.07 17.24 69.55
N ASP L 132 -92.40 16.79 70.76
CA ASP L 132 -92.46 15.36 71.02
C ASP L 132 -93.76 14.80 70.43
N ASN L 133 -93.86 13.48 70.41
CA ASN L 133 -95.01 12.78 69.86
C ASN L 133 -96.35 13.25 70.41
N ASP L 134 -96.33 14.00 71.51
CA ASP L 134 -97.56 14.57 72.05
C ASP L 134 -97.86 15.93 71.41
N LEU L 135 -96.88 16.47 70.70
CA LEU L 135 -97.03 17.76 70.04
C LEU L 135 -96.73 18.87 71.02
N VAL L 136 -95.86 18.56 71.96
CA VAL L 136 -95.42 19.57 72.89
C VAL L 136 -94.00 19.97 72.55
N GLU L 137 -93.81 21.25 72.28
CA GLU L 137 -92.51 21.75 71.90
C GLU L 137 -91.48 21.45 72.98
N VAL L 138 -90.31 20.99 72.55
CA VAL L 138 -89.27 20.53 73.45
C VAL L 138 -88.05 21.45 73.42
N GLU L 139 -87.65 21.93 74.58
CA GLU L 139 -86.48 22.78 74.71
C GLU L 139 -85.28 22.09 74.07
N THR L 140 -84.61 22.79 73.15
CA THR L 140 -83.39 22.27 72.53
C THR L 140 -82.19 23.22 72.61
N ASP L 141 -81.00 22.62 72.74
CA ASP L 141 -79.74 23.37 72.67
C ASP L 141 -79.19 23.32 71.24
N LEU L 142 -78.68 24.45 70.75
CA LEU L 142 -78.13 24.54 69.40
C LEU L 142 -76.62 24.58 69.40
N ILE L 143 -76.00 23.50 68.93
CA ILE L 143 -74.56 23.48 68.71
C ILE L 143 -74.21 23.63 67.23
N ASN L 144 -73.35 24.59 66.91
CA ASN L 144 -72.90 24.80 65.54
C ASN L 144 -71.76 23.93 65.07
N GLY L 145 -71.37 24.12 63.82
CA GLY L 145 -70.31 23.32 63.23
C GLY L 145 -69.89 23.93 61.90
N GLY L 146 -69.29 23.13 61.04
CA GLY L 146 -68.92 23.63 59.73
C GLY L 146 -67.81 22.85 59.08
N VAL L 147 -67.22 23.43 58.03
CA VAL L 147 -66.18 22.70 57.30
C VAL L 147 -64.84 23.38 57.37
N LEU L 148 -63.84 22.57 57.74
CA LEU L 148 -62.46 22.98 57.67
C LEU L 148 -61.91 22.70 56.28
N VAL L 149 -61.75 23.77 55.50
CA VAL L 149 -61.08 23.71 54.20
C VAL L 149 -59.57 23.60 54.40
N THR L 150 -59.02 22.44 54.04
CA THR L 150 -57.58 22.20 54.11
C THR L 150 -56.90 22.77 52.87
N ASN L 151 -55.58 22.81 52.85
CA ASN L 151 -54.84 23.29 51.68
C ASN L 151 -54.71 22.22 50.60
N LYS L 152 -55.07 22.57 49.37
CA LYS L 152 -54.66 21.74 48.24
C LYS L 152 -53.53 22.42 47.48
N PRO L 153 -52.33 21.84 47.55
CA PRO L 153 -51.18 22.45 46.90
C PRO L 153 -51.19 22.15 45.41
N VAL L 154 -50.64 23.08 44.62
CA VAL L 154 -50.42 22.88 43.19
C VAL L 154 -49.40 21.76 43.01
N ILE L 155 -48.22 22.01 43.59
CA ILE L 155 -47.11 21.07 43.65
C ILE L 155 -47.44 19.86 44.53
N GLU L 156 -47.83 18.74 43.93
CA GLU L 156 -48.07 17.55 44.72
C GLU L 156 -47.74 16.26 43.98
N GLY L 157 -46.85 15.47 44.59
CA GLY L 157 -46.25 14.34 43.93
C GLY L 157 -44.89 14.78 43.45
N TYR L 158 -44.04 13.81 43.11
CA TYR L 158 -42.67 14.12 42.71
C TYR L 158 -42.57 14.40 41.21
N LYS L 159 -41.54 15.13 40.83
CA LYS L 159 -41.30 15.44 39.43
C LYS L 159 -40.20 14.57 38.82
N VAL L 160 -40.48 13.95 37.69
CA VAL L 160 -39.45 13.24 36.95
C VAL L 160 -39.10 14.03 35.67
N SER L 161 -37.83 14.43 35.54
CA SER L 161 -37.44 15.28 34.41
C SER L 161 -36.14 14.85 33.73
N GLY L 162 -35.89 15.40 32.55
CA GLY L 162 -34.66 15.06 31.85
C GLY L 162 -34.46 15.71 30.50
N TYR L 163 -33.32 15.38 29.88
CA TYR L 163 -33.00 15.87 28.54
C TYR L 163 -32.85 14.74 27.53
N ILE L 164 -33.48 14.92 26.38
CA ILE L 164 -33.33 14.01 25.25
C ILE L 164 -32.80 14.68 23.98
N LEU L 165 -31.90 13.99 23.28
CA LEU L 165 -31.30 14.51 22.04
C LEU L 165 -31.20 13.46 20.95
N PRO L 166 -31.61 13.82 19.73
CA PRO L 166 -31.47 12.85 18.64
C PRO L 166 -29.99 12.64 18.32
N ASP L 167 -29.55 11.40 18.11
CA ASP L 167 -28.17 11.12 17.73
C ASP L 167 -27.89 11.33 16.24
N PHE L 168 -27.68 12.60 15.88
CA PHE L 168 -27.20 12.97 14.56
C PHE L 168 -26.96 14.47 14.47
N SER L 169 -26.46 14.92 13.32
CA SER L 169 -26.15 16.33 13.15
C SER L 169 -27.25 17.07 12.42
N PHE L 170 -27.60 18.21 12.97
CA PHE L 170 -28.59 19.06 12.36
C PHE L 170 -28.06 20.47 12.53
N ASP L 171 -28.54 21.37 11.67
CA ASP L 171 -28.29 22.80 11.81
C ASP L 171 -29.11 23.43 12.94
N ALA L 172 -28.50 24.41 13.61
CA ALA L 172 -29.13 25.02 14.75
C ALA L 172 -30.56 25.50 14.45
N THR L 173 -30.74 26.22 13.34
CA THR L 173 -32.05 26.75 12.95
C THR L 173 -33.13 25.71 13.13
N VAL L 174 -32.71 24.46 13.00
CA VAL L 174 -33.67 23.37 12.94
C VAL L 174 -33.79 22.58 14.27
N ALA L 175 -32.97 22.94 15.26
CA ALA L 175 -32.89 22.22 16.53
C ALA L 175 -34.21 22.17 17.30
N PRO L 176 -34.96 23.28 17.28
CA PRO L 176 -36.29 23.25 17.89
C PRO L 176 -37.16 22.18 17.24
N LEU L 177 -36.98 21.95 15.94
CA LEU L 177 -37.81 20.96 15.26
C LEU L 177 -37.43 19.53 15.63
N VAL L 178 -36.17 19.28 15.91
CA VAL L 178 -35.72 17.90 16.14
C VAL L 178 -35.59 17.54 17.61
N LYS L 179 -35.50 18.54 18.47
CA LYS L 179 -35.36 18.28 19.89
C LYS L 179 -36.72 18.06 20.54
N ALA L 180 -37.78 18.45 19.83
CA ALA L 180 -39.10 18.53 20.44
C ALA L 180 -40.10 17.53 19.87
N GLY L 181 -40.56 16.60 20.68
CA GLY L 181 -41.63 15.70 20.26
C GLY L 181 -41.49 14.30 20.80
N PHE L 182 -40.44 14.07 21.58
CA PHE L 182 -40.27 12.78 22.25
C PHE L 182 -41.28 12.59 23.40
N LYS L 183 -41.98 11.46 23.39
CA LYS L 183 -42.91 11.14 24.45
C LYS L 183 -42.18 10.31 25.47
N VAL L 184 -42.07 10.83 26.69
CA VAL L 184 -41.53 10.03 27.79
C VAL L 184 -42.70 9.57 28.64
N GLU L 185 -42.94 8.28 28.70
CA GLU L 185 -44.12 7.82 29.42
C GLU L 185 -43.77 6.84 30.53
N ILE L 186 -44.47 6.97 31.66
CA ILE L 186 -44.24 6.08 32.78
C ILE L 186 -45.07 4.82 32.59
N VAL L 187 -44.37 3.75 32.23
CA VAL L 187 -44.98 2.47 31.89
C VAL L 187 -45.87 2.00 33.02
N GLY L 188 -47.11 1.70 32.69
CA GLY L 188 -48.04 1.13 33.64
C GLY L 188 -48.85 2.23 34.28
N THR L 189 -48.70 3.45 33.78
CA THR L 189 -49.48 4.57 34.29
C THR L 189 -49.99 5.39 33.13
N GLU L 190 -50.63 6.50 33.45
CA GLU L 190 -51.22 7.40 32.49
C GLU L 190 -50.37 8.65 32.41
N LEU L 191 -49.21 8.59 33.07
CA LEU L 191 -48.34 9.76 33.17
C LEU L 191 -47.29 9.81 32.06
N TYR L 192 -47.20 10.96 31.42
CA TYR L 192 -46.30 11.14 30.29
C TYR L 192 -45.96 12.62 30.12
N ALA L 193 -44.89 12.90 29.37
CA ALA L 193 -44.55 14.26 29.01
C ALA L 193 -43.98 14.33 27.58
N VAL L 194 -43.92 15.53 27.02
CA VAL L 194 -43.38 15.73 25.68
C VAL L 194 -42.30 16.82 25.65
N THR L 195 -41.15 16.50 25.05
CA THR L 195 -40.02 17.42 25.08
C THR L 195 -40.33 18.75 24.42
N ASP L 196 -39.83 19.81 25.06
CA ASP L 196 -39.81 21.14 24.47
C ASP L 196 -38.75 21.25 23.34
N ALA L 197 -38.70 22.43 22.72
CA ALA L 197 -37.68 22.76 21.73
C ALA L 197 -36.24 22.63 22.24
N ASN L 198 -36.05 22.56 23.56
CA ASN L 198 -34.68 22.39 24.06
C ASN L 198 -34.43 20.93 24.44
N GLY L 199 -35.36 20.06 24.05
CA GLY L 199 -35.25 18.64 24.33
C GLY L 199 -35.43 18.29 25.80
N TYR L 200 -36.19 19.14 26.50
CA TYR L 200 -36.41 18.97 27.93
C TYR L 200 -37.82 18.47 28.20
N PHE L 201 -37.94 17.61 29.19
CA PHE L 201 -39.25 17.13 29.61
C PHE L 201 -39.38 17.11 31.13
N GLU L 202 -40.58 17.39 31.62
CA GLU L 202 -40.89 17.06 33.00
C GLU L 202 -42.27 16.46 33.16
N ILE L 203 -42.31 15.28 33.75
CA ILE L 203 -43.55 14.66 34.16
C ILE L 203 -43.79 15.04 35.62
N THR L 204 -44.86 15.80 35.87
CA THR L 204 -45.19 16.14 37.24
C THR L 204 -46.26 15.20 37.76
N GLY L 205 -46.33 15.09 39.08
CA GLY L 205 -47.38 14.35 39.77
C GLY L 205 -47.08 12.88 39.93
N VAL L 206 -45.81 12.52 39.89
CA VAL L 206 -45.42 11.13 40.00
C VAL L 206 -45.43 10.66 41.44
N PRO L 207 -46.23 9.64 41.71
CA PRO L 207 -46.32 8.98 43.02
C PRO L 207 -44.98 8.41 43.44
N ALA L 208 -44.60 8.62 44.69
CA ALA L 208 -43.46 7.92 45.26
C ALA L 208 -43.40 6.46 44.84
N ASN L 209 -42.21 6.00 44.48
CA ASN L 209 -41.99 4.59 44.18
C ASN L 209 -40.50 4.25 44.13
N ALA L 210 -40.03 3.50 45.12
CA ALA L 210 -38.62 3.21 45.25
C ALA L 210 -38.31 1.80 44.75
N SER L 211 -39.36 1.09 44.35
CA SER L 211 -39.22 -0.17 43.65
C SER L 211 -38.74 0.21 42.27
N GLY L 212 -39.15 1.39 41.83
CA GLY L 212 -38.69 1.94 40.56
C GLY L 212 -39.70 1.86 39.43
N TYR L 213 -39.71 2.91 38.62
CA TYR L 213 -40.55 2.97 37.42
C TYR L 213 -39.70 2.60 36.21
N THR L 214 -40.32 2.12 35.14
CA THR L 214 -39.63 2.05 33.86
C THR L 214 -40.24 3.07 32.88
N LEU L 215 -39.36 3.84 32.26
CA LEU L 215 -39.77 4.90 31.35
C LEU L 215 -39.68 4.39 29.93
N LYS L 216 -40.57 4.86 29.07
CA LYS L 216 -40.52 4.47 27.69
C LYS L 216 -40.51 5.71 26.82
N ILE L 217 -39.40 5.89 26.09
CA ILE L 217 -39.22 7.05 25.24
C ILE L 217 -39.52 6.61 23.83
N SER L 218 -40.24 7.44 23.09
CA SER L 218 -40.77 7.06 21.79
C SER L 218 -41.05 8.31 20.99
N ARG L 219 -41.01 8.16 19.67
CA ARG L 219 -41.33 9.25 18.75
C ARG L 219 -41.45 8.64 17.36
N ALA L 220 -42.20 9.29 16.47
CA ALA L 220 -42.37 8.72 15.15
C ALA L 220 -41.03 8.70 14.42
N THR L 221 -40.69 7.55 13.85
CA THR L 221 -39.47 7.33 13.08
C THR L 221 -38.26 7.04 13.97
N TYR L 222 -38.45 7.08 15.28
CA TYR L 222 -37.36 6.74 16.17
C TYR L 222 -37.48 5.35 16.75
N LEU L 223 -36.33 4.79 17.12
CA LEU L 223 -36.28 3.46 17.72
C LEU L 223 -36.68 3.61 19.18
N ASP L 224 -37.68 2.84 19.62
CA ASP L 224 -38.16 2.97 21.00
C ASP L 224 -37.09 2.63 22.06
N ARG L 225 -36.96 3.51 23.05
CA ARG L 225 -36.02 3.31 24.14
C ARG L 225 -36.69 2.99 25.46
N VAL L 226 -36.10 2.05 26.17
CA VAL L 226 -36.62 1.66 27.45
C VAL L 226 -35.60 1.87 28.59
N ILE L 227 -35.99 2.69 29.56
CA ILE L 227 -35.16 2.93 30.74
C ILE L 227 -35.82 2.38 32.00
N ALA L 228 -35.15 1.43 32.64
CA ALA L 228 -35.72 0.75 33.80
C ALA L 228 -35.10 1.13 35.14
N ASN L 229 -35.84 0.84 36.21
CA ASN L 229 -35.36 1.07 37.57
C ASN L 229 -35.04 2.51 37.84
N VAL L 230 -35.92 3.38 37.37
CA VAL L 230 -35.90 4.78 37.76
C VAL L 230 -36.60 4.82 39.11
N VAL L 231 -35.82 4.88 40.20
CA VAL L 231 -36.43 4.95 41.52
C VAL L 231 -36.76 6.39 41.90
N VAL L 232 -37.89 6.54 42.57
CA VAL L 232 -38.41 7.84 42.91
C VAL L 232 -38.64 7.89 44.42
N THR L 233 -37.90 8.77 45.07
CA THR L 233 -38.07 9.02 46.48
C THR L 233 -38.14 10.53 46.66
N GLY L 234 -38.23 11.23 45.54
CA GLY L 234 -38.35 12.68 45.51
C GLY L 234 -38.19 13.12 44.07
N ASP L 235 -38.12 14.42 43.83
CA ASP L 235 -37.85 14.88 42.47
C ASP L 235 -36.67 14.13 41.86
N THR L 236 -36.86 13.58 40.67
CA THR L 236 -35.84 12.73 40.04
C THR L 236 -35.44 13.25 38.69
N SER L 237 -34.12 13.29 38.46
CA SER L 237 -33.56 13.72 37.19
C SER L 237 -32.93 12.51 36.54
N VAL L 238 -33.35 12.18 35.31
CA VAL L 238 -32.78 11.02 34.62
C VAL L 238 -31.66 11.40 33.67
N SER L 239 -31.59 12.67 33.30
CA SER L 239 -30.51 13.12 32.43
C SER L 239 -30.26 14.62 32.61
N THR L 240 -29.11 15.08 32.11
CA THR L 240 -28.77 16.49 32.12
C THR L 240 -28.62 16.98 30.70
N SER L 241 -28.68 18.28 30.48
CA SER L 241 -28.54 18.80 29.12
C SER L 241 -27.13 18.54 28.60
N GLN L 242 -26.17 18.52 29.51
CA GLN L 242 -24.79 18.20 29.14
C GLN L 242 -24.61 16.71 28.81
N ALA L 243 -25.48 15.85 29.35
CA ALA L 243 -25.45 14.41 29.09
C ALA L 243 -26.86 13.86 28.90
N PRO L 244 -27.47 14.19 27.75
CA PRO L 244 -28.87 13.86 27.44
C PRO L 244 -29.09 12.36 27.24
N ILE L 245 -30.36 11.98 27.13
CA ILE L 245 -30.65 10.62 26.70
C ILE L 245 -30.72 10.63 25.18
N MET L 246 -29.90 9.80 24.56
CA MET L 246 -29.76 9.74 23.11
C MET L 246 -30.86 8.88 22.48
N MET L 247 -31.48 9.38 21.42
CA MET L 247 -32.48 8.60 20.71
C MET L 247 -32.04 8.37 19.29
N TRP L 248 -32.23 7.16 18.78
CA TRP L 248 -31.74 6.80 17.44
C TRP L 248 -32.83 6.90 16.40
N VAL L 249 -32.59 7.68 15.36
CA VAL L 249 -33.58 7.83 14.30
C VAL L 249 -33.41 6.69 13.30
N GLY L 250 -34.45 6.39 12.53
CA GLY L 250 -34.38 5.30 11.59
C GLY L 250 -35.48 4.25 11.66
N ASP L 251 -36.20 4.16 12.78
CA ASP L 251 -37.25 3.16 12.86
C ASP L 251 -38.57 3.59 12.19
N ILE L 252 -38.49 3.78 10.88
CA ILE L 252 -39.57 4.29 10.06
C ILE L 252 -40.76 3.31 9.91
N VAL L 253 -40.51 2.02 9.72
CA VAL L 253 -41.62 1.09 9.81
C VAL L 253 -41.56 0.45 11.20
N LYS L 254 -42.41 0.92 12.12
CA LYS L 254 -42.25 0.62 13.53
C LYS L 254 -42.28 -0.90 13.78
N ASP L 255 -41.10 -1.49 14.00
CA ASP L 255 -40.99 -2.90 14.39
C ASP L 255 -39.78 -3.17 15.28
N ASN L 256 -39.21 -2.09 15.83
CA ASN L 256 -38.11 -2.14 16.79
C ASN L 256 -36.77 -2.66 16.29
N SER L 257 -36.59 -2.65 14.97
CA SER L 257 -35.27 -2.80 14.34
C SER L 257 -35.15 -1.74 13.27
N ILE L 258 -33.93 -1.25 13.06
CA ILE L 258 -33.64 -0.32 11.97
C ILE L 258 -32.95 -1.13 10.86
N ASN L 259 -33.62 -1.26 9.72
CA ASN L 259 -33.18 -2.18 8.68
C ASN L 259 -33.63 -1.78 7.28
N LEU L 260 -33.61 -2.73 6.35
CA LEU L 260 -33.84 -2.41 4.95
C LEU L 260 -35.20 -1.79 4.66
N LEU L 261 -36.23 -2.23 5.39
CA LEU L 261 -37.58 -1.75 5.14
C LEU L 261 -37.65 -0.30 5.52
N ASP L 262 -36.84 0.07 6.51
CA ASP L 262 -36.78 1.44 6.99
C ASP L 262 -36.10 2.33 5.96
N VAL L 263 -34.98 1.84 5.42
CA VAL L 263 -34.23 2.55 4.41
C VAL L 263 -35.04 2.66 3.13
N ALA L 264 -35.72 1.57 2.78
CA ALA L 264 -36.66 1.54 1.67
C ALA L 264 -37.55 2.77 1.64
N GLU L 265 -38.21 3.03 2.77
CA GLU L 265 -39.18 4.12 2.86
C GLU L 265 -38.58 5.49 2.53
N VAL L 266 -37.30 5.66 2.86
CA VAL L 266 -36.60 6.89 2.56
C VAL L 266 -36.24 6.94 1.08
N ILE L 267 -35.93 5.79 0.50
CA ILE L 267 -35.59 5.70 -0.91
C ILE L 267 -36.76 6.18 -1.78
N ARG L 268 -37.97 5.76 -1.42
CA ARG L 268 -39.17 6.10 -2.19
C ARG L 268 -39.30 7.59 -2.41
N CYS L 269 -38.66 8.38 -1.56
CA CYS L 269 -38.78 9.82 -1.61
C CYS L 269 -37.45 10.45 -1.98
N PHE L 270 -36.64 9.73 -2.75
CA PHE L 270 -35.29 10.20 -2.95
C PHE L 270 -35.26 11.48 -3.76
N ASN L 271 -34.49 12.44 -3.30
CA ASN L 271 -34.34 13.73 -3.96
C ASN L 271 -35.64 14.55 -3.96
N ALA L 272 -36.58 14.21 -3.09
CA ALA L 272 -37.77 15.04 -2.91
C ALA L 272 -37.42 16.31 -2.11
N THR L 273 -38.11 17.40 -2.42
CA THR L 273 -37.85 18.68 -1.76
C THR L 273 -39.12 19.25 -1.14
N LYS L 274 -38.99 20.17 -0.18
CA LYS L 274 -40.18 20.75 0.49
C LYS L 274 -41.15 21.24 -0.56
N GLY L 275 -42.40 20.80 -0.48
CA GLY L 275 -43.39 21.19 -1.46
C GLY L 275 -43.57 20.14 -2.55
N SER L 276 -42.50 19.39 -2.85
CA SER L 276 -42.57 18.29 -3.81
C SER L 276 -43.73 17.37 -3.45
N ALA L 277 -44.23 16.64 -4.44
CA ALA L 277 -45.33 15.73 -4.20
C ALA L 277 -44.94 14.59 -3.26
N ASN L 278 -43.70 14.13 -3.35
CA ASN L 278 -43.32 12.97 -2.55
C ASN L 278 -42.50 13.27 -1.31
N TYR L 279 -42.52 14.54 -0.87
CA TYR L 279 -41.73 14.95 0.28
C TYR L 279 -42.50 14.75 1.58
N VAL L 280 -42.04 13.84 2.42
CA VAL L 280 -42.59 13.62 3.76
C VAL L 280 -41.63 14.17 4.81
N GLU L 281 -42.02 15.25 5.47
CA GLU L 281 -41.14 15.99 6.35
C GLU L 281 -40.42 15.10 7.35
N GLU L 282 -41.10 14.08 7.87
CA GLU L 282 -40.47 13.24 8.88
C GLU L 282 -39.34 12.38 8.31
N LEU L 283 -39.30 12.23 6.98
CA LEU L 283 -38.23 11.50 6.29
C LEU L 283 -37.08 12.41 5.91
N ASP L 284 -37.32 13.71 5.98
CA ASP L 284 -36.26 14.67 5.85
C ASP L 284 -35.59 14.72 7.21
N ILE L 285 -35.00 13.59 7.60
CA ILE L 285 -34.48 13.40 8.93
C ILE L 285 -33.79 14.61 9.56
N ASN L 286 -33.03 15.35 8.78
CA ASN L 286 -32.28 16.47 9.34
C ASN L 286 -32.97 17.80 9.00
N ARG L 287 -34.19 17.67 8.49
CA ARG L 287 -35.05 18.81 8.17
C ARG L 287 -34.31 19.95 7.50
N ASN L 288 -33.87 19.73 6.26
CA ASN L 288 -33.10 20.75 5.56
C ASN L 288 -33.70 21.11 4.22
N GLY L 289 -34.82 20.48 3.87
CA GLY L 289 -35.52 20.84 2.67
C GLY L 289 -35.60 19.73 1.64
N ALA L 290 -34.73 18.74 1.79
CA ALA L 290 -34.68 17.65 0.82
C ALA L 290 -34.40 16.30 1.46
N ILE L 291 -34.98 15.26 0.88
CA ILE L 291 -34.66 13.89 1.29
C ILE L 291 -33.63 13.32 0.31
N ASN L 292 -32.43 13.06 0.81
CA ASN L 292 -31.30 12.64 -0.02
C ASN L 292 -30.39 11.64 0.70
N MET L 293 -29.19 11.41 0.16
CA MET L 293 -28.32 10.39 0.72
C MET L 293 -27.86 10.76 2.15
N GLN L 294 -27.83 12.05 2.44
CA GLN L 294 -27.38 12.51 3.75
C GLN L 294 -28.33 11.96 4.82
N ASP L 295 -29.63 11.97 4.51
CA ASP L 295 -30.62 11.42 5.41
C ASP L 295 -30.44 9.92 5.57
N ILE L 296 -30.07 9.25 4.49
CA ILE L 296 -29.93 7.81 4.56
C ILE L 296 -28.72 7.43 5.41
N MET L 297 -27.65 8.18 5.25
CA MET L 297 -26.46 7.95 6.05
C MET L 297 -26.77 8.12 7.52
N ILE L 298 -27.66 9.04 7.86
CA ILE L 298 -28.01 9.17 9.28
C ILE L 298 -28.58 7.85 9.79
N VAL L 299 -29.59 7.33 9.10
CA VAL L 299 -30.17 6.05 9.48
C VAL L 299 -29.13 4.94 9.58
N HIS L 300 -28.16 4.94 8.67
CA HIS L 300 -27.16 3.89 8.68
C HIS L 300 -26.37 3.94 9.97
N LYS L 301 -26.35 5.10 10.62
CA LYS L 301 -25.60 5.21 11.87
C LYS L 301 -25.94 4.07 12.81
N HIS L 302 -27.11 3.48 12.63
CA HIS L 302 -27.58 2.44 13.55
C HIS L 302 -28.25 1.28 12.85
N PHE L 303 -27.77 1.00 11.65
CA PHE L 303 -28.18 -0.16 10.88
C PHE L 303 -28.05 -1.44 11.70
N GLY L 304 -29.12 -2.22 11.72
CA GLY L 304 -29.12 -3.52 12.37
C GLY L 304 -29.62 -3.47 13.79
N ALA L 305 -29.64 -2.26 14.34
CA ALA L 305 -29.94 -2.03 15.74
C ALA L 305 -31.36 -2.42 16.12
N THR L 306 -31.52 -2.88 17.36
CA THR L 306 -32.86 -3.06 17.95
C THR L 306 -32.96 -2.31 19.28
N SER L 307 -34.15 -2.27 19.88
CA SER L 307 -34.37 -1.50 21.09
C SER L 307 -33.41 -1.86 22.24
N SER L 308 -33.16 -3.14 22.43
CA SER L 308 -32.28 -3.60 23.51
C SER L 308 -30.83 -3.17 23.30
N ASP L 309 -30.53 -2.55 22.16
CA ASP L 309 -29.15 -2.17 21.88
C ASP L 309 -28.74 -0.89 22.62
N TYR L 310 -29.72 -0.05 22.91
CA TYR L 310 -29.47 1.11 23.74
C TYR L 310 -28.85 0.62 25.06
N ASP L 311 -28.16 1.50 25.76
CA ASP L 311 -27.62 1.14 27.08
C ASP L 311 -28.70 1.16 28.17
N ALA L 312 -28.30 0.86 29.40
CA ALA L 312 -29.23 0.97 30.53
C ALA L 312 -28.53 1.41 31.81
#